data_1NL3
#
_entry.id   1NL3
#
_cell.length_a   206.196
_cell.length_b   206.196
_cell.length_c   295.412
_cell.angle_alpha   90.00
_cell.angle_beta   90.00
_cell.angle_gamma   120.00
#
_symmetry.space_group_name_H-M   'P 62 2 2'
#
loop_
_entity.id
_entity.type
_entity.pdbx_description
1 polymer 'PREPROTEIN TRANSLOCASE SECA 1 SUBUNIT'
2 water water
#
_entity_poly.entity_id   1
_entity_poly.type   'polypeptide(L)'
_entity_poly.pdbx_seq_one_letter_code
;MKETAAAKFERQHMDSPDLGTLVPRGSMADILSKLLRLGEGRMVKRLKKVADYVGTLSDDVEKLTDAELRAKTDEFKRRL
ADQKNPETLDDLLPEAFAVAREAAWRVLDQRPFDVQVMGAAALHLGNVAEMKTGEGKTLTCVLPAYLNALAGNGVHIVTV
NDYLAKRDSEWMGRVHRFLGLQVGVILATMTPDERRVAYNADITYGTNNEFGFDYLRDNMAHSLDDLVQRGHHYAIVDEV
DSILIDEARTPLIISGPADGASNWYTEFARLAPLMEKDVHYEVDLRKRTVGVHEKGVEFVEDQLGIDNLYEAANSPLVSY
LNNALKAKELFSRDKDYIVRDGEVLIVDEFTGRVLIGRRYNEGMHQAIEAKEHVEIKAENQTLATITLQNYFRLYDKLAG
MTGTAQTEAAELHEIYKLGVVSIPTNMPMIREDQSDLIYKTEEAKYIAVVDDVAERYAKGQPVLIGTTSVERSEYLSRQF
TKRRIPHNVLNAKYHEQEATIIAVAGRRGGVTVATNMAGRGTDIVLGGNVDFLTDQRLRERGLDPVETPEEYEAAWHSEL
PIVKEEASKEAKEVIEAGGLYVLGTERHESRRIDNQLRGRSGRQGDPGESRFYLSLGDELMRRFNGAALETLLTRLNLPD
DVPIEAKMVTRAIKSAQTQVEQQNFEVRKNVLKYDEVMNQQRKVIYAERRRILEGENLKDQALDMVRDVITAYVDGATGE
GYAEDWDLDALWTALKTLYPVGITADSLTRKDHEFERDDLTREELLEALLKDAERAYAAREAELEEIAGEGAMRQLERNV
LLNVIDRKWREHLYEMDYLKEGIGLRAMAQRDPLVEYQREGYDMFMAMLDGMKEESVGFLFNVTVEAVPAPPVAPAAEPA
ELAEFAAAAAAAAQQRSAVDGGARERAPSALRAKGVASESPA
;
_entity_poly.pdbx_strand_id   A,B
#
# COMPACT_ATOMS: atom_id res chain seq x y z
N ASP A 15 -17.33 35.72 -32.42
CA ASP A 15 -18.38 36.54 -31.74
C ASP A 15 -19.66 36.50 -32.55
N SER A 16 -20.58 35.61 -32.17
CA SER A 16 -21.74 35.31 -33.01
C SER A 16 -23.12 35.54 -32.37
N PRO A 17 -24.06 36.07 -33.16
CA PRO A 17 -25.46 36.20 -32.74
C PRO A 17 -26.21 34.86 -32.66
N ASP A 18 -27.44 34.89 -32.18
CA ASP A 18 -28.23 33.66 -31.98
C ASP A 18 -29.75 33.79 -32.14
N LEU A 19 -30.28 35.00 -32.03
CA LEU A 19 -31.70 35.19 -32.29
C LEU A 19 -31.95 34.81 -33.75
N GLY A 20 -32.92 33.92 -34.00
CA GLY A 20 -33.27 33.54 -35.36
C GLY A 20 -32.36 32.52 -36.02
N THR A 21 -31.47 31.93 -35.24
CA THR A 21 -30.58 30.88 -35.70
C THR A 21 -30.98 29.59 -35.04
N LEU A 22 -31.17 28.56 -35.86
CA LEU A 22 -31.56 27.25 -35.33
C LEU A 22 -30.43 26.55 -34.57
N VAL A 23 -29.31 26.32 -35.24
CA VAL A 23 -28.12 25.70 -34.61
C VAL A 23 -27.30 26.74 -33.83
N PRO A 24 -26.96 26.47 -32.56
CA PRO A 24 -26.11 27.38 -31.82
C PRO A 24 -24.83 27.61 -32.59
N ARG A 25 -24.65 28.84 -33.05
CA ARG A 25 -23.43 29.31 -33.67
C ARG A 25 -22.32 29.44 -32.61
N GLY A 26 -21.38 30.35 -32.83
CA GLY A 26 -20.17 30.39 -32.01
C GLY A 26 -20.36 30.76 -30.56
N SER A 27 -20.54 32.06 -30.32
CA SER A 27 -20.56 32.61 -28.96
C SER A 27 -21.61 31.93 -28.05
N MET A 28 -22.73 31.55 -28.64
CA MET A 28 -23.83 30.93 -27.91
C MET A 28 -23.66 29.43 -27.67
N ALA A 29 -22.98 28.71 -28.57
CA ALA A 29 -22.65 27.30 -28.35
C ALA A 29 -21.70 27.17 -27.16
N ASP A 30 -20.84 28.17 -27.04
CA ASP A 30 -19.99 28.36 -25.88
C ASP A 30 -20.74 28.35 -24.55
N ILE A 31 -21.71 29.27 -24.41
CA ILE A 31 -22.49 29.36 -23.20
C ILE A 31 -23.13 28.01 -22.89
N LEU A 32 -23.62 27.33 -23.92
CA LEU A 32 -24.27 26.02 -23.78
C LEU A 32 -23.27 24.93 -23.40
N SER A 33 -22.06 25.03 -23.94
CA SER A 33 -20.96 24.11 -23.62
C SER A 33 -20.51 24.27 -22.18
N LYS A 34 -20.32 25.52 -21.75
CA LYS A 34 -19.95 25.81 -20.36
C LYS A 34 -21.06 25.37 -19.39
N LEU A 35 -22.27 25.89 -19.56
CA LEU A 35 -23.42 25.47 -18.74
C LEU A 35 -23.58 23.94 -18.66
N LEU A 36 -22.86 23.21 -19.54
CA LEU A 36 -22.97 21.76 -19.64
C LEU A 36 -22.45 21.08 -18.40
N ARG A 37 -21.23 21.44 -18.02
CA ARG A 37 -20.62 20.84 -16.84
C ARG A 37 -21.41 21.08 -15.52
N LEU A 38 -22.49 21.84 -15.58
CA LEU A 38 -23.31 22.08 -14.40
C LEU A 38 -24.68 21.45 -14.49
N GLY A 39 -24.83 20.49 -15.41
CA GLY A 39 -26.07 19.75 -15.61
C GLY A 39 -27.36 20.53 -15.41
N GLU A 40 -27.47 21.68 -16.08
CA GLU A 40 -28.72 22.42 -16.11
C GLU A 40 -29.59 21.97 -17.27
N GLY A 41 -29.02 21.20 -18.20
CA GLY A 41 -29.79 20.59 -19.28
C GLY A 41 -30.27 21.57 -20.33
N ARG A 42 -29.54 22.67 -20.47
CA ARG A 42 -29.92 23.74 -21.36
C ARG A 42 -29.62 23.38 -22.82
N MET A 43 -28.48 22.74 -23.04
CA MET A 43 -28.15 22.23 -24.36
C MET A 43 -29.13 21.15 -24.81
N VAL A 44 -29.43 20.20 -23.94
CA VAL A 44 -30.36 19.15 -24.32
C VAL A 44 -31.64 19.78 -24.89
N LYS A 45 -32.06 20.89 -24.28
CA LYS A 45 -33.25 21.60 -24.74
C LYS A 45 -33.10 22.12 -26.18
N ARG A 46 -31.94 22.74 -26.45
CA ARG A 46 -31.62 23.28 -27.78
C ARG A 46 -31.52 22.19 -28.86
N LEU A 47 -30.93 21.06 -28.49
CA LEU A 47 -30.70 19.94 -29.40
C LEU A 47 -32.05 19.37 -29.76
N LYS A 48 -32.90 19.17 -28.75
CA LYS A 48 -34.29 18.81 -28.95
C LYS A 48 -34.99 19.74 -29.96
N LYS A 49 -34.79 21.04 -29.83
CA LYS A 49 -35.36 22.00 -30.77
C LYS A 49 -34.82 21.78 -32.19
N VAL A 50 -33.52 21.48 -32.32
CA VAL A 50 -32.87 21.23 -33.61
C VAL A 50 -33.45 19.97 -34.23
N ALA A 51 -33.61 18.95 -33.40
CA ALA A 51 -34.12 17.68 -33.84
C ALA A 51 -35.51 17.88 -34.40
N ASP A 52 -36.37 18.52 -33.60
CA ASP A 52 -37.77 18.72 -33.98
C ASP A 52 -37.91 19.38 -35.36
N TYR A 53 -37.21 20.49 -35.57
CA TYR A 53 -37.24 21.15 -36.86
C TYR A 53 -36.82 20.20 -38.02
N VAL A 54 -35.82 19.34 -37.78
CA VAL A 54 -35.37 18.41 -38.80
C VAL A 54 -36.54 17.52 -39.16
N GLY A 55 -37.36 17.24 -38.16
CA GLY A 55 -38.46 16.31 -38.31
C GLY A 55 -39.52 16.87 -39.22
N THR A 56 -39.73 18.18 -39.11
CA THR A 56 -40.67 18.87 -39.99
C THR A 56 -40.17 18.85 -41.45
N LEU A 57 -38.96 18.34 -41.68
CA LEU A 57 -38.36 18.33 -43.02
C LEU A 57 -38.44 16.98 -43.73
N SER A 58 -39.00 15.99 -43.06
CA SER A 58 -39.13 14.62 -43.57
C SER A 58 -40.00 14.57 -44.83
N ASP A 59 -41.19 15.14 -44.73
CA ASP A 59 -42.14 15.27 -45.83
C ASP A 59 -41.47 15.59 -47.17
N ASP A 60 -40.68 16.67 -47.20
CA ASP A 60 -39.98 17.10 -48.41
C ASP A 60 -39.04 16.04 -48.95
N VAL A 61 -38.34 15.33 -48.07
CA VAL A 61 -37.41 14.33 -48.55
C VAL A 61 -38.11 12.99 -48.86
N GLU A 62 -39.19 12.72 -48.15
CA GLU A 62 -39.99 11.53 -48.43
C GLU A 62 -40.44 11.55 -49.89
N LYS A 63 -40.78 12.72 -50.41
CA LYS A 63 -41.29 12.88 -51.77
C LYS A 63 -40.27 12.64 -52.90
N LEU A 64 -39.00 12.50 -52.57
CA LEU A 64 -37.96 12.43 -53.59
C LEU A 64 -37.71 11.02 -54.13
N THR A 65 -37.28 10.93 -55.39
CA THR A 65 -36.67 9.71 -55.94
C THR A 65 -35.41 9.36 -55.17
N ASP A 66 -34.91 8.14 -55.30
CA ASP A 66 -33.55 7.86 -54.85
C ASP A 66 -32.55 8.69 -55.65
N ALA A 67 -32.76 8.77 -56.96
CA ALA A 67 -31.96 9.62 -57.82
C ALA A 67 -31.93 11.04 -57.29
N GLU A 68 -33.10 11.54 -56.86
CA GLU A 68 -33.26 12.89 -56.32
C GLU A 68 -32.64 13.09 -54.91
N LEU A 69 -32.63 12.01 -54.14
CA LEU A 69 -32.02 12.01 -52.83
C LEU A 69 -30.51 12.07 -53.02
N ARG A 70 -29.94 11.19 -53.84
CA ARG A 70 -28.49 11.21 -54.11
C ARG A 70 -28.00 12.58 -54.64
N ALA A 71 -28.82 13.21 -55.46
CA ALA A 71 -28.47 14.50 -56.03
C ALA A 71 -28.41 15.57 -54.94
N LYS A 72 -29.15 15.35 -53.85
CA LYS A 72 -29.14 16.32 -52.79
C LYS A 72 -27.69 16.57 -52.39
N THR A 73 -26.86 15.52 -52.35
CA THR A 73 -25.44 15.68 -52.03
C THR A 73 -24.73 16.72 -52.91
N ASP A 74 -25.03 16.74 -54.20
CA ASP A 74 -24.36 17.67 -55.09
C ASP A 74 -24.89 19.07 -54.94
N GLU A 75 -26.18 19.18 -54.60
CA GLU A 75 -26.78 20.47 -54.26
C GLU A 75 -26.03 21.01 -53.06
N PHE A 76 -25.82 20.17 -52.06
CA PHE A 76 -25.17 20.61 -50.83
C PHE A 76 -23.76 21.10 -51.08
N LYS A 77 -22.97 20.32 -51.82
CA LYS A 77 -21.57 20.65 -52.09
C LYS A 77 -21.44 22.00 -52.79
N ARG A 78 -22.36 22.25 -53.72
CA ARG A 78 -22.32 23.45 -54.53
C ARG A 78 -22.95 24.63 -53.78
N ARG A 79 -23.77 24.34 -52.78
CA ARG A 79 -24.27 25.38 -51.87
C ARG A 79 -23.22 25.79 -50.86
N LEU A 80 -22.20 24.95 -50.69
CA LEU A 80 -21.06 25.26 -49.82
C LEU A 80 -19.97 26.09 -50.51
N ALA A 81 -19.80 25.88 -51.82
CA ALA A 81 -18.77 26.53 -52.62
C ALA A 81 -19.30 27.80 -53.29
N ASP A 82 -20.58 28.09 -53.11
CA ASP A 82 -21.18 29.33 -53.60
C ASP A 82 -20.59 30.49 -52.84
N GLN A 83 -20.07 31.48 -53.57
CA GLN A 83 -19.48 32.67 -52.95
C GLN A 83 -20.46 33.87 -52.95
N LYS A 84 -21.46 33.84 -53.85
CA LYS A 84 -22.56 34.82 -53.90
C LYS A 84 -23.56 34.74 -52.71
N ASN A 85 -24.18 33.57 -52.50
CA ASN A 85 -25.12 33.31 -51.39
C ASN A 85 -24.56 32.29 -50.40
N PRO A 86 -23.55 32.67 -49.62
CA PRO A 86 -22.67 31.70 -48.96
C PRO A 86 -23.35 30.91 -47.83
N GLU A 87 -23.20 29.59 -47.80
CA GLU A 87 -23.77 28.83 -46.68
C GLU A 87 -22.70 28.04 -45.94
N THR A 88 -22.91 27.83 -44.63
CA THR A 88 -21.98 27.05 -43.80
C THR A 88 -22.56 25.68 -43.53
N LEU A 89 -21.74 24.77 -43.01
CA LEU A 89 -22.23 23.45 -42.62
C LEU A 89 -23.35 23.59 -41.61
N ASP A 90 -23.30 24.62 -40.77
CA ASP A 90 -24.41 24.86 -39.85
C ASP A 90 -25.72 25.23 -40.60
N ASP A 91 -25.65 26.03 -41.64
CA ASP A 91 -26.86 26.33 -42.40
C ASP A 91 -27.37 25.10 -43.06
N LEU A 92 -26.50 24.17 -43.38
CA LEU A 92 -26.95 22.96 -44.05
C LEU A 92 -27.42 21.83 -43.11
N LEU A 93 -27.15 21.93 -41.81
CA LEU A 93 -27.43 20.82 -40.91
C LEU A 93 -28.88 20.30 -41.02
N PRO A 94 -29.90 21.17 -40.94
CA PRO A 94 -31.28 20.68 -41.01
C PRO A 94 -31.52 19.83 -42.26
N GLU A 95 -31.12 20.33 -43.43
CA GLU A 95 -31.34 19.64 -44.69
C GLU A 95 -30.46 18.41 -44.90
N ALA A 96 -29.14 18.52 -44.70
CA ALA A 96 -28.25 17.36 -44.82
C ALA A 96 -28.65 16.24 -43.86
N PHE A 97 -29.00 16.60 -42.63
CA PHE A 97 -29.46 15.61 -41.65
C PHE A 97 -30.74 14.87 -42.13
N ALA A 98 -31.71 15.65 -42.59
CA ALA A 98 -32.97 15.10 -43.02
C ALA A 98 -32.71 14.14 -44.16
N VAL A 99 -31.88 14.57 -45.11
CA VAL A 99 -31.49 13.72 -46.25
C VAL A 99 -30.75 12.45 -45.84
N ALA A 100 -29.89 12.54 -44.85
CA ALA A 100 -29.16 11.38 -44.36
C ALA A 100 -30.12 10.46 -43.61
N ARG A 101 -31.06 11.06 -42.89
CA ARG A 101 -32.02 10.33 -42.08
C ARG A 101 -32.92 9.49 -42.96
N GLU A 102 -33.40 10.06 -44.06
CA GLU A 102 -34.32 9.37 -44.97
C GLU A 102 -33.60 8.31 -45.81
N ALA A 103 -32.38 8.62 -46.23
CA ALA A 103 -31.49 7.67 -46.91
C ALA A 103 -31.34 6.42 -46.09
N ALA A 104 -31.05 6.58 -44.79
CA ALA A 104 -30.86 5.48 -43.86
C ALA A 104 -32.11 4.62 -43.79
N TRP A 105 -33.27 5.28 -43.73
CA TRP A 105 -34.55 4.59 -43.66
C TRP A 105 -34.77 3.77 -44.92
N ARG A 106 -34.52 4.39 -46.07
CA ARG A 106 -34.60 3.74 -47.37
C ARG A 106 -33.56 2.61 -47.52
N VAL A 107 -32.38 2.77 -46.93
CA VAL A 107 -31.31 1.82 -47.17
C VAL A 107 -31.25 0.72 -46.13
N LEU A 108 -31.44 1.09 -44.88
CA LEU A 108 -31.33 0.14 -43.79
C LEU A 108 -32.70 -0.40 -43.28
N ASP A 109 -33.78 0.24 -43.73
CA ASP A 109 -35.14 0.02 -43.22
C ASP A 109 -35.15 0.29 -41.72
N GLN A 110 -34.59 1.45 -41.38
CA GLN A 110 -34.26 1.86 -40.01
C GLN A 110 -34.03 3.38 -40.01
N ARG A 111 -35.06 4.13 -39.64
CA ARG A 111 -34.99 5.58 -39.69
C ARG A 111 -34.55 6.11 -38.30
N PRO A 112 -33.39 6.75 -38.24
CA PRO A 112 -32.88 7.33 -36.97
C PRO A 112 -33.96 8.05 -36.18
N PHE A 113 -34.08 7.66 -34.90
CA PHE A 113 -35.04 8.26 -33.98
C PHE A 113 -34.68 9.70 -33.65
N ASP A 114 -35.64 10.40 -33.07
CA ASP A 114 -35.48 11.76 -32.63
C ASP A 114 -34.25 11.96 -31.72
N VAL A 115 -34.10 11.11 -30.71
CA VAL A 115 -32.93 11.20 -29.85
C VAL A 115 -31.65 10.90 -30.62
N GLN A 116 -31.73 10.12 -31.69
CA GLN A 116 -30.58 9.93 -32.56
C GLN A 116 -30.22 11.24 -33.29
N VAL A 117 -31.24 12.01 -33.69
CA VAL A 117 -30.99 13.24 -34.40
C VAL A 117 -30.38 14.26 -33.44
N MET A 118 -30.94 14.35 -32.23
CA MET A 118 -30.35 15.09 -31.11
C MET A 118 -28.84 14.82 -30.94
N GLY A 119 -28.50 13.55 -30.68
CA GLY A 119 -27.12 13.17 -30.48
C GLY A 119 -26.25 13.53 -31.67
N ALA A 120 -26.78 13.35 -32.86
CA ALA A 120 -26.08 13.73 -34.08
C ALA A 120 -25.72 15.24 -34.09
N ALA A 121 -26.66 16.11 -33.70
CA ALA A 121 -26.38 17.55 -33.63
C ALA A 121 -25.30 17.77 -32.60
N ALA A 122 -25.46 17.16 -31.43
CA ALA A 122 -24.40 17.17 -30.43
C ALA A 122 -23.00 16.82 -31.00
N LEU A 123 -22.92 15.78 -31.84
CA LEU A 123 -21.64 15.37 -32.45
C LEU A 123 -21.15 16.36 -33.50
N HIS A 124 -22.06 17.00 -34.21
CA HIS A 124 -21.63 17.92 -35.22
C HIS A 124 -20.97 19.12 -34.53
N LEU A 125 -21.50 19.43 -33.34
CA LEU A 125 -21.12 20.61 -32.58
C LEU A 125 -19.82 20.41 -31.82
N GLY A 126 -19.19 19.25 -31.98
CA GLY A 126 -17.90 18.97 -31.37
C GLY A 126 -17.91 18.48 -29.93
N ASN A 127 -19.00 17.85 -29.52
CA ASN A 127 -19.14 17.29 -28.19
C ASN A 127 -19.03 15.78 -28.16
N VAL A 128 -19.10 15.23 -26.95
CA VAL A 128 -19.33 13.81 -26.72
C VAL A 128 -20.82 13.71 -26.44
N ALA A 129 -21.55 13.07 -27.36
CA ALA A 129 -22.92 12.63 -27.09
C ALA A 129 -22.78 11.36 -26.25
N GLU A 130 -23.37 11.35 -25.04
CA GLU A 130 -23.46 10.13 -24.25
C GLU A 130 -24.83 9.54 -24.59
N MET A 131 -24.83 8.58 -25.50
CA MET A 131 -26.05 7.85 -25.81
C MET A 131 -25.89 6.42 -25.32
N LYS A 132 -26.86 5.95 -24.54
CA LYS A 132 -26.78 4.63 -23.93
C LYS A 132 -26.70 3.49 -24.94
N THR A 133 -26.11 2.38 -24.48
CA THR A 133 -26.01 1.16 -25.26
C THR A 133 -27.35 0.84 -25.91
N GLY A 134 -27.33 0.58 -27.22
CA GLY A 134 -28.53 0.25 -27.95
C GLY A 134 -29.36 1.45 -28.39
N GLU A 135 -28.85 2.66 -28.19
CA GLU A 135 -29.58 3.82 -28.68
C GLU A 135 -29.31 4.06 -30.16
N GLY A 136 -28.38 3.29 -30.72
CA GLY A 136 -28.08 3.35 -32.14
C GLY A 136 -26.89 4.21 -32.54
N LYS A 137 -25.99 4.39 -31.57
CA LYS A 137 -24.67 5.04 -31.68
C LYS A 137 -24.11 5.09 -33.10
N THR A 138 -23.90 3.89 -33.63
CA THR A 138 -23.22 3.63 -34.91
C THR A 138 -23.94 4.16 -36.14
N LEU A 139 -25.28 4.19 -36.12
CA LEU A 139 -26.04 4.77 -37.23
C LEU A 139 -26.21 6.26 -37.01
N THR A 140 -26.40 6.68 -35.74
CA THR A 140 -26.51 8.09 -35.38
C THR A 140 -25.42 8.91 -36.05
N CYS A 141 -24.20 8.44 -35.86
CA CYS A 141 -23.00 9.06 -36.37
C CYS A 141 -22.99 9.31 -37.90
N VAL A 142 -23.84 8.60 -38.64
CA VAL A 142 -23.95 8.79 -40.10
C VAL A 142 -24.33 10.23 -40.41
N LEU A 143 -25.25 10.79 -39.64
CA LEU A 143 -25.69 12.15 -39.88
C LEU A 143 -24.54 13.23 -39.79
N PRO A 144 -23.86 13.38 -38.66
CA PRO A 144 -22.82 14.41 -38.61
C PRO A 144 -21.66 14.11 -39.57
N ALA A 145 -21.34 12.82 -39.78
CA ALA A 145 -20.28 12.42 -40.69
C ALA A 145 -20.59 12.82 -42.15
N TYR A 146 -21.85 12.62 -42.55
CA TYR A 146 -22.29 13.02 -43.88
C TYR A 146 -22.18 14.54 -44.05
N LEU A 147 -22.83 15.30 -43.15
CA LEU A 147 -22.78 16.75 -43.17
C LEU A 147 -21.35 17.21 -43.31
N ASN A 148 -20.51 16.82 -42.36
CA ASN A 148 -19.12 17.24 -42.39
C ASN A 148 -18.31 16.75 -43.59
N ALA A 149 -18.67 15.56 -44.11
CA ALA A 149 -17.99 14.99 -45.25
C ALA A 149 -18.21 15.85 -46.46
N LEU A 150 -19.32 16.57 -46.50
CA LEU A 150 -19.61 17.45 -47.61
C LEU A 150 -18.53 18.51 -47.85
N ALA A 151 -17.78 18.87 -46.81
CA ALA A 151 -16.76 19.93 -46.92
C ALA A 151 -15.62 19.49 -47.81
N GLY A 152 -15.50 18.18 -47.98
CA GLY A 152 -14.49 17.58 -48.85
C GLY A 152 -13.12 17.46 -48.23
N ASN A 153 -13.00 17.52 -46.91
CA ASN A 153 -11.70 17.33 -46.28
C ASN A 153 -11.51 16.01 -45.60
N GLY A 154 -12.53 15.15 -45.66
CA GLY A 154 -12.49 13.85 -45.03
C GLY A 154 -12.96 13.88 -43.58
N VAL A 155 -13.46 12.74 -43.10
CA VAL A 155 -13.93 12.57 -41.74
C VAL A 155 -13.24 11.32 -41.24
N HIS A 156 -12.86 11.27 -39.98
CA HIS A 156 -12.27 10.07 -39.44
C HIS A 156 -13.20 9.51 -38.37
N ILE A 157 -13.71 8.29 -38.58
CA ILE A 157 -14.46 7.57 -37.53
C ILE A 157 -13.53 6.58 -36.90
N VAL A 158 -13.37 6.69 -35.58
CA VAL A 158 -12.46 5.84 -34.83
C VAL A 158 -13.22 4.80 -34.01
N THR A 159 -12.89 3.51 -34.19
CA THR A 159 -13.56 2.39 -33.48
C THR A 159 -12.49 1.62 -32.78
N VAL A 160 -12.90 0.76 -31.85
CA VAL A 160 -11.99 0.04 -30.95
C VAL A 160 -11.11 -1.04 -31.62
N ASN A 161 -11.61 -1.68 -32.68
CA ASN A 161 -10.81 -2.69 -33.37
C ASN A 161 -11.07 -2.70 -34.87
N ASP A 162 -10.19 -3.41 -35.59
CA ASP A 162 -10.23 -3.54 -37.06
C ASP A 162 -11.49 -4.21 -37.50
N TYR A 163 -11.93 -5.21 -36.73
CA TYR A 163 -13.13 -5.92 -37.09
C TYR A 163 -14.28 -4.89 -37.17
N LEU A 164 -14.45 -4.14 -36.09
CA LEU A 164 -15.46 -3.09 -35.99
C LEU A 164 -15.33 -1.91 -36.98
N ALA A 165 -14.09 -1.53 -37.29
CA ALA A 165 -13.84 -0.55 -38.34
C ALA A 165 -14.32 -1.08 -39.69
N LYS A 166 -13.85 -2.27 -40.09
CA LYS A 166 -14.37 -2.88 -41.32
C LYS A 166 -15.91 -2.98 -41.34
N ARG A 167 -16.51 -3.46 -40.26
CA ARG A 167 -17.95 -3.67 -40.24
C ARG A 167 -18.76 -2.38 -40.39
N ASP A 168 -18.48 -1.37 -39.56
CA ASP A 168 -19.23 -0.11 -39.61
C ASP A 168 -19.01 0.61 -40.93
N SER A 169 -17.81 0.52 -41.46
CA SER A 169 -17.50 1.14 -42.75
C SER A 169 -18.31 0.55 -43.90
N GLU A 170 -18.61 -0.75 -43.80
CA GLU A 170 -19.39 -1.48 -44.81
C GLU A 170 -20.89 -1.38 -44.57
N TRP A 171 -21.29 -1.54 -43.31
CA TRP A 171 -22.66 -1.42 -42.88
C TRP A 171 -23.24 -0.03 -43.07
N MET A 172 -22.54 0.98 -42.56
CA MET A 172 -23.07 2.33 -42.59
C MET A 172 -22.65 3.02 -43.89
N GLY A 173 -21.51 2.57 -44.44
CA GLY A 173 -21.10 3.01 -45.77
C GLY A 173 -22.20 2.78 -46.79
N ARG A 174 -23.15 1.91 -46.46
CA ARG A 174 -24.29 1.70 -47.32
C ARG A 174 -25.06 2.99 -47.46
N VAL A 175 -25.19 3.76 -46.36
CA VAL A 175 -25.93 5.02 -46.43
C VAL A 175 -25.11 6.12 -47.14
N HIS A 176 -23.82 6.19 -46.83
CA HIS A 176 -22.94 7.20 -47.45
C HIS A 176 -22.77 7.00 -48.96
N ARG A 177 -22.58 5.75 -49.38
CA ARG A 177 -22.37 5.43 -50.80
C ARG A 177 -23.64 5.65 -51.62
N PHE A 178 -24.79 5.35 -51.02
CA PHE A 178 -26.08 5.67 -51.61
C PHE A 178 -26.19 7.18 -51.84
N LEU A 179 -25.74 7.95 -50.86
CA LEU A 179 -25.78 9.40 -50.91
C LEU A 179 -24.68 9.99 -51.78
N GLY A 180 -23.87 9.11 -52.36
CA GLY A 180 -22.92 9.50 -53.38
C GLY A 180 -21.50 9.58 -52.90
N LEU A 181 -21.25 9.27 -51.63
CA LEU A 181 -19.94 9.50 -51.01
C LEU A 181 -19.07 8.27 -51.09
N GLN A 182 -17.76 8.44 -50.89
CA GLN A 182 -16.85 7.31 -50.81
C GLN A 182 -16.40 7.10 -49.37
N VAL A 183 -16.46 5.85 -48.91
CA VAL A 183 -16.13 5.49 -47.55
C VAL A 183 -14.92 4.56 -47.55
N GLY A 184 -13.90 4.85 -46.78
CA GLY A 184 -12.72 4.00 -46.75
C GLY A 184 -12.47 3.39 -45.39
N VAL A 185 -11.63 2.36 -45.32
CA VAL A 185 -11.21 1.76 -44.04
C VAL A 185 -9.71 1.64 -44.04
N ILE A 186 -9.11 1.89 -42.89
CA ILE A 186 -7.71 1.50 -42.70
C ILE A 186 -7.67 0.30 -41.76
N LEU A 187 -6.78 -0.63 -42.09
CA LEU A 187 -6.64 -1.88 -41.36
C LEU A 187 -5.18 -2.12 -41.11
N ALA A 188 -4.88 -2.81 -40.01
CA ALA A 188 -3.49 -3.14 -39.69
C ALA A 188 -2.73 -3.77 -40.88
N THR A 189 -3.44 -4.44 -41.78
CA THR A 189 -2.77 -5.19 -42.86
C THR A 189 -2.47 -4.39 -44.13
N MET A 190 -3.01 -3.17 -44.25
CA MET A 190 -2.97 -2.45 -45.52
C MET A 190 -1.63 -1.82 -45.86
N THR A 191 -1.31 -1.82 -47.15
CA THR A 191 -0.12 -1.15 -47.71
C THR A 191 -0.34 0.37 -47.78
N PRO A 192 0.76 1.13 -47.80
CA PRO A 192 0.67 2.60 -47.92
C PRO A 192 -0.27 3.05 -49.04
N ASP A 193 -0.15 2.41 -50.18
CA ASP A 193 -0.99 2.68 -51.35
C ASP A 193 -2.46 2.42 -51.07
N GLU A 194 -2.72 1.37 -50.29
CA GLU A 194 -4.08 1.00 -49.96
C GLU A 194 -4.65 2.02 -48.97
N ARG A 195 -3.84 2.44 -48.00
CA ARG A 195 -4.28 3.44 -47.03
C ARG A 195 -4.57 4.76 -47.72
N ARG A 196 -3.68 5.15 -48.61
CA ARG A 196 -3.81 6.44 -49.26
C ARG A 196 -5.16 6.58 -49.93
N VAL A 197 -5.58 5.55 -50.64
CA VAL A 197 -6.91 5.56 -51.25
C VAL A 197 -7.99 5.74 -50.17
N ALA A 198 -7.85 5.00 -49.07
CA ALA A 198 -8.83 5.02 -47.99
C ALA A 198 -8.94 6.42 -47.38
N TYR A 199 -7.79 7.06 -47.17
CA TYR A 199 -7.73 8.41 -46.63
C TYR A 199 -8.34 9.40 -47.64
N ASN A 200 -8.26 9.08 -48.92
CA ASN A 200 -8.81 9.98 -49.93
C ASN A 200 -10.33 9.95 -50.02
N ALA A 201 -10.93 8.93 -49.44
CA ALA A 201 -12.37 8.82 -49.37
C ALA A 201 -12.98 9.99 -48.60
N ASP A 202 -14.27 10.20 -48.80
CA ASP A 202 -14.97 11.20 -48.02
C ASP A 202 -14.99 10.87 -46.53
N ILE A 203 -15.25 9.63 -46.16
CA ILE A 203 -15.24 9.26 -44.76
C ILE A 203 -14.28 8.10 -44.62
N THR A 204 -13.44 8.13 -43.58
CA THR A 204 -12.56 6.98 -43.32
C THR A 204 -12.74 6.39 -41.92
N TYR A 205 -12.95 5.08 -41.83
CA TYR A 205 -13.06 4.42 -40.53
C TYR A 205 -11.70 3.92 -40.11
N GLY A 206 -11.51 3.62 -38.82
CA GLY A 206 -10.27 3.01 -38.34
C GLY A 206 -10.01 3.08 -36.84
N THR A 207 -8.89 2.52 -36.40
CA THR A 207 -8.56 2.47 -34.97
C THR A 207 -7.57 3.57 -34.64
N ASN A 208 -7.51 3.97 -33.37
CA ASN A 208 -6.55 4.98 -32.96
C ASN A 208 -5.15 4.53 -33.35
N ASN A 209 -4.90 3.24 -33.30
CA ASN A 209 -3.62 2.67 -33.70
C ASN A 209 -3.27 2.95 -35.15
N GLU A 210 -4.17 2.56 -36.04
CA GLU A 210 -3.99 2.80 -37.48
C GLU A 210 -3.88 4.29 -37.83
N PHE A 211 -4.73 5.15 -37.27
CA PHE A 211 -4.58 6.58 -37.54
C PHE A 211 -3.22 7.06 -37.00
N GLY A 212 -3.03 6.96 -35.68
CA GLY A 212 -1.80 7.34 -35.02
C GLY A 212 -0.53 6.92 -35.73
N PHE A 213 -0.39 5.63 -35.96
CA PHE A 213 0.82 5.14 -36.65
C PHE A 213 1.04 5.68 -38.07
N ASP A 214 -0.05 5.85 -38.83
CA ASP A 214 0.04 6.53 -40.14
C ASP A 214 0.55 7.94 -39.97
N TYR A 215 0.06 8.65 -38.94
CA TYR A 215 0.58 9.98 -38.69
C TYR A 215 2.08 9.91 -38.36
N LEU A 216 2.47 8.97 -37.51
CA LEU A 216 3.88 8.84 -37.16
C LEU A 216 4.70 8.54 -38.40
N ARG A 217 4.20 7.60 -39.20
CA ARG A 217 4.96 7.18 -40.37
C ARG A 217 5.04 8.27 -41.43
N ASP A 218 3.99 9.08 -41.56
CA ASP A 218 3.98 10.22 -42.47
C ASP A 218 5.15 11.15 -42.11
N ASN A 219 5.33 11.44 -40.83
CA ASN A 219 6.35 12.40 -40.47
C ASN A 219 7.75 11.79 -40.47
N MET A 220 7.85 10.60 -41.04
CA MET A 220 9.13 9.94 -41.27
C MET A 220 9.40 9.78 -42.74
N ALA A 221 8.35 9.95 -43.54
CA ALA A 221 8.40 9.81 -44.99
C ALA A 221 9.58 10.57 -45.60
N HIS A 222 10.17 10.03 -46.65
CA HIS A 222 11.26 10.75 -47.30
C HIS A 222 10.85 11.43 -48.59
N SER A 223 9.56 11.36 -48.90
CA SER A 223 9.03 11.88 -50.14
C SER A 223 7.51 12.11 -50.05
N LEU A 224 7.06 13.19 -50.69
CA LEU A 224 5.69 13.65 -50.58
C LEU A 224 4.66 12.61 -51.04
N ASP A 225 5.01 11.85 -52.07
CA ASP A 225 4.17 10.74 -52.58
C ASP A 225 3.86 9.69 -51.53
N ASP A 226 4.74 9.57 -50.55
CA ASP A 226 4.64 8.51 -49.55
C ASP A 226 3.63 8.80 -48.43
N LEU A 227 3.29 10.07 -48.22
CA LEU A 227 2.36 10.45 -47.16
C LEU A 227 1.02 9.81 -47.43
N VAL A 228 0.41 9.24 -46.40
CA VAL A 228 -0.88 8.58 -46.65
C VAL A 228 -2.08 9.42 -46.22
N GLN A 229 -1.93 10.15 -45.11
CA GLN A 229 -3.02 10.92 -44.54
C GLN A 229 -3.10 12.23 -45.27
N ARG A 230 -4.19 12.95 -45.00
CA ARG A 230 -4.36 14.28 -45.56
C ARG A 230 -4.94 15.25 -44.52
N GLY A 231 -4.25 15.42 -43.40
CA GLY A 231 -4.70 16.36 -42.39
C GLY A 231 -5.71 15.79 -41.42
N HIS A 232 -6.07 16.55 -40.40
CA HIS A 232 -6.90 16.05 -39.33
C HIS A 232 -7.98 17.06 -39.16
N HIS A 233 -9.02 16.86 -39.97
CA HIS A 233 -10.09 17.80 -40.08
C HIS A 233 -11.21 17.57 -39.07
N TYR A 234 -11.74 16.34 -38.99
CA TYR A 234 -12.83 15.97 -38.08
C TYR A 234 -12.67 14.51 -37.68
N ALA A 235 -12.72 14.21 -36.38
CA ALA A 235 -12.73 12.84 -35.93
C ALA A 235 -13.89 12.65 -34.96
N ILE A 236 -14.73 11.65 -35.27
CA ILE A 236 -15.72 11.15 -34.31
C ILE A 236 -15.14 9.90 -33.69
N VAL A 237 -14.81 9.98 -32.40
CA VAL A 237 -14.19 8.84 -31.73
C VAL A 237 -15.28 7.94 -31.16
N ASP A 238 -15.41 6.75 -31.75
CA ASP A 238 -16.40 5.82 -31.24
C ASP A 238 -15.83 5.20 -29.97
N GLU A 239 -16.72 4.81 -29.06
CA GLU A 239 -16.32 4.39 -27.72
C GLU A 239 -15.35 5.36 -27.08
N VAL A 240 -15.69 6.66 -26.98
CA VAL A 240 -14.72 7.70 -26.56
C VAL A 240 -14.01 7.40 -25.28
N ASP A 241 -14.75 6.96 -24.27
CA ASP A 241 -14.09 6.70 -23.01
C ASP A 241 -13.04 5.60 -23.12
N SER A 242 -13.27 4.58 -23.92
CA SER A 242 -12.31 3.49 -24.01
C SER A 242 -11.01 3.96 -24.69
N ILE A 243 -11.15 4.83 -25.69
CA ILE A 243 -10.01 5.25 -26.49
C ILE A 243 -9.27 6.47 -25.91
N LEU A 244 -9.99 7.55 -25.60
CA LEU A 244 -9.39 8.82 -25.14
C LEU A 244 -9.01 8.83 -23.63
N ILE A 245 -9.58 7.89 -22.87
CA ILE A 245 -9.27 7.81 -21.46
C ILE A 245 -8.48 6.52 -21.16
N ASP A 246 -9.10 5.34 -21.27
CA ASP A 246 -8.45 4.10 -20.88
C ASP A 246 -7.21 3.83 -21.70
N GLU A 247 -7.35 3.91 -23.02
CA GLU A 247 -6.23 3.59 -23.91
C GLU A 247 -5.12 4.68 -23.90
N ALA A 248 -5.44 5.86 -23.37
CA ALA A 248 -4.47 6.98 -23.32
C ALA A 248 -3.24 6.72 -22.42
N ARG A 249 -3.37 5.78 -21.50
CA ARG A 249 -2.27 5.30 -20.68
C ARG A 249 -0.96 5.00 -21.44
N THR A 250 -1.08 4.72 -22.73
CA THR A 250 -0.01 4.08 -23.50
C THR A 250 0.29 4.89 -24.77
N PRO A 251 1.55 5.24 -25.00
CA PRO A 251 1.96 5.95 -26.22
C PRO A 251 1.96 5.05 -27.48
N LEU A 252 2.01 5.67 -28.66
CA LEU A 252 2.30 4.99 -29.91
C LEU A 252 3.80 5.14 -30.17
N ILE A 253 4.52 4.06 -30.39
CA ILE A 253 5.96 4.18 -30.62
C ILE A 253 6.41 3.36 -31.82
N ILE A 254 7.18 3.97 -32.70
CA ILE A 254 7.92 3.22 -33.71
C ILE A 254 9.40 3.17 -33.28
N SER A 255 9.90 1.94 -33.05
CA SER A 255 11.32 1.76 -32.76
C SER A 255 12.09 1.15 -33.91
N GLY A 256 13.42 1.24 -33.78
CA GLY A 256 14.33 0.64 -34.73
C GLY A 256 15.74 0.61 -34.19
N PRO A 257 16.63 -0.03 -34.97
CA PRO A 257 18.08 0.07 -34.76
C PRO A 257 18.55 1.54 -34.81
N ALA A 258 19.38 1.88 -33.83
CA ALA A 258 19.95 3.20 -33.73
C ALA A 258 20.60 3.66 -35.05
N ASP A 259 21.16 2.70 -35.83
CA ASP A 259 21.80 2.99 -37.12
C ASP A 259 22.99 3.98 -36.96
N GLY A 260 23.59 3.97 -35.75
CA GLY A 260 24.61 4.91 -35.32
C GLY A 260 25.84 5.01 -36.19
N ALA A 261 26.67 5.97 -35.83
CA ALA A 261 27.94 6.17 -36.51
C ALA A 261 29.06 5.54 -35.68
N SER A 262 28.80 4.33 -35.17
CA SER A 262 29.76 3.64 -34.29
C SER A 262 31.13 3.51 -34.93
N ASN A 263 31.16 3.27 -36.23
CA ASN A 263 32.43 3.16 -36.91
C ASN A 263 33.28 4.42 -36.82
N TRP A 264 32.63 5.58 -36.96
CA TRP A 264 33.33 6.85 -36.89
C TRP A 264 33.85 7.17 -35.48
N TYR A 265 33.06 6.91 -34.44
CA TYR A 265 33.53 7.12 -33.09
C TYR A 265 34.78 6.28 -32.88
N THR A 266 34.76 5.04 -33.34
CA THR A 266 35.89 4.14 -33.16
C THR A 266 37.10 4.68 -33.90
N GLU A 267 36.89 5.04 -35.15
CA GLU A 267 37.95 5.56 -36.01
C GLU A 267 38.55 6.85 -35.51
N PHE A 268 37.76 7.65 -34.80
CA PHE A 268 38.27 8.92 -34.29
C PHE A 268 38.91 8.76 -32.92
N ALA A 269 38.52 7.71 -32.19
CA ALA A 269 39.20 7.34 -30.95
C ALA A 269 40.63 6.92 -31.23
N ARG A 270 40.82 6.26 -32.37
CA ARG A 270 42.12 5.92 -32.92
C ARG A 270 42.89 7.19 -33.34
N LEU A 271 42.28 8.03 -34.16
CA LEU A 271 42.99 9.20 -34.66
C LEU A 271 43.37 10.22 -33.58
N ALA A 272 42.60 10.35 -32.51
CA ALA A 272 42.86 11.37 -31.48
C ALA A 272 44.24 11.27 -30.80
N PRO A 273 44.66 10.08 -30.36
CA PRO A 273 45.99 9.92 -29.76
C PRO A 273 47.18 10.05 -30.74
N LEU A 274 47.03 9.62 -31.98
CA LEU A 274 48.07 9.82 -33.00
C LEU A 274 48.36 11.30 -33.22
N MET A 275 47.38 12.14 -32.90
CA MET A 275 47.51 13.59 -33.05
C MET A 275 48.20 14.20 -31.83
N GLU A 276 48.92 15.29 -32.07
CA GLU A 276 49.79 15.87 -31.05
C GLU A 276 49.38 17.30 -30.67
N LYS A 277 49.17 17.53 -29.38
CA LYS A 277 48.73 18.82 -28.85
C LYS A 277 49.67 19.97 -29.23
N ASP A 278 49.07 21.12 -29.53
CA ASP A 278 49.82 22.33 -29.92
C ASP A 278 50.43 22.21 -31.30
N VAL A 279 50.54 20.98 -31.79
CA VAL A 279 51.00 20.70 -33.15
C VAL A 279 49.82 20.55 -34.13
N HIS A 280 48.94 19.58 -33.91
CA HIS A 280 47.76 19.37 -34.77
C HIS A 280 46.52 20.11 -34.31
N TYR A 281 46.41 20.34 -33.01
CA TYR A 281 45.23 20.97 -32.42
C TYR A 281 45.58 21.74 -31.17
N GLU A 282 44.66 22.59 -30.74
CA GLU A 282 44.88 23.49 -29.62
C GLU A 282 43.66 23.45 -28.71
N VAL A 283 43.89 23.10 -27.45
CA VAL A 283 42.86 23.04 -26.41
C VAL A 283 42.73 24.43 -25.80
N ASP A 284 41.53 24.76 -25.33
CA ASP A 284 41.29 25.99 -24.56
C ASP A 284 40.62 25.61 -23.23
N LEU A 285 41.45 25.49 -22.20
CA LEU A 285 41.05 24.98 -20.90
C LEU A 285 39.92 25.80 -20.23
N ARG A 286 39.67 27.01 -20.74
CA ARG A 286 38.71 27.92 -20.12
C ARG A 286 37.31 27.84 -20.75
N LYS A 287 37.25 28.00 -22.07
CA LYS A 287 35.98 27.98 -22.80
C LYS A 287 35.44 26.55 -23.00
N ARG A 288 36.28 25.56 -22.65
CA ARG A 288 36.01 24.12 -22.84
C ARG A 288 35.93 23.76 -24.33
N THR A 289 36.98 24.15 -25.05
CA THR A 289 36.94 24.24 -26.50
C THR A 289 38.18 23.60 -27.12
N VAL A 290 38.06 23.08 -28.33
CA VAL A 290 39.22 22.56 -29.07
C VAL A 290 39.18 23.11 -30.49
N GLY A 291 40.34 23.46 -31.03
CA GLY A 291 40.43 23.88 -32.42
C GLY A 291 41.47 23.08 -33.17
N VAL A 292 41.08 22.47 -34.29
CA VAL A 292 42.03 21.66 -35.06
C VAL A 292 42.84 22.58 -35.94
N HIS A 293 44.16 22.48 -35.86
CA HIS A 293 45.05 23.33 -36.66
C HIS A 293 45.09 22.86 -38.11
N GLU A 294 45.28 23.82 -39.01
CA GLU A 294 45.67 23.59 -40.40
C GLU A 294 46.26 22.20 -40.67
N LYS A 295 47.24 21.83 -39.86
CA LYS A 295 48.01 20.61 -40.04
C LYS A 295 47.20 19.36 -39.68
N GLY A 296 46.53 19.43 -38.53
CA GLY A 296 45.62 18.38 -38.08
C GLY A 296 44.57 18.03 -39.12
N VAL A 297 43.86 19.05 -39.62
CA VAL A 297 42.85 18.88 -40.67
C VAL A 297 43.40 18.05 -41.83
N GLU A 298 44.59 18.41 -42.30
CA GLU A 298 45.24 17.64 -43.34
C GLU A 298 45.69 16.22 -42.90
N PHE A 299 46.03 16.06 -41.62
CA PHE A 299 46.38 14.73 -41.08
C PHE A 299 45.20 13.77 -41.19
N VAL A 300 44.04 14.23 -40.74
CA VAL A 300 42.80 13.45 -40.79
C VAL A 300 42.38 13.26 -42.24
N GLU A 301 42.54 14.32 -43.04
CA GLU A 301 42.27 14.27 -44.46
C GLU A 301 43.00 13.09 -45.11
N ASP A 302 44.31 13.00 -44.89
CA ASP A 302 45.14 11.95 -45.48
C ASP A 302 44.77 10.60 -44.92
N GLN A 303 44.60 10.52 -43.62
CA GLN A 303 44.33 9.27 -42.92
C GLN A 303 43.09 8.53 -43.44
N LEU A 304 42.05 9.31 -43.73
CA LEU A 304 40.81 8.79 -44.26
C LEU A 304 40.82 8.78 -45.80
N GLY A 305 41.73 9.58 -46.36
CA GLY A 305 41.94 9.63 -47.81
C GLY A 305 40.84 10.43 -48.47
N ILE A 306 40.71 11.67 -48.03
CA ILE A 306 39.56 12.50 -48.33
C ILE A 306 40.14 13.88 -48.55
N ASP A 307 39.37 14.75 -49.19
CA ASP A 307 39.89 16.07 -49.58
C ASP A 307 39.29 17.15 -48.73
N ASN A 308 38.07 16.93 -48.27
CA ASN A 308 37.45 17.85 -47.34
C ASN A 308 36.66 17.06 -46.31
N LEU A 309 36.67 17.53 -45.06
CA LEU A 309 36.05 16.77 -43.99
C LEU A 309 34.53 16.80 -44.05
N TYR A 310 33.98 17.67 -44.89
CA TYR A 310 32.54 17.68 -45.20
C TYR A 310 32.19 17.03 -46.55
N GLU A 311 33.13 16.29 -47.15
CA GLU A 311 32.93 15.79 -48.51
C GLU A 311 31.97 14.60 -48.57
N ALA A 312 31.95 13.78 -47.52
CA ALA A 312 31.15 12.54 -47.47
C ALA A 312 29.78 12.72 -46.79
N ALA A 313 28.71 12.52 -47.56
CA ALA A 313 27.32 12.71 -47.14
C ALA A 313 26.93 11.94 -45.88
N ASN A 314 26.50 12.65 -44.84
CA ASN A 314 25.99 11.96 -43.65
C ASN A 314 27.14 11.48 -42.76
N SER A 315 28.28 12.14 -42.91
CA SER A 315 29.44 11.88 -42.09
C SER A 315 29.99 13.19 -41.63
N PRO A 316 29.44 13.71 -40.54
CA PRO A 316 29.91 14.99 -39.99
C PRO A 316 31.26 14.81 -39.31
N LEU A 317 32.26 14.46 -40.10
CA LEU A 317 33.61 14.20 -39.60
C LEU A 317 34.18 15.36 -38.79
N VAL A 318 33.76 16.59 -39.07
CA VAL A 318 34.23 17.71 -38.26
C VAL A 318 33.73 17.54 -36.83
N SER A 319 32.45 17.21 -36.68
CA SER A 319 31.88 17.02 -35.36
C SER A 319 32.53 15.86 -34.62
N TYR A 320 32.64 14.70 -35.27
CA TYR A 320 33.27 13.53 -34.67
C TYR A 320 34.69 13.82 -34.19
N LEU A 321 35.51 14.45 -35.03
CA LEU A 321 36.90 14.76 -34.70
C LEU A 321 36.99 15.69 -33.50
N ASN A 322 36.19 16.74 -33.52
CA ASN A 322 36.22 17.68 -32.42
C ASN A 322 35.84 17.01 -31.10
N ASN A 323 34.90 16.06 -31.16
CA ASN A 323 34.47 15.35 -29.96
C ASN A 323 35.55 14.44 -29.41
N ALA A 324 36.22 13.73 -30.30
CA ALA A 324 37.32 12.83 -29.94
C ALA A 324 38.42 13.61 -29.20
N LEU A 325 38.78 14.78 -29.72
CA LEU A 325 39.75 15.65 -29.06
C LEU A 325 39.25 16.14 -27.71
N LYS A 326 38.03 16.69 -27.66
CA LYS A 326 37.45 17.06 -26.37
C LYS A 326 37.53 15.85 -25.43
N ALA A 327 37.09 14.69 -25.92
CA ALA A 327 37.16 13.46 -25.13
C ALA A 327 38.57 13.30 -24.58
N LYS A 328 39.58 13.40 -25.46
CA LYS A 328 40.99 13.22 -25.09
C LYS A 328 41.45 14.17 -24.01
N GLU A 329 41.17 15.45 -24.20
CA GLU A 329 41.81 16.55 -23.48
C GLU A 329 41.00 17.16 -22.33
N LEU A 330 39.68 17.12 -22.45
CA LEU A 330 38.77 17.91 -21.64
C LEU A 330 37.96 17.12 -20.64
N PHE A 331 38.02 15.80 -20.73
CA PHE A 331 37.28 14.93 -19.80
C PHE A 331 38.23 13.89 -19.25
N SER A 332 38.21 13.78 -17.92
CA SER A 332 39.20 13.01 -17.20
C SER A 332 38.60 11.76 -16.60
N ARG A 333 39.12 10.60 -17.01
CA ARG A 333 38.82 9.33 -16.33
C ARG A 333 39.18 9.44 -14.83
N ASP A 334 38.28 8.96 -13.98
CA ASP A 334 38.43 8.96 -12.53
C ASP A 334 38.32 10.34 -11.88
N LYS A 335 38.09 11.39 -12.67
CA LYS A 335 37.59 12.67 -12.12
C LYS A 335 36.15 12.90 -12.56
N ASP A 336 35.95 13.03 -13.86
CA ASP A 336 34.63 13.38 -14.40
C ASP A 336 33.73 12.18 -14.52
N TYR A 337 34.33 11.02 -14.80
CA TYR A 337 33.60 9.78 -14.99
C TYR A 337 34.51 8.61 -14.66
N ILE A 338 33.92 7.42 -14.56
CA ILE A 338 34.66 6.18 -14.42
C ILE A 338 34.15 5.20 -15.47
N VAL A 339 34.88 4.11 -15.69
CA VAL A 339 34.39 3.01 -16.54
C VAL A 339 34.14 1.79 -15.67
N ARG A 340 33.00 1.14 -15.85
CA ARG A 340 32.69 0.00 -14.99
C ARG A 340 32.51 -1.26 -15.80
N ASP A 341 31.28 -1.61 -16.15
CA ASP A 341 31.10 -2.87 -16.89
C ASP A 341 30.72 -2.72 -18.37
N GLY A 342 31.56 -1.98 -19.10
CA GLY A 342 31.27 -1.58 -20.46
C GLY A 342 30.32 -0.39 -20.59
N GLU A 343 30.20 0.41 -19.52
CA GLU A 343 29.48 1.68 -19.55
C GLU A 343 30.42 2.80 -19.11
N VAL A 344 30.09 4.03 -19.51
CA VAL A 344 30.72 5.22 -18.97
C VAL A 344 29.73 5.73 -17.95
N LEU A 345 30.22 5.88 -16.73
CA LEU A 345 29.39 6.35 -15.63
C LEU A 345 29.93 7.65 -15.11
N ILE A 346 29.10 8.68 -15.19
CA ILE A 346 29.47 9.99 -14.68
C ILE A 346 29.47 9.96 -13.16
N VAL A 347 30.52 10.50 -12.56
CA VAL A 347 30.60 10.69 -11.10
C VAL A 347 30.80 12.16 -10.74
N ASP A 348 30.25 12.61 -9.61
CA ASP A 348 30.42 14.01 -9.18
C ASP A 348 31.86 14.45 -8.90
N GLU A 349 32.15 15.70 -9.30
CA GLU A 349 33.45 16.38 -9.13
C GLU A 349 34.09 16.05 -7.77
N PHE A 350 33.43 16.45 -6.68
CA PHE A 350 33.56 15.68 -5.43
C PHE A 350 32.34 15.45 -4.55
N THR A 351 31.73 14.32 -4.85
CA THR A 351 31.12 13.40 -3.89
C THR A 351 31.85 12.11 -4.29
N GLY A 352 32.23 12.02 -5.57
CA GLY A 352 32.94 10.89 -6.17
C GLY A 352 32.00 9.77 -6.57
N ARG A 353 30.69 9.97 -6.31
CA ARG A 353 29.62 8.97 -6.43
C ARG A 353 29.07 8.82 -7.84
N VAL A 354 28.65 7.60 -8.18
CA VAL A 354 28.09 7.29 -9.51
C VAL A 354 26.73 7.90 -9.75
N LEU A 355 26.73 9.06 -10.41
CA LEU A 355 25.52 9.71 -10.83
C LEU A 355 24.95 8.88 -11.94
N ILE A 356 24.18 7.88 -11.55
CA ILE A 356 23.65 6.96 -12.53
C ILE A 356 22.52 7.66 -13.32
N GLY A 357 22.23 7.17 -14.51
CA GLY A 357 21.26 7.81 -15.39
C GLY A 357 21.96 8.68 -16.42
N ARG A 358 22.58 9.75 -15.91
CA ARG A 358 23.31 10.74 -16.70
C ARG A 358 24.27 10.18 -17.73
N ARG A 359 24.19 10.71 -18.94
CA ARG A 359 25.27 10.62 -19.92
C ARG A 359 25.68 12.01 -20.43
N TYR A 360 26.72 12.06 -21.24
CA TYR A 360 27.18 13.28 -21.86
C TYR A 360 26.34 13.65 -23.10
N ASN A 361 26.52 14.88 -23.58
CA ASN A 361 25.69 15.40 -24.67
C ASN A 361 26.34 15.58 -26.03
N GLU A 362 25.52 15.50 -27.08
CA GLU A 362 25.91 15.82 -28.44
C GLU A 362 27.02 14.91 -28.97
N GLY A 363 26.87 13.61 -28.74
CA GLY A 363 27.85 12.65 -29.18
C GLY A 363 29.06 12.51 -28.29
N MET A 364 29.17 13.33 -27.24
CA MET A 364 30.35 13.26 -26.36
C MET A 364 30.44 11.94 -25.61
N HIS A 365 29.28 11.38 -25.30
CA HIS A 365 29.23 10.13 -24.55
C HIS A 365 29.82 9.00 -25.36
N GLN A 366 29.35 8.84 -26.59
CA GLN A 366 29.94 7.93 -27.57
C GLN A 366 31.44 8.19 -27.72
N ALA A 367 31.79 9.47 -27.80
CA ALA A 367 33.17 9.84 -27.97
C ALA A 367 34.01 9.29 -26.82
N ILE A 368 33.56 9.51 -25.60
CA ILE A 368 34.30 9.05 -24.44
C ILE A 368 34.32 7.53 -24.43
N GLU A 369 33.19 6.89 -24.75
CA GLU A 369 33.12 5.43 -24.79
C GLU A 369 34.21 4.89 -25.72
N ALA A 370 34.32 5.44 -26.92
CA ALA A 370 35.35 5.03 -27.88
C ALA A 370 36.77 5.29 -27.36
N LYS A 371 36.97 6.45 -26.75
CA LYS A 371 38.24 6.80 -26.12
C LYS A 371 38.69 5.72 -25.13
N GLU A 372 37.74 5.13 -24.41
CA GLU A 372 38.02 4.10 -23.41
C GLU A 372 37.89 2.68 -23.96
N HIS A 373 38.05 2.54 -25.27
CA HIS A 373 38.00 1.22 -25.90
C HIS A 373 36.84 0.38 -25.32
N VAL A 374 35.66 0.96 -25.27
CA VAL A 374 34.50 0.27 -24.74
C VAL A 374 33.73 -0.41 -25.87
N GLU A 375 33.34 -1.67 -25.64
CA GLU A 375 32.50 -2.41 -26.57
C GLU A 375 31.30 -1.53 -26.91
N ILE A 376 31.04 -1.33 -28.20
CA ILE A 376 29.89 -0.49 -28.61
C ILE A 376 28.71 -1.32 -29.12
N LYS A 377 27.77 -1.61 -28.23
CA LYS A 377 26.62 -2.49 -28.54
C LYS A 377 25.60 -1.77 -29.40
N ALA A 378 24.98 -2.53 -30.29
CA ALA A 378 23.88 -2.04 -31.13
C ALA A 378 22.60 -2.02 -30.29
N GLU A 379 21.79 -0.97 -30.50
CA GLU A 379 20.57 -0.75 -29.72
C GLU A 379 19.39 -0.53 -30.63
N ASN A 380 18.20 -0.69 -30.07
CA ASN A 380 17.01 -0.15 -30.70
C ASN A 380 16.67 1.12 -29.94
N GLN A 381 16.07 2.09 -30.65
CA GLN A 381 15.68 3.35 -30.04
C GLN A 381 14.34 3.84 -30.58
N THR A 382 13.72 4.80 -29.89
CA THR A 382 12.55 5.50 -30.43
C THR A 382 12.86 6.19 -31.76
N LEU A 383 11.98 6.00 -32.72
CA LEU A 383 12.11 6.66 -34.01
C LEU A 383 11.00 7.68 -34.24
N ALA A 384 9.83 7.40 -33.65
CA ALA A 384 8.74 8.37 -33.52
C ALA A 384 7.79 7.90 -32.45
N THR A 385 7.17 8.87 -31.79
CA THR A 385 6.18 8.66 -30.73
C THR A 385 5.21 9.81 -30.72
N ILE A 386 3.97 9.45 -30.38
CA ILE A 386 2.95 10.40 -29.96
C ILE A 386 2.06 9.71 -28.94
N THR A 387 1.59 10.43 -27.91
CA THR A 387 0.48 9.98 -27.05
C THR A 387 -0.81 10.13 -27.83
N LEU A 388 -1.83 9.38 -27.45
CA LEU A 388 -3.13 9.42 -28.10
C LEU A 388 -3.70 10.82 -27.93
N GLN A 389 -3.44 11.40 -26.75
CA GLN A 389 -3.84 12.75 -26.34
C GLN A 389 -3.32 13.76 -27.33
N ASN A 390 -2.01 13.81 -27.51
CA ASN A 390 -1.47 14.77 -28.45
C ASN A 390 -1.79 14.45 -29.91
N TYR A 391 -2.05 13.17 -30.22
CA TYR A 391 -2.43 12.81 -31.57
C TYR A 391 -3.81 13.39 -31.87
N PHE A 392 -4.78 13.10 -31.00
CA PHE A 392 -6.16 13.54 -31.24
C PHE A 392 -6.44 15.04 -31.07
N ARG A 393 -5.52 15.71 -30.37
CA ARG A 393 -5.49 17.14 -30.29
C ARG A 393 -5.29 17.78 -31.64
N LEU A 394 -4.76 17.03 -32.62
CA LEU A 394 -4.50 17.57 -33.97
C LEU A 394 -5.75 17.97 -34.72
N TYR A 395 -6.88 17.32 -34.47
CA TYR A 395 -8.07 17.57 -35.30
C TYR A 395 -8.70 18.94 -35.06
N ASP A 396 -9.29 19.54 -36.10
CA ASP A 396 -9.94 20.85 -35.94
C ASP A 396 -11.21 20.68 -35.16
N LYS A 397 -11.98 19.67 -35.48
CA LYS A 397 -13.16 19.34 -34.71
C LYS A 397 -12.95 17.95 -34.15
N LEU A 398 -13.49 17.71 -32.96
CA LEU A 398 -13.36 16.40 -32.33
C LEU A 398 -14.70 16.08 -31.70
N ALA A 399 -15.23 14.89 -31.91
CA ALA A 399 -16.42 14.46 -31.20
C ALA A 399 -16.27 13.01 -30.74
N GLY A 400 -17.25 12.51 -30.00
CA GLY A 400 -17.16 11.16 -29.47
C GLY A 400 -18.50 10.61 -29.06
N MET A 401 -18.66 9.30 -29.20
CA MET A 401 -19.87 8.62 -28.76
C MET A 401 -19.55 7.59 -27.67
N THR A 402 -20.45 7.41 -26.72
CA THR A 402 -20.31 6.34 -25.74
C THR A 402 -21.56 6.26 -24.90
N GLY A 403 -21.75 5.11 -24.22
CA GLY A 403 -22.77 5.05 -23.17
C GLY A 403 -22.30 5.61 -21.83
N THR A 404 -21.00 5.83 -21.68
CA THR A 404 -20.43 6.25 -20.40
C THR A 404 -19.32 7.27 -20.59
N ALA A 405 -19.69 8.54 -20.56
CA ALA A 405 -18.70 9.60 -20.72
C ALA A 405 -18.79 10.47 -19.53
N GLN A 406 -20.01 10.60 -19.02
CA GLN A 406 -20.39 11.61 -18.06
C GLN A 406 -19.47 11.68 -16.82
N THR A 407 -18.93 10.54 -16.40
CA THR A 407 -18.00 10.47 -15.26
C THR A 407 -16.56 10.77 -15.62
N GLU A 408 -16.27 11.03 -16.89
CA GLU A 408 -14.91 11.43 -17.26
C GLU A 408 -14.93 12.90 -17.74
N ALA A 409 -16.05 13.59 -17.54
CA ALA A 409 -16.26 14.92 -18.12
C ALA A 409 -15.10 15.87 -17.91
N ALA A 410 -14.57 15.93 -16.69
CA ALA A 410 -13.53 16.91 -16.37
C ALA A 410 -12.27 16.63 -17.18
N GLU A 411 -11.86 15.37 -17.24
CA GLU A 411 -10.65 15.05 -17.99
C GLU A 411 -10.86 15.27 -19.49
N LEU A 412 -12.06 14.94 -19.95
CA LEU A 412 -12.39 15.12 -21.36
C LEU A 412 -12.31 16.60 -21.70
N HIS A 413 -12.61 17.44 -20.73
CA HIS A 413 -12.61 18.87 -20.95
C HIS A 413 -11.21 19.50 -20.85
N GLU A 414 -10.49 19.16 -19.81
CA GLU A 414 -9.12 19.57 -19.62
C GLU A 414 -8.16 19.24 -20.77
N ILE A 415 -8.14 17.97 -21.19
CA ILE A 415 -7.20 17.49 -22.19
C ILE A 415 -7.68 17.83 -23.59
N TYR A 416 -8.97 17.62 -23.84
CA TYR A 416 -9.46 17.62 -25.21
C TYR A 416 -10.37 18.76 -25.55
N LYS A 417 -10.71 19.59 -24.56
CA LYS A 417 -11.75 20.60 -24.68
C LYS A 417 -13.00 19.96 -25.30
N LEU A 418 -13.44 18.84 -24.74
CA LEU A 418 -14.61 18.15 -25.22
C LEU A 418 -15.70 18.19 -24.14
N GLY A 419 -16.93 18.51 -24.51
CA GLY A 419 -17.97 18.54 -23.50
C GLY A 419 -18.75 17.25 -23.59
N VAL A 420 -19.54 16.93 -22.58
CA VAL A 420 -20.32 15.71 -22.58
C VAL A 420 -21.83 15.97 -22.42
N VAL A 421 -22.58 15.89 -23.52
CA VAL A 421 -24.03 16.00 -23.48
C VAL A 421 -24.65 14.64 -23.27
N SER A 422 -25.44 14.48 -22.20
CA SER A 422 -26.19 13.24 -22.02
C SER A 422 -27.46 13.27 -22.85
N ILE A 423 -27.53 12.48 -23.92
CA ILE A 423 -28.73 12.45 -24.74
C ILE A 423 -29.74 11.56 -24.03
N PRO A 424 -31.01 11.95 -23.94
CA PRO A 424 -32.02 11.10 -23.28
C PRO A 424 -32.34 9.88 -24.14
N THR A 425 -32.76 8.77 -23.56
CA THR A 425 -32.99 7.58 -24.39
C THR A 425 -34.33 7.62 -25.15
N ASN A 426 -34.44 6.77 -26.17
CA ASN A 426 -35.65 6.66 -26.96
C ASN A 426 -36.87 6.28 -26.13
N MET A 427 -36.81 5.12 -25.48
CA MET A 427 -37.83 4.67 -24.54
C MET A 427 -37.28 4.81 -23.13
N PRO A 428 -38.15 4.96 -22.12
CA PRO A 428 -37.71 4.94 -20.71
C PRO A 428 -37.02 3.63 -20.32
N MET A 429 -35.89 3.74 -19.65
CA MET A 429 -35.05 2.61 -19.25
C MET A 429 -35.68 1.93 -18.04
N ILE A 430 -36.01 0.65 -18.16
CA ILE A 430 -36.65 -0.03 -17.04
C ILE A 430 -35.83 -1.18 -16.46
N ARG A 431 -34.59 -1.36 -16.96
CA ARG A 431 -33.64 -2.34 -16.41
C ARG A 431 -33.50 -2.22 -14.88
N GLU A 432 -33.57 -3.35 -14.17
CA GLU A 432 -33.42 -3.35 -12.71
C GLU A 432 -32.01 -3.65 -12.30
N ASP A 433 -31.27 -2.62 -11.87
CA ASP A 433 -29.88 -2.80 -11.44
C ASP A 433 -29.73 -3.16 -9.97
N GLN A 434 -29.60 -4.45 -9.67
CA GLN A 434 -29.60 -4.94 -8.29
C GLN A 434 -28.27 -4.66 -7.65
N SER A 435 -28.27 -4.60 -6.32
CA SER A 435 -27.05 -4.29 -5.58
C SER A 435 -26.15 -5.51 -5.44
N ASP A 436 -24.88 -5.24 -5.16
CA ASP A 436 -23.84 -6.26 -5.07
C ASP A 436 -24.18 -7.31 -4.02
N LEU A 437 -23.96 -8.58 -4.37
CA LEU A 437 -23.92 -9.64 -3.37
C LEU A 437 -22.45 -9.89 -3.07
N ILE A 438 -22.03 -9.69 -1.82
CA ILE A 438 -20.62 -9.88 -1.47
C ILE A 438 -20.42 -11.11 -0.61
N TYR A 439 -19.53 -11.99 -1.07
CA TYR A 439 -19.26 -13.24 -0.33
C TYR A 439 -17.92 -13.22 0.40
N LYS A 440 -17.85 -13.98 1.48
CA LYS A 440 -16.64 -14.08 2.29
C LYS A 440 -15.47 -14.74 1.54
N THR A 441 -15.77 -15.65 0.63
CA THR A 441 -14.75 -16.41 -0.08
C THR A 441 -15.08 -16.47 -1.55
N GLU A 442 -14.05 -16.70 -2.36
CA GLU A 442 -14.19 -16.88 -3.80
C GLU A 442 -14.97 -18.15 -4.11
N GLU A 443 -14.68 -19.22 -3.35
CA GLU A 443 -15.38 -20.49 -3.47
C GLU A 443 -16.91 -20.27 -3.49
N ALA A 444 -17.39 -19.58 -2.45
CA ALA A 444 -18.82 -19.37 -2.19
C ALA A 444 -19.52 -18.49 -3.21
N LYS A 445 -18.87 -17.38 -3.58
CA LYS A 445 -19.41 -16.52 -4.61
C LYS A 445 -19.72 -17.32 -5.88
N TYR A 446 -18.76 -18.13 -6.34
CA TYR A 446 -18.96 -18.87 -7.60
C TYR A 446 -20.08 -19.91 -7.53
N ILE A 447 -20.23 -20.61 -6.41
CA ILE A 447 -21.37 -21.52 -6.30
C ILE A 447 -22.71 -20.75 -6.33
N ALA A 448 -22.79 -19.60 -5.66
CA ALA A 448 -23.96 -18.69 -5.78
C ALA A 448 -24.26 -18.30 -7.23
N VAL A 449 -23.22 -17.87 -7.96
CA VAL A 449 -23.31 -17.48 -9.37
C VAL A 449 -23.87 -18.62 -10.21
N VAL A 450 -23.28 -19.82 -10.07
CA VAL A 450 -23.67 -20.97 -10.89
C VAL A 450 -25.10 -21.38 -10.57
N ASP A 451 -25.45 -21.39 -9.29
CA ASP A 451 -26.81 -21.69 -8.86
C ASP A 451 -27.81 -20.76 -9.50
N ASP A 452 -27.39 -19.50 -9.67
CA ASP A 452 -28.23 -18.48 -10.27
C ASP A 452 -28.38 -18.70 -11.77
N VAL A 453 -27.24 -18.90 -12.45
CA VAL A 453 -27.21 -19.18 -13.88
C VAL A 453 -28.01 -20.47 -14.17
N ALA A 454 -27.98 -21.39 -13.21
CA ALA A 454 -28.67 -22.67 -13.32
C ALA A 454 -30.17 -22.43 -13.33
N GLU A 455 -30.66 -21.78 -12.28
CA GLU A 455 -32.08 -21.43 -12.10
C GLU A 455 -32.66 -20.62 -13.25
N ARG A 456 -31.85 -19.77 -13.87
CA ARG A 456 -32.32 -18.88 -14.92
C ARG A 456 -32.28 -19.51 -16.30
N TYR A 457 -31.32 -20.42 -16.51
CA TYR A 457 -31.33 -21.29 -17.69
C TYR A 457 -32.62 -22.08 -17.75
N ALA A 458 -32.93 -22.76 -16.65
CA ALA A 458 -34.16 -23.49 -16.50
C ALA A 458 -35.43 -22.68 -16.82
N LYS A 459 -35.43 -21.38 -16.51
CA LYS A 459 -36.62 -20.54 -16.72
C LYS A 459 -36.67 -19.89 -18.10
N GLY A 460 -35.65 -20.17 -18.91
CA GLY A 460 -35.55 -19.67 -20.26
C GLY A 460 -34.60 -18.49 -20.46
N GLN A 461 -34.61 -17.55 -19.50
CA GLN A 461 -33.92 -16.25 -19.57
C GLN A 461 -32.44 -16.22 -19.98
N PRO A 462 -32.08 -15.38 -20.97
CA PRO A 462 -30.70 -15.27 -21.43
C PRO A 462 -29.79 -14.62 -20.39
N VAL A 463 -28.59 -15.18 -20.20
CA VAL A 463 -27.66 -14.63 -19.21
C VAL A 463 -26.33 -14.28 -19.85
N LEU A 464 -25.85 -13.09 -19.52
CA LEU A 464 -24.50 -12.66 -19.85
C LEU A 464 -23.70 -12.62 -18.54
N ILE A 465 -22.68 -13.45 -18.43
CA ILE A 465 -21.82 -13.46 -17.25
C ILE A 465 -20.49 -12.84 -17.62
N GLY A 466 -20.09 -11.81 -16.87
CA GLY A 466 -18.82 -11.15 -17.10
C GLY A 466 -17.77 -11.65 -16.13
N THR A 467 -16.54 -11.82 -16.64
CA THR A 467 -15.38 -12.03 -15.79
C THR A 467 -14.28 -11.06 -16.18
N THR A 468 -13.19 -11.13 -15.45
CA THR A 468 -12.13 -10.12 -15.48
C THR A 468 -10.80 -10.73 -15.93
N SER A 469 -10.80 -12.04 -16.15
CA SER A 469 -9.67 -12.76 -16.71
C SER A 469 -10.19 -13.97 -17.52
N VAL A 470 -9.29 -14.60 -18.27
CA VAL A 470 -9.65 -15.73 -19.11
C VAL A 470 -9.78 -17.01 -18.27
N GLU A 471 -8.89 -17.17 -17.29
CA GLU A 471 -8.88 -18.32 -16.37
C GLU A 471 -10.17 -18.49 -15.59
N ARG A 472 -10.66 -17.37 -15.03
CA ARG A 472 -11.94 -17.32 -14.31
C ARG A 472 -13.08 -17.62 -15.28
N SER A 473 -12.95 -17.12 -16.50
CA SER A 473 -13.95 -17.37 -17.53
C SER A 473 -14.02 -18.88 -17.81
N GLU A 474 -12.84 -19.49 -17.92
CA GLU A 474 -12.65 -20.92 -18.16
C GLU A 474 -13.14 -21.74 -16.98
N TYR A 475 -12.82 -21.28 -15.79
CA TYR A 475 -13.28 -21.94 -14.59
C TYR A 475 -14.80 -22.01 -14.61
N LEU A 476 -15.46 -20.90 -14.94
CA LEU A 476 -16.93 -20.86 -14.99
C LEU A 476 -17.53 -21.70 -16.12
N SER A 477 -16.77 -21.90 -17.20
CA SER A 477 -17.20 -22.76 -18.29
C SER A 477 -17.37 -24.18 -17.75
N ARG A 478 -16.35 -24.64 -17.04
CA ARG A 478 -16.33 -25.99 -16.48
C ARG A 478 -17.46 -26.21 -15.46
N GLN A 479 -17.57 -25.30 -14.49
CA GLN A 479 -18.67 -25.30 -13.52
C GLN A 479 -20.03 -25.44 -14.21
N PHE A 480 -20.20 -24.72 -15.33
CA PHE A 480 -21.43 -24.79 -16.13
C PHE A 480 -21.60 -26.19 -16.75
N THR A 481 -20.54 -26.68 -17.38
CA THR A 481 -20.54 -27.97 -18.06
C THR A 481 -20.81 -29.11 -17.07
N LYS A 482 -20.07 -29.13 -15.97
CA LYS A 482 -20.34 -30.00 -14.81
C LYS A 482 -21.82 -30.01 -14.47
N ARG A 483 -22.57 -29.03 -14.97
CA ARG A 483 -23.95 -28.85 -14.55
C ARG A 483 -24.98 -28.88 -15.69
N ARG A 484 -24.52 -29.21 -16.88
CA ARG A 484 -25.38 -29.44 -18.05
C ARG A 484 -26.05 -28.18 -18.63
N ILE A 485 -25.46 -27.01 -18.38
CA ILE A 485 -25.94 -25.74 -18.94
C ILE A 485 -25.09 -25.42 -20.17
N PRO A 486 -25.65 -25.51 -21.38
CA PRO A 486 -24.91 -25.12 -22.59
C PRO A 486 -24.72 -23.59 -22.64
N HIS A 487 -23.48 -23.17 -22.88
CA HIS A 487 -23.13 -21.78 -22.79
C HIS A 487 -22.06 -21.45 -23.81
N ASN A 488 -21.58 -20.22 -23.79
CA ASN A 488 -20.45 -19.83 -24.60
C ASN A 488 -19.46 -19.01 -23.84
N VAL A 489 -18.19 -19.16 -24.20
CA VAL A 489 -17.15 -18.30 -23.67
C VAL A 489 -16.57 -17.54 -24.83
N LEU A 490 -16.55 -16.20 -24.73
CA LEU A 490 -15.84 -15.34 -25.68
C LEU A 490 -14.70 -14.70 -24.91
N ASN A 491 -13.47 -14.85 -25.39
CA ASN A 491 -12.32 -14.35 -24.61
C ASN A 491 -11.64 -13.06 -25.08
N ALA A 492 -12.29 -12.34 -26.01
CA ALA A 492 -11.77 -11.12 -26.65
C ALA A 492 -10.79 -11.39 -27.80
N LYS A 493 -10.51 -12.66 -28.07
CA LYS A 493 -9.49 -13.02 -29.05
C LYS A 493 -9.92 -12.84 -30.51
N TYR A 494 -11.10 -13.34 -30.87
CA TYR A 494 -11.50 -13.44 -32.27
C TYR A 494 -12.80 -12.71 -32.51
N HIS A 495 -12.69 -11.49 -33.01
CA HIS A 495 -13.80 -10.55 -32.97
C HIS A 495 -14.98 -10.93 -33.84
N GLU A 496 -14.72 -11.37 -35.06
CA GLU A 496 -15.82 -11.74 -35.94
C GLU A 496 -16.64 -12.92 -35.40
N GLN A 497 -15.99 -13.91 -34.80
CA GLN A 497 -16.77 -15.04 -34.34
C GLN A 497 -17.46 -14.81 -32.97
N GLU A 498 -16.80 -14.07 -32.10
CA GLU A 498 -17.39 -13.65 -30.84
C GLU A 498 -18.61 -12.73 -31.08
N ALA A 499 -18.55 -11.88 -32.11
CA ALA A 499 -19.71 -11.08 -32.52
C ALA A 499 -20.87 -11.99 -32.92
N THR A 500 -20.54 -13.06 -33.65
CA THR A 500 -21.50 -14.05 -34.08
C THR A 500 -22.23 -14.70 -32.89
N ILE A 501 -21.48 -15.05 -31.83
CA ILE A 501 -22.11 -15.64 -30.65
C ILE A 501 -22.98 -14.59 -29.96
N ILE A 502 -22.43 -13.37 -29.79
CA ILE A 502 -23.15 -12.25 -29.18
C ILE A 502 -24.52 -12.05 -29.84
N ALA A 503 -24.59 -12.05 -31.16
CA ALA A 503 -25.82 -11.70 -31.85
C ALA A 503 -27.00 -12.63 -31.49
N VAL A 504 -26.70 -13.75 -30.85
CA VAL A 504 -27.73 -14.75 -30.47
C VAL A 504 -27.77 -15.02 -28.95
N ALA A 505 -26.99 -14.25 -28.18
CA ALA A 505 -26.88 -14.43 -26.75
C ALA A 505 -28.19 -14.07 -26.09
N GLY A 506 -29.00 -13.31 -26.80
CA GLY A 506 -30.30 -12.90 -26.30
C GLY A 506 -31.51 -13.71 -26.77
N ARG A 507 -31.27 -14.91 -27.30
CA ARG A 507 -32.32 -15.89 -27.60
C ARG A 507 -32.67 -16.61 -26.31
N ARG A 508 -33.83 -17.27 -26.27
CA ARG A 508 -34.21 -18.14 -25.15
C ARG A 508 -33.06 -19.15 -24.89
N GLY A 509 -32.75 -19.35 -23.61
CA GLY A 509 -31.71 -20.29 -23.19
C GLY A 509 -30.28 -19.81 -23.29
N GLY A 510 -30.08 -18.56 -23.71
CA GLY A 510 -28.77 -17.97 -23.82
C GLY A 510 -27.97 -18.05 -22.52
N VAL A 511 -26.73 -18.49 -22.63
CA VAL A 511 -25.74 -18.31 -21.59
C VAL A 511 -24.45 -17.92 -22.30
N THR A 512 -23.86 -16.81 -21.88
CA THR A 512 -22.67 -16.30 -22.54
C THR A 512 -21.68 -15.78 -21.50
N VAL A 513 -20.44 -16.25 -21.56
CA VAL A 513 -19.41 -15.80 -20.62
C VAL A 513 -18.48 -14.88 -21.37
N ALA A 514 -18.52 -13.59 -21.01
CA ALA A 514 -17.77 -12.53 -21.72
C ALA A 514 -16.63 -11.99 -20.86
N THR A 515 -15.40 -12.37 -21.18
CA THR A 515 -14.30 -12.00 -20.31
C THR A 515 -13.74 -10.66 -20.73
N ASN A 516 -13.36 -9.86 -19.74
CA ASN A 516 -13.24 -8.41 -19.89
C ASN A 516 -14.43 -7.86 -20.67
N MET A 517 -14.32 -7.15 -21.77
CA MET A 517 -15.64 -6.78 -22.26
C MET A 517 -16.12 -7.39 -23.57
N ALA A 518 -15.77 -8.66 -23.74
CA ALA A 518 -15.79 -9.31 -25.05
C ALA A 518 -17.08 -9.12 -25.83
N GLY A 519 -16.95 -8.91 -27.14
CA GLY A 519 -18.09 -8.67 -28.00
C GLY A 519 -18.64 -7.27 -27.84
N ARG A 520 -17.74 -6.30 -27.79
CA ARG A 520 -18.11 -4.88 -27.77
C ARG A 520 -18.65 -4.49 -29.12
N GLY A 521 -19.70 -3.69 -29.13
CA GLY A 521 -20.14 -3.08 -30.38
C GLY A 521 -21.18 -3.85 -31.16
N THR A 522 -21.51 -5.03 -30.68
CA THR A 522 -22.59 -5.79 -31.22
C THR A 522 -23.59 -5.82 -30.09
N ASP A 523 -24.81 -5.43 -30.38
CA ASP A 523 -25.86 -5.39 -29.37
C ASP A 523 -26.41 -6.78 -29.12
N ILE A 524 -26.61 -7.12 -27.85
CA ILE A 524 -27.36 -8.32 -27.52
C ILE A 524 -28.85 -7.99 -27.67
N VAL A 525 -29.40 -8.23 -28.86
CA VAL A 525 -30.84 -7.99 -29.11
C VAL A 525 -31.66 -9.22 -28.66
N LEU A 526 -32.77 -8.93 -27.97
CA LEU A 526 -33.68 -9.95 -27.44
C LEU A 526 -34.37 -10.72 -28.56
N GLY A 527 -34.42 -12.04 -28.44
CA GLY A 527 -34.93 -12.87 -29.49
C GLY A 527 -33.92 -13.09 -30.60
N GLY A 528 -32.82 -12.32 -30.58
CA GLY A 528 -31.76 -12.43 -31.56
C GLY A 528 -31.50 -11.15 -32.35
N ASN A 529 -30.26 -10.95 -32.78
CA ASN A 529 -29.92 -9.71 -33.48
C ASN A 529 -30.23 -9.81 -34.95
N VAL A 530 -31.47 -9.49 -35.28
CA VAL A 530 -31.98 -9.41 -36.64
C VAL A 530 -31.04 -8.68 -37.64
N ASP A 531 -30.60 -7.47 -37.29
CA ASP A 531 -29.71 -6.73 -38.17
C ASP A 531 -28.44 -7.52 -38.50
N PHE A 532 -27.83 -8.12 -37.48
CA PHE A 532 -26.63 -8.95 -37.64
C PHE A 532 -26.92 -10.21 -38.47
N LEU A 533 -27.98 -10.94 -38.12
CA LEU A 533 -28.28 -12.22 -38.79
C LEU A 533 -28.62 -12.08 -40.28
N THR A 534 -29.35 -11.04 -40.65
CA THR A 534 -29.65 -10.77 -42.06
C THR A 534 -28.37 -10.61 -42.89
N ASP A 535 -27.44 -9.82 -42.38
CA ASP A 535 -26.17 -9.60 -43.06
C ASP A 535 -25.34 -10.90 -43.16
N GLN A 536 -25.48 -11.75 -42.16
CA GLN A 536 -24.67 -12.93 -42.09
C GLN A 536 -25.13 -13.88 -43.17
N ARG A 537 -26.45 -13.98 -43.31
CA ARG A 537 -27.08 -14.68 -44.42
C ARG A 537 -26.56 -14.11 -45.72
N LEU A 538 -26.73 -12.82 -45.92
CA LEU A 538 -26.38 -12.25 -47.21
C LEU A 538 -24.91 -12.54 -47.54
N ARG A 539 -24.05 -12.56 -46.52
CA ARG A 539 -22.61 -12.82 -46.74
C ARG A 539 -22.29 -14.28 -47.05
N GLU A 540 -23.06 -15.21 -46.50
CA GLU A 540 -22.95 -16.63 -46.83
C GLU A 540 -23.23 -16.91 -48.29
N ARG A 541 -23.91 -15.98 -48.94
CA ARG A 541 -24.31 -16.14 -50.33
C ARG A 541 -23.35 -15.41 -51.26
N GLY A 542 -22.18 -15.05 -50.72
CA GLY A 542 -21.17 -14.33 -51.47
C GLY A 542 -21.58 -12.90 -51.77
N LEU A 543 -22.60 -12.41 -51.07
CA LEU A 543 -23.01 -11.03 -51.21
C LEU A 543 -22.14 -10.17 -50.27
N ASP A 544 -21.72 -9.00 -50.77
CA ASP A 544 -20.86 -8.05 -50.05
C ASP A 544 -21.32 -6.61 -50.38
N PRO A 545 -21.51 -5.75 -49.36
CA PRO A 545 -22.01 -4.38 -49.58
C PRO A 545 -21.13 -3.52 -50.48
N VAL A 546 -19.81 -3.67 -50.41
CA VAL A 546 -18.93 -2.99 -51.36
C VAL A 546 -18.80 -3.75 -52.69
N GLU A 547 -18.53 -5.06 -52.61
CA GLU A 547 -18.25 -5.86 -53.79
C GLU A 547 -19.45 -6.13 -54.69
N THR A 548 -20.63 -6.32 -54.10
CA THR A 548 -21.88 -6.53 -54.86
C THR A 548 -22.98 -5.63 -54.28
N PRO A 549 -22.85 -4.32 -54.54
CA PRO A 549 -23.63 -3.28 -53.84
C PRO A 549 -25.12 -3.45 -54.07
N GLU A 550 -25.48 -3.50 -55.35
CA GLU A 550 -26.86 -3.45 -55.80
C GLU A 550 -27.61 -4.72 -55.42
N GLU A 551 -26.92 -5.85 -55.57
CA GLU A 551 -27.45 -7.15 -55.18
C GLU A 551 -27.59 -7.24 -53.67
N TYR A 552 -26.62 -6.70 -52.94
CA TYR A 552 -26.71 -6.70 -51.49
C TYR A 552 -27.97 -5.96 -51.07
N GLU A 553 -28.15 -4.76 -51.62
CA GLU A 553 -29.30 -3.93 -51.32
C GLU A 553 -30.63 -4.66 -51.52
N ALA A 554 -30.83 -5.23 -52.72
CA ALA A 554 -32.10 -5.85 -53.10
C ALA A 554 -32.44 -7.04 -52.21
N ALA A 555 -31.39 -7.80 -51.86
CA ALA A 555 -31.49 -9.01 -51.02
C ALA A 555 -31.76 -8.66 -49.57
N TRP A 556 -31.12 -7.57 -49.14
CA TRP A 556 -31.28 -7.05 -47.79
C TRP A 556 -32.73 -6.66 -47.59
N HIS A 557 -33.30 -6.01 -48.59
CA HIS A 557 -34.70 -5.60 -48.49
C HIS A 557 -35.68 -6.76 -48.38
N SER A 558 -35.42 -7.87 -49.08
CA SER A 558 -36.31 -9.02 -48.90
C SER A 558 -35.98 -9.92 -47.70
N GLU A 559 -34.72 -9.99 -47.28
CA GLU A 559 -34.34 -10.91 -46.21
C GLU A 559 -34.67 -10.40 -44.83
N LEU A 560 -34.51 -9.09 -44.62
CA LEU A 560 -34.76 -8.45 -43.34
C LEU A 560 -36.13 -8.78 -42.76
N PRO A 561 -37.23 -8.58 -43.50
CA PRO A 561 -38.56 -8.83 -42.96
C PRO A 561 -38.75 -10.29 -42.56
N ILE A 562 -37.99 -11.18 -43.20
CA ILE A 562 -38.04 -12.60 -42.90
C ILE A 562 -37.31 -12.86 -41.59
N VAL A 563 -36.06 -12.39 -41.49
CA VAL A 563 -35.25 -12.69 -40.31
C VAL A 563 -36.01 -12.17 -39.09
N LYS A 564 -36.61 -10.98 -39.26
CA LYS A 564 -37.50 -10.33 -38.30
C LYS A 564 -38.65 -11.19 -37.83
N GLU A 565 -39.41 -11.78 -38.77
CA GLU A 565 -40.46 -12.74 -38.44
C GLU A 565 -39.93 -13.88 -37.55
N GLU A 566 -39.03 -14.69 -38.12
CA GLU A 566 -38.37 -15.83 -37.42
C GLU A 566 -37.92 -15.50 -35.99
N ALA A 567 -37.40 -14.29 -35.79
CA ALA A 567 -37.08 -13.78 -34.46
C ALA A 567 -38.32 -13.47 -33.62
N SER A 568 -39.07 -12.42 -34.01
CA SER A 568 -40.18 -11.83 -33.22
C SER A 568 -41.03 -12.75 -32.34
N LYS A 569 -41.39 -13.92 -32.84
CA LYS A 569 -42.08 -14.89 -31.99
C LYS A 569 -41.41 -15.11 -30.61
N GLU A 570 -40.10 -15.35 -30.59
CA GLU A 570 -39.41 -15.69 -29.34
C GLU A 570 -38.78 -14.47 -28.68
N ALA A 571 -38.85 -13.33 -29.37
CA ALA A 571 -38.51 -12.06 -28.75
C ALA A 571 -39.57 -11.81 -27.68
N LYS A 572 -40.83 -12.07 -28.05
CA LYS A 572 -41.97 -12.06 -27.13
C LYS A 572 -41.66 -12.92 -25.91
N GLU A 573 -41.09 -14.09 -26.16
CA GLU A 573 -40.77 -15.06 -25.09
C GLU A 573 -39.58 -14.68 -24.21
N VAL A 574 -38.54 -14.07 -24.79
CA VAL A 574 -37.42 -13.58 -23.99
C VAL A 574 -37.87 -12.42 -23.11
N ILE A 575 -38.76 -11.59 -23.62
CA ILE A 575 -39.35 -10.50 -22.84
C ILE A 575 -40.19 -11.01 -21.65
N GLU A 576 -41.00 -12.03 -21.90
CA GLU A 576 -41.76 -12.71 -20.84
C GLU A 576 -40.84 -13.23 -19.76
N ALA A 577 -39.67 -13.71 -20.18
CA ALA A 577 -38.73 -14.41 -19.30
C ALA A 577 -38.01 -13.42 -18.40
N GLY A 578 -38.13 -12.13 -18.74
CA GLY A 578 -37.57 -11.05 -17.94
C GLY A 578 -36.53 -10.21 -18.66
N GLY A 579 -36.33 -10.45 -19.96
CA GLY A 579 -35.26 -9.82 -20.73
C GLY A 579 -33.89 -10.34 -20.33
N LEU A 580 -32.84 -9.75 -20.91
CA LEU A 580 -31.46 -10.10 -20.56
C LEU A 580 -31.11 -9.93 -19.08
N TYR A 581 -30.38 -10.91 -18.56
CA TYR A 581 -29.87 -10.89 -17.20
C TYR A 581 -28.36 -10.76 -17.28
N VAL A 582 -27.83 -9.67 -16.72
CA VAL A 582 -26.39 -9.41 -16.72
C VAL A 582 -25.85 -9.68 -15.34
N LEU A 583 -25.00 -10.70 -15.25
CA LEU A 583 -24.42 -11.13 -14.00
C LEU A 583 -22.93 -10.84 -14.04
N GLY A 584 -22.48 -9.96 -13.17
CA GLY A 584 -21.07 -9.60 -13.08
C GLY A 584 -20.37 -10.44 -12.04
N THR A 585 -19.15 -10.84 -12.33
CA THR A 585 -18.48 -11.88 -11.56
C THR A 585 -17.39 -11.32 -10.66
N GLU A 586 -16.75 -10.23 -11.11
CA GLU A 586 -15.99 -9.35 -10.24
C GLU A 586 -16.08 -7.93 -10.77
N ARG A 587 -15.43 -6.99 -10.09
CA ARG A 587 -15.51 -5.59 -10.45
C ARG A 587 -14.32 -5.19 -11.33
N HIS A 588 -14.59 -4.34 -12.33
CA HIS A 588 -13.57 -3.87 -13.25
C HIS A 588 -12.74 -2.72 -12.65
N GLU A 589 -11.77 -2.22 -13.41
CA GLU A 589 -10.76 -1.28 -12.91
C GLU A 589 -11.37 0.11 -12.71
N SER A 590 -12.65 0.21 -13.05
CA SER A 590 -13.41 1.42 -12.81
C SER A 590 -14.88 1.04 -12.82
N ARG A 591 -15.65 1.75 -11.98
CA ARG A 591 -17.10 1.65 -11.95
C ARG A 591 -17.76 1.92 -13.31
N ARG A 592 -17.12 2.78 -14.10
CA ARG A 592 -17.60 3.08 -15.44
C ARG A 592 -17.78 1.77 -16.26
N ILE A 593 -16.76 0.94 -16.30
CA ILE A 593 -16.78 -0.31 -17.05
C ILE A 593 -17.86 -1.23 -16.46
N ASP A 594 -17.90 -1.34 -15.14
CA ASP A 594 -18.98 -2.05 -14.46
C ASP A 594 -20.32 -1.67 -15.04
N ASN A 595 -20.53 -0.37 -15.23
CA ASN A 595 -21.78 0.16 -15.76
C ASN A 595 -22.04 -0.23 -17.23
N GLN A 596 -20.97 -0.33 -18.02
CA GLN A 596 -21.07 -0.69 -19.43
C GLN A 596 -21.68 -2.08 -19.54
N LEU A 597 -21.16 -3.01 -18.71
CA LEU A 597 -21.68 -4.36 -18.64
C LEU A 597 -23.18 -4.34 -18.32
N ARG A 598 -23.58 -3.75 -17.17
CA ARG A 598 -25.01 -3.59 -16.84
C ARG A 598 -25.84 -3.09 -18.04
N GLY A 599 -25.26 -2.14 -18.78
CA GLY A 599 -25.96 -1.49 -19.86
C GLY A 599 -26.18 -2.38 -21.06
N ARG A 600 -25.69 -3.62 -21.03
CA ARG A 600 -25.94 -4.55 -22.14
C ARG A 600 -27.39 -5.01 -22.09
N SER A 601 -27.93 -5.19 -20.90
CA SER A 601 -29.35 -5.44 -20.68
C SER A 601 -30.18 -4.18 -20.86
N GLY A 602 -31.49 -4.32 -21.07
CA GLY A 602 -32.40 -3.19 -21.01
C GLY A 602 -32.42 -2.25 -22.20
N ARG A 603 -32.07 -2.75 -23.36
CA ARG A 603 -32.20 -2.05 -24.64
C ARG A 603 -33.60 -1.50 -24.89
N GLN A 604 -33.67 -0.36 -25.55
CA GLN A 604 -34.91 0.20 -26.07
C GLN A 604 -36.19 -0.13 -25.29
N GLY A 605 -36.16 0.00 -23.97
CA GLY A 605 -37.37 -0.18 -23.19
C GLY A 605 -37.51 -1.56 -22.57
N ASP A 606 -36.82 -2.53 -23.16
CA ASP A 606 -36.83 -3.93 -22.73
C ASP A 606 -36.69 -4.08 -21.24
N PRO A 607 -37.44 -5.03 -20.66
CA PRO A 607 -37.14 -5.50 -19.30
C PRO A 607 -35.71 -6.04 -19.23
N GLY A 608 -35.15 -6.02 -18.01
CA GLY A 608 -33.83 -6.56 -17.79
C GLY A 608 -33.44 -6.38 -16.34
N GLU A 609 -32.36 -7.05 -15.97
CA GLU A 609 -31.92 -7.09 -14.58
C GLU A 609 -30.42 -7.28 -14.61
N SER A 610 -29.71 -6.52 -13.79
CA SER A 610 -28.29 -6.79 -13.64
C SER A 610 -27.93 -6.92 -12.18
N ARG A 611 -26.89 -7.70 -11.89
CA ARG A 611 -26.36 -7.88 -10.55
C ARG A 611 -24.90 -8.33 -10.65
N PHE A 612 -24.06 -7.86 -9.73
CA PHE A 612 -22.68 -8.34 -9.61
C PHE A 612 -22.56 -9.20 -8.38
N TYR A 613 -21.86 -10.32 -8.53
CA TYR A 613 -21.48 -11.18 -7.41
C TYR A 613 -20.01 -10.92 -7.11
N LEU A 614 -19.72 -10.44 -5.89
CA LEU A 614 -18.36 -10.11 -5.51
C LEU A 614 -17.92 -10.97 -4.34
N SER A 615 -16.62 -10.92 -4.05
CA SER A 615 -16.06 -11.58 -2.85
C SER A 615 -14.75 -10.93 -2.37
N LEU A 616 -14.36 -11.21 -1.13
CA LEU A 616 -13.13 -10.65 -0.55
C LEU A 616 -11.85 -11.38 -1.01
N GLY A 617 -12.00 -12.26 -1.98
CA GLY A 617 -10.86 -12.91 -2.59
C GLY A 617 -10.78 -12.58 -4.06
N ASP A 618 -11.52 -11.56 -4.46
CA ASP A 618 -11.42 -11.10 -5.83
C ASP A 618 -10.07 -10.44 -6.02
N GLU A 619 -9.54 -10.49 -7.25
CA GLU A 619 -8.24 -9.90 -7.57
C GLU A 619 -8.09 -8.50 -6.97
N LEU A 620 -9.14 -7.70 -7.16
CA LEU A 620 -9.19 -6.31 -6.71
C LEU A 620 -9.02 -6.21 -5.21
N MET A 621 -9.84 -6.96 -4.47
CA MET A 621 -9.79 -6.94 -3.02
C MET A 621 -8.45 -7.43 -2.50
N ARG A 622 -7.88 -8.42 -3.19
CA ARG A 622 -6.61 -9.05 -2.82
C ARG A 622 -5.41 -8.14 -3.08
N ARG A 623 -5.59 -7.19 -3.99
CA ARG A 623 -4.65 -6.09 -4.18
C ARG A 623 -4.60 -5.18 -2.94
N PHE A 624 -5.68 -5.21 -2.15
CA PHE A 624 -5.85 -4.35 -0.98
C PHE A 624 -6.06 -5.18 0.29
N ASN A 625 -7.12 -4.89 1.03
CA ASN A 625 -7.31 -5.46 2.39
C ASN A 625 -8.23 -6.69 2.46
N GLY A 626 -8.59 -7.24 1.31
CA GLY A 626 -9.58 -8.28 1.22
C GLY A 626 -9.37 -9.48 2.13
N ALA A 627 -8.12 -9.94 2.27
CA ALA A 627 -7.81 -11.14 3.05
C ALA A 627 -7.95 -10.84 4.53
N ALA A 628 -7.61 -9.61 4.91
CA ALA A 628 -7.76 -9.14 6.28
C ALA A 628 -9.21 -9.24 6.71
N LEU A 629 -10.13 -8.86 5.81
CA LEU A 629 -11.55 -8.85 6.11
C LEU A 629 -12.11 -10.26 6.41
N GLU A 630 -11.63 -11.27 5.67
CA GLU A 630 -12.15 -12.64 5.83
C GLU A 630 -11.61 -13.32 7.08
N THR A 631 -10.45 -12.85 7.55
CA THR A 631 -9.91 -13.28 8.85
C THR A 631 -10.91 -12.82 9.90
N LEU A 632 -11.25 -11.53 9.84
CA LEU A 632 -12.21 -10.94 10.73
C LEU A 632 -13.53 -11.71 10.68
N LEU A 633 -14.09 -11.83 9.49
CA LEU A 633 -15.42 -12.39 9.31
C LEU A 633 -15.58 -13.82 9.84
N THR A 634 -14.58 -14.68 9.59
CA THR A 634 -14.59 -16.05 10.14
C THR A 634 -14.54 -16.07 11.66
N ARG A 635 -13.74 -15.17 12.23
CA ARG A 635 -13.65 -15.04 13.68
C ARG A 635 -15.01 -14.67 14.27
N LEU A 636 -15.86 -14.03 13.46
CA LEU A 636 -17.21 -13.69 13.90
C LEU A 636 -18.27 -14.78 13.62
N ASN A 637 -17.82 -15.94 13.13
CA ASN A 637 -18.67 -17.10 12.79
C ASN A 637 -19.65 -16.93 11.62
N LEU A 638 -19.48 -15.91 10.79
CA LEU A 638 -20.37 -15.77 9.64
C LEU A 638 -20.10 -16.93 8.67
N PRO A 639 -21.12 -17.69 8.28
CA PRO A 639 -20.96 -18.74 7.28
C PRO A 639 -20.52 -18.21 5.89
N ASP A 640 -19.72 -19.01 5.18
CA ASP A 640 -19.14 -18.66 3.88
C ASP A 640 -20.16 -18.18 2.87
N ASP A 641 -21.35 -18.80 2.87
CA ASP A 641 -22.39 -18.52 1.88
C ASP A 641 -23.46 -17.48 2.29
N VAL A 642 -23.25 -16.75 3.39
CA VAL A 642 -24.16 -15.65 3.74
C VAL A 642 -23.60 -14.34 3.17
N PRO A 643 -24.36 -13.67 2.28
CA PRO A 643 -23.95 -12.36 1.77
C PRO A 643 -23.65 -11.36 2.88
N ILE A 644 -22.57 -10.60 2.71
CA ILE A 644 -22.18 -9.56 3.64
C ILE A 644 -22.86 -8.27 3.23
N GLU A 645 -23.64 -7.69 4.15
CA GLU A 645 -24.12 -6.30 4.05
C GLU A 645 -23.63 -5.59 5.28
N ALA A 646 -22.58 -4.81 5.11
CA ALA A 646 -22.02 -4.02 6.19
C ALA A 646 -21.41 -2.78 5.55
N LYS A 647 -21.78 -1.62 6.06
CA LYS A 647 -21.28 -0.36 5.53
C LYS A 647 -19.74 -0.36 5.40
N MET A 648 -19.06 -1.00 6.34
CA MET A 648 -17.62 -1.10 6.31
C MET A 648 -17.01 -1.95 5.16
N VAL A 649 -17.70 -3.01 4.75
CA VAL A 649 -17.23 -3.85 3.64
C VAL A 649 -17.62 -3.22 2.28
N THR A 650 -18.81 -2.63 2.19
CA THR A 650 -19.23 -1.85 1.02
C THR A 650 -18.21 -0.74 0.78
N ARG A 651 -17.84 -0.07 1.87
CA ARG A 651 -16.82 0.98 1.84
C ARG A 651 -15.50 0.47 1.26
N ALA A 652 -15.06 -0.73 1.68
CA ALA A 652 -13.72 -1.21 1.32
C ALA A 652 -13.64 -1.63 -0.15
N ILE A 653 -14.74 -2.20 -0.65
CA ILE A 653 -14.88 -2.54 -2.07
C ILE A 653 -14.90 -1.29 -2.96
N LYS A 654 -15.78 -0.33 -2.65
CA LYS A 654 -15.77 0.97 -3.33
C LYS A 654 -14.35 1.52 -3.43
N SER A 655 -13.64 1.49 -2.31
CA SER A 655 -12.39 2.22 -2.20
C SER A 655 -11.22 1.50 -2.90
N ALA A 656 -11.21 0.19 -2.87
CA ALA A 656 -10.29 -0.56 -3.72
C ALA A 656 -10.42 -0.08 -5.18
N GLN A 657 -11.64 -0.11 -5.71
CA GLN A 657 -11.87 0.30 -7.08
C GLN A 657 -11.52 1.74 -7.31
N THR A 658 -11.90 2.62 -6.37
CA THR A 658 -11.62 4.04 -6.53
C THR A 658 -10.13 4.28 -6.62
N GLN A 659 -9.38 3.60 -5.78
CA GLN A 659 -7.93 3.67 -5.78
C GLN A 659 -7.31 3.27 -7.11
N VAL A 660 -7.86 2.24 -7.72
CA VAL A 660 -7.40 1.79 -9.04
C VAL A 660 -7.64 2.85 -10.12
N GLU A 661 -8.85 3.42 -10.15
CA GLU A 661 -9.21 4.52 -11.02
C GLU A 661 -8.19 5.64 -10.85
N GLN A 662 -8.04 6.11 -9.60
CA GLN A 662 -7.12 7.17 -9.25
C GLN A 662 -5.71 6.91 -9.74
N GLN A 663 -5.23 5.69 -9.51
CA GLN A 663 -3.93 5.27 -10.03
C GLN A 663 -3.83 5.38 -11.55
N ASN A 664 -4.82 4.85 -12.25
CA ASN A 664 -4.86 4.96 -13.71
C ASN A 664 -4.86 6.41 -14.17
N PHE A 665 -5.66 7.25 -13.52
CA PHE A 665 -5.69 8.64 -13.83
C PHE A 665 -4.32 9.30 -13.71
N GLU A 666 -3.55 8.92 -12.69
CA GLU A 666 -2.25 9.53 -12.46
C GLU A 666 -1.25 9.12 -13.54
N VAL A 667 -1.25 7.84 -13.90
CA VAL A 667 -0.36 7.38 -14.94
C VAL A 667 -0.65 8.17 -16.20
N ARG A 668 -1.93 8.21 -16.56
CA ARG A 668 -2.43 8.98 -17.69
C ARG A 668 -1.94 10.45 -17.67
N LYS A 669 -2.04 11.10 -16.51
CA LYS A 669 -1.51 12.44 -16.29
C LYS A 669 0.01 12.52 -16.47
N ASN A 670 0.70 11.47 -16.06
CA ASN A 670 2.14 11.46 -16.18
C ASN A 670 2.61 11.23 -17.59
N VAL A 671 1.91 10.39 -18.32
CA VAL A 671 2.29 10.10 -19.69
C VAL A 671 2.25 11.37 -20.50
N LEU A 672 1.22 12.20 -20.32
CA LEU A 672 1.03 13.37 -21.16
C LEU A 672 1.94 14.53 -20.74
N LYS A 673 2.10 14.71 -19.44
CA LYS A 673 3.10 15.61 -18.85
C LYS A 673 4.44 15.46 -19.54
N TYR A 674 4.94 14.24 -19.66
CA TYR A 674 6.26 14.05 -20.27
C TYR A 674 6.21 14.18 -21.77
N ASP A 675 5.03 13.90 -22.31
CA ASP A 675 4.89 14.00 -23.74
C ASP A 675 4.89 15.43 -24.23
N GLU A 676 4.44 16.40 -23.40
CA GLU A 676 4.39 17.79 -23.87
C GLU A 676 5.76 18.28 -24.32
N VAL A 677 6.80 18.00 -23.55
CA VAL A 677 8.14 18.43 -23.89
C VAL A 677 8.49 17.96 -25.30
N MET A 678 8.29 16.68 -25.57
CA MET A 678 8.71 16.19 -26.85
C MET A 678 7.74 16.59 -27.94
N ASN A 679 6.48 16.78 -27.57
CA ASN A 679 5.48 17.15 -28.55
C ASN A 679 5.74 18.49 -29.18
N GLN A 680 6.12 19.48 -28.37
CA GLN A 680 6.56 20.78 -28.86
C GLN A 680 7.73 20.63 -29.81
N GLN A 681 8.71 19.84 -29.39
CA GLN A 681 9.92 19.65 -30.17
C GLN A 681 9.62 19.07 -31.54
N ARG A 682 8.78 18.04 -31.61
CA ARG A 682 8.54 17.40 -32.89
C ARG A 682 7.68 18.20 -33.86
N LYS A 683 6.86 19.09 -33.33
CA LYS A 683 6.09 19.99 -34.19
C LYS A 683 7.07 20.85 -34.97
N VAL A 684 8.03 21.48 -34.30
CA VAL A 684 9.12 22.13 -35.04
C VAL A 684 9.75 21.22 -36.09
N ILE A 685 10.25 20.03 -35.70
CA ILE A 685 10.96 19.21 -36.66
C ILE A 685 10.05 18.76 -37.80
N TYR A 686 8.85 18.32 -37.48
CA TYR A 686 7.93 17.91 -38.52
C TYR A 686 7.68 19.07 -39.53
N ALA A 687 7.44 20.28 -39.02
CA ALA A 687 7.30 21.45 -39.87
C ALA A 687 8.45 21.61 -40.86
N GLU A 688 9.70 21.42 -40.39
CA GLU A 688 10.88 21.43 -41.26
C GLU A 688 10.80 20.39 -42.36
N ARG A 689 10.72 19.12 -41.99
CA ARG A 689 10.64 18.04 -42.96
C ARG A 689 9.58 18.29 -44.04
N ARG A 690 8.40 18.76 -43.66
CA ARG A 690 7.33 19.10 -44.62
C ARG A 690 7.80 20.11 -45.71
N ARG A 691 8.09 21.35 -45.33
CA ARG A 691 8.78 22.30 -46.21
C ARG A 691 9.67 21.60 -47.25
N ILE A 692 10.66 20.85 -46.76
CA ILE A 692 11.57 20.15 -47.65
C ILE A 692 10.79 19.21 -48.55
N LEU A 693 9.94 18.38 -47.95
CA LEU A 693 9.24 17.33 -48.70
C LEU A 693 8.29 17.90 -49.75
N GLU A 694 8.00 19.19 -49.64
CA GLU A 694 7.05 19.82 -50.50
C GLU A 694 7.76 20.63 -51.57
N GLY A 695 9.02 20.33 -51.82
CA GLY A 695 9.77 20.98 -52.89
C GLY A 695 9.93 22.50 -52.82
N GLU A 696 9.62 23.08 -51.67
CA GLU A 696 9.81 24.50 -51.41
C GLU A 696 11.25 24.96 -51.70
N ASN A 697 11.40 26.22 -52.12
CA ASN A 697 12.72 26.82 -52.39
C ASN A 697 13.33 27.33 -51.09
N LEU A 698 14.46 26.70 -50.71
CA LEU A 698 15.12 27.00 -49.44
C LEU A 698 16.35 27.90 -49.53
N LYS A 699 16.56 28.49 -50.71
CA LYS A 699 17.69 29.37 -50.98
C LYS A 699 17.94 30.37 -49.83
N ASP A 700 16.87 31.02 -49.35
CA ASP A 700 16.98 32.02 -48.29
C ASP A 700 17.32 31.42 -46.94
N GLN A 701 16.66 30.30 -46.62
CA GLN A 701 16.94 29.55 -45.40
C GLN A 701 18.38 29.08 -45.38
N ALA A 702 18.78 28.48 -46.48
CA ALA A 702 20.16 28.08 -46.68
C ALA A 702 21.09 29.23 -46.30
N LEU A 703 20.91 30.39 -46.94
CA LEU A 703 21.79 31.53 -46.70
C LEU A 703 21.73 32.12 -45.28
N ASP A 704 20.56 32.11 -44.64
CA ASP A 704 20.44 32.55 -43.25
C ASP A 704 21.28 31.67 -42.28
N MET A 705 21.22 30.34 -42.49
CA MET A 705 22.08 29.40 -41.77
C MET A 705 23.56 29.74 -41.99
N VAL A 706 23.94 29.95 -43.25
CA VAL A 706 25.30 30.38 -43.61
C VAL A 706 25.71 31.62 -42.86
N ARG A 707 24.81 32.60 -42.86
CA ARG A 707 24.98 33.83 -42.11
C ARG A 707 25.02 33.56 -40.60
N ASP A 708 24.04 32.78 -40.12
CA ASP A 708 23.93 32.38 -38.72
C ASP A 708 25.20 31.76 -38.14
N VAL A 709 25.71 30.74 -38.85
CA VAL A 709 26.89 29.99 -38.42
C VAL A 709 28.14 30.84 -38.46
N ILE A 710 28.33 31.59 -39.55
CA ILE A 710 29.52 32.45 -39.67
C ILE A 710 29.51 33.50 -38.58
N THR A 711 28.33 34.01 -38.25
CA THR A 711 28.19 35.06 -37.25
C THR A 711 28.61 34.60 -35.86
N ALA A 712 28.23 33.36 -35.51
CA ALA A 712 28.49 32.81 -34.18
C ALA A 712 29.95 32.48 -34.00
N TYR A 713 30.59 32.03 -35.08
CA TYR A 713 32.01 31.73 -35.03
C TYR A 713 32.77 33.00 -34.74
N VAL A 714 32.43 34.07 -35.48
CA VAL A 714 32.97 35.42 -35.30
C VAL A 714 32.73 35.88 -33.87
N ASP A 715 31.46 35.84 -33.45
CA ASP A 715 31.06 36.21 -32.10
C ASP A 715 31.97 35.53 -31.07
N GLY A 716 32.25 34.25 -31.29
CA GLY A 716 33.07 33.47 -30.37
C GLY A 716 34.57 33.71 -30.40
N ALA A 717 35.07 34.24 -31.51
CA ALA A 717 36.49 34.52 -31.64
C ALA A 717 36.75 35.99 -31.37
N THR A 718 35.68 36.78 -31.47
CA THR A 718 35.76 38.24 -31.42
C THR A 718 34.63 38.80 -30.53
N GLY A 719 34.75 38.56 -29.22
CA GLY A 719 33.90 39.19 -28.24
C GLY A 719 34.68 40.34 -27.62
N GLU A 720 35.40 40.04 -26.55
CA GLU A 720 36.21 41.02 -25.83
C GLU A 720 37.50 41.38 -26.59
N GLY A 721 38.55 41.80 -25.87
CA GLY A 721 39.87 41.99 -26.45
C GLY A 721 40.04 43.22 -27.33
N TYR A 722 39.08 43.42 -28.23
CA TYR A 722 38.96 44.65 -29.06
C TYR A 722 40.02 44.77 -30.16
N ALA A 723 41.28 44.90 -29.78
CA ALA A 723 42.36 44.99 -30.75
C ALA A 723 42.73 43.60 -31.31
N GLU A 724 43.96 43.49 -31.80
CA GLU A 724 44.52 42.23 -32.28
C GLU A 724 44.75 41.27 -31.10
N ASP A 725 43.84 41.32 -30.13
CA ASP A 725 43.84 40.39 -29.00
C ASP A 725 43.02 39.16 -29.36
N TRP A 726 42.52 39.17 -30.60
CA TRP A 726 41.74 38.10 -31.17
C TRP A 726 42.66 37.05 -31.81
N ASP A 727 42.13 35.84 -31.94
CA ASP A 727 42.80 34.81 -32.71
C ASP A 727 42.16 34.73 -34.08
N LEU A 728 42.74 35.46 -35.01
CA LEU A 728 42.25 35.47 -36.39
C LEU A 728 42.76 34.23 -37.12
N ASP A 729 43.82 33.63 -36.59
CA ASP A 729 44.35 32.36 -37.08
C ASP A 729 43.32 31.22 -36.87
N ALA A 730 42.86 31.08 -35.63
CA ALA A 730 41.89 30.05 -35.24
C ALA A 730 40.53 30.21 -35.92
N LEU A 731 40.03 31.44 -35.92
CA LEU A 731 38.74 31.75 -36.53
C LEU A 731 38.74 31.45 -38.03
N TRP A 732 39.86 31.72 -38.70
CA TRP A 732 40.00 31.45 -40.12
C TRP A 732 40.06 29.93 -40.38
N THR A 733 40.94 29.26 -39.66
CA THR A 733 41.11 27.81 -39.75
C THR A 733 39.78 27.08 -39.58
N ALA A 734 38.95 27.57 -38.66
CA ALA A 734 37.66 26.95 -38.32
C ALA A 734 36.56 27.30 -39.32
N LEU A 735 36.57 28.54 -39.78
CA LEU A 735 35.66 28.94 -40.85
C LEU A 735 35.96 28.14 -42.11
N LYS A 736 37.23 27.74 -42.25
CA LYS A 736 37.68 26.99 -43.42
C LYS A 736 37.16 25.55 -43.49
N THR A 737 36.86 24.95 -42.34
CA THR A 737 36.18 23.65 -42.33
C THR A 737 34.90 23.73 -43.16
N LEU A 738 34.15 24.83 -42.99
CA LEU A 738 32.82 25.00 -43.57
C LEU A 738 32.86 25.45 -45.03
N TYR A 739 33.64 26.47 -45.33
CA TYR A 739 33.63 26.98 -46.69
C TYR A 739 35.02 27.42 -47.16
N PRO A 740 35.20 27.50 -48.49
CA PRO A 740 36.39 28.12 -49.09
C PRO A 740 36.49 29.62 -48.83
N VAL A 741 36.99 30.00 -47.66
CA VAL A 741 37.20 31.40 -47.32
C VAL A 741 38.10 31.98 -48.37
N GLY A 742 37.57 32.94 -49.12
CA GLY A 742 38.31 33.54 -50.21
C GLY A 742 39.02 34.86 -49.93
N ILE A 743 39.11 35.31 -48.67
CA ILE A 743 39.77 36.60 -48.40
C ILE A 743 40.93 36.55 -47.41
N THR A 744 40.91 35.56 -46.51
CA THR A 744 41.95 35.41 -45.46
C THR A 744 42.55 36.72 -44.83
N ALA A 745 42.42 36.79 -43.50
CA ALA A 745 42.76 37.90 -42.60
C ALA A 745 43.50 39.07 -43.20
N ASP A 746 44.83 38.99 -43.16
CA ASP A 746 45.78 40.03 -43.60
C ASP A 746 45.17 41.22 -44.36
N SER A 747 44.38 40.91 -45.39
CA SER A 747 43.71 41.90 -46.21
C SER A 747 42.65 42.77 -45.49
N LEU A 748 42.48 42.57 -44.18
CA LEU A 748 41.47 43.32 -43.44
C LEU A 748 42.02 44.34 -42.44
N THR A 749 43.19 44.06 -41.87
CA THR A 749 43.84 44.95 -40.90
C THR A 749 45.05 45.70 -41.48
N ARG A 762 38.11 46.53 -36.18
CA ARG A 762 36.73 47.13 -36.30
C ARG A 762 35.67 46.23 -35.63
N GLU A 763 34.38 46.50 -35.89
CA GLU A 763 33.29 45.48 -35.73
C GLU A 763 32.84 44.82 -37.09
N GLU A 764 33.34 45.37 -38.22
CA GLU A 764 33.40 44.70 -39.54
C GLU A 764 34.35 43.48 -39.49
N LEU A 765 34.53 42.78 -40.61
CA LEU A 765 35.13 41.44 -40.61
C LEU A 765 33.99 40.44 -40.56
N LEU A 766 32.99 40.71 -39.73
CA LEU A 766 31.73 39.99 -39.84
C LEU A 766 31.09 40.34 -41.18
N GLU A 767 31.03 41.64 -41.48
CA GLU A 767 30.50 42.13 -42.74
C GLU A 767 31.37 41.63 -43.92
N ALA A 768 32.68 41.70 -43.72
CA ALA A 768 33.63 41.28 -44.73
C ALA A 768 33.44 39.83 -45.06
N LEU A 769 33.49 38.98 -44.04
CA LEU A 769 33.46 37.52 -44.19
C LEU A 769 32.13 36.98 -44.72
N LEU A 770 31.03 37.61 -44.31
CA LEU A 770 29.68 37.29 -44.80
C LEU A 770 29.58 37.49 -46.30
N LYS A 771 29.96 38.69 -46.74
CA LYS A 771 30.02 39.06 -48.15
C LYS A 771 30.83 38.02 -48.95
N ASP A 772 31.91 37.56 -48.36
CA ASP A 772 32.79 36.59 -48.98
C ASP A 772 32.07 35.25 -49.14
N ALA A 773 31.44 34.80 -48.06
CA ALA A 773 30.68 33.54 -48.03
C ALA A 773 29.54 33.61 -49.04
N GLU A 774 28.85 34.75 -49.04
CA GLU A 774 27.80 35.01 -50.02
C GLU A 774 28.29 34.71 -51.44
N ARG A 775 29.45 35.29 -51.81
CA ARG A 775 30.05 35.07 -53.15
C ARG A 775 30.42 33.59 -53.34
N ALA A 776 30.95 32.97 -52.29
CA ALA A 776 31.33 31.57 -52.32
C ALA A 776 30.11 30.68 -52.55
N TYR A 777 29.00 31.07 -51.94
CA TYR A 777 27.72 30.39 -52.17
C TYR A 777 27.30 30.43 -53.66
N ALA A 778 27.26 31.62 -54.25
CA ALA A 778 27.00 31.76 -55.67
C ALA A 778 28.00 30.98 -56.53
N ALA A 779 29.23 30.85 -56.02
CA ALA A 779 30.26 30.07 -56.70
C ALA A 779 29.82 28.63 -56.69
N ARG A 780 29.58 28.11 -55.47
CA ARG A 780 29.07 26.75 -55.28
C ARG A 780 27.86 26.50 -56.18
N GLU A 781 26.80 27.29 -55.97
CA GLU A 781 25.60 27.19 -56.78
C GLU A 781 25.89 26.94 -58.27
N ALA A 782 26.83 27.72 -58.83
CA ALA A 782 27.18 27.60 -60.25
C ALA A 782 27.86 26.28 -60.53
N GLU A 783 28.76 25.87 -59.64
CA GLU A 783 29.40 24.57 -59.73
C GLU A 783 28.36 23.46 -59.85
N LEU A 784 27.17 23.68 -59.27
CA LEU A 784 26.12 22.65 -59.23
C LEU A 784 25.34 22.66 -60.53
N GLU A 785 24.89 23.83 -60.95
CA GLU A 785 24.33 24.00 -62.28
C GLU A 785 25.31 23.43 -63.30
N GLU A 786 26.60 23.57 -63.02
CA GLU A 786 27.67 23.06 -63.88
C GLU A 786 27.68 21.53 -63.91
N ILE A 787 27.29 20.88 -62.81
CA ILE A 787 27.22 19.42 -62.81
C ILE A 787 25.83 18.90 -63.19
N ALA A 788 24.76 19.37 -62.55
CA ALA A 788 23.43 18.84 -62.83
C ALA A 788 22.48 19.82 -63.51
N GLY A 789 22.74 21.12 -63.35
CA GLY A 789 22.04 22.14 -64.12
C GLY A 789 20.72 22.72 -63.62
N GLU A 790 20.28 23.77 -64.33
CA GLU A 790 18.96 24.38 -64.18
C GLU A 790 18.26 24.28 -62.81
N GLY A 791 18.86 24.90 -61.80
CA GLY A 791 18.28 24.92 -60.46
C GLY A 791 18.65 23.74 -59.58
N ALA A 792 19.61 22.93 -60.00
CA ALA A 792 20.02 21.73 -59.26
C ALA A 792 20.56 21.99 -57.85
N MET A 793 21.07 23.20 -57.58
CA MET A 793 21.51 23.54 -56.22
C MET A 793 20.31 23.61 -55.28
N ARG A 794 19.13 23.90 -55.84
CA ARG A 794 17.90 23.88 -55.06
C ARG A 794 17.69 22.49 -54.46
N GLN A 795 17.82 21.47 -55.30
CA GLN A 795 17.79 20.07 -54.88
C GLN A 795 18.90 19.68 -53.88
N LEU A 796 20.01 20.41 -53.85
CA LEU A 796 21.07 20.14 -52.88
C LEU A 796 20.69 20.64 -51.50
N GLU A 797 20.02 21.79 -51.46
CA GLU A 797 19.61 22.34 -50.18
C GLU A 797 18.54 21.47 -49.53
N ARG A 798 17.76 20.82 -50.38
CA ARG A 798 16.71 19.95 -49.92
C ARG A 798 17.28 18.62 -49.46
N ASN A 799 18.05 17.93 -50.31
CA ASN A 799 18.70 16.67 -49.90
C ASN A 799 19.48 16.82 -48.61
N VAL A 800 20.32 17.86 -48.57
CA VAL A 800 21.26 18.05 -47.48
C VAL A 800 20.55 18.40 -46.18
N LEU A 801 19.61 19.34 -46.24
CA LEU A 801 18.81 19.72 -45.07
C LEU A 801 18.02 18.53 -44.49
N LEU A 802 17.31 17.79 -45.35
CA LEU A 802 16.56 16.63 -44.88
C LEU A 802 17.45 15.59 -44.25
N ASN A 803 18.51 15.18 -44.95
CA ASN A 803 19.53 14.25 -44.44
C ASN A 803 20.10 14.61 -43.08
N VAL A 804 20.38 15.88 -42.85
CA VAL A 804 21.02 16.33 -41.62
C VAL A 804 20.01 16.36 -40.48
N ILE A 805 18.80 16.85 -40.76
CA ILE A 805 17.73 16.88 -39.76
C ILE A 805 17.48 15.44 -39.25
N ASP A 806 17.15 14.53 -40.17
CA ASP A 806 16.76 13.18 -39.82
C ASP A 806 17.81 12.45 -38.99
N ARG A 807 19.07 12.66 -39.34
CA ARG A 807 20.19 12.03 -38.66
C ARG A 807 20.36 12.63 -37.29
N LYS A 808 20.14 13.93 -37.20
CA LYS A 808 20.45 14.62 -35.98
C LYS A 808 19.31 14.47 -34.97
N TRP A 809 18.09 14.28 -35.49
CA TRP A 809 16.87 14.16 -34.67
C TRP A 809 16.76 12.70 -34.23
N ARG A 810 17.01 11.79 -35.15
CA ARG A 810 17.11 10.39 -34.81
C ARG A 810 18.06 10.25 -33.64
N GLU A 811 19.18 10.97 -33.69
CA GLU A 811 20.20 10.95 -32.63
C GLU A 811 19.73 11.60 -31.31
N HIS A 812 18.94 12.66 -31.43
CA HIS A 812 18.35 13.32 -30.28
C HIS A 812 17.36 12.41 -29.52
N LEU A 813 16.51 11.69 -30.26
CA LEU A 813 15.57 10.72 -29.67
C LEU A 813 16.30 9.67 -28.84
N TYR A 814 17.36 9.11 -29.42
CA TYR A 814 18.22 8.14 -28.74
C TYR A 814 18.65 8.67 -27.38
N GLU A 815 19.04 9.93 -27.33
CA GLU A 815 19.49 10.50 -26.06
C GLU A 815 18.32 10.81 -25.12
N MET A 816 17.20 11.31 -25.70
CA MET A 816 15.94 11.53 -24.99
C MET A 816 15.31 10.20 -24.46
N ASP A 817 15.55 9.08 -25.14
CA ASP A 817 15.23 7.79 -24.55
C ASP A 817 15.93 7.68 -23.19
N TYR A 818 17.26 7.79 -23.15
CA TYR A 818 17.98 7.65 -21.89
C TYR A 818 17.55 8.69 -20.88
N LEU A 819 17.29 9.93 -21.32
CA LEU A 819 16.99 11.00 -20.38
C LEU A 819 15.69 10.77 -19.60
N LYS A 820 14.68 10.24 -20.30
CA LYS A 820 13.36 9.98 -19.71
C LYS A 820 13.39 8.88 -18.65
N GLU A 821 14.04 7.78 -18.96
CA GLU A 821 14.14 6.68 -18.02
C GLU A 821 14.70 7.17 -16.69
N GLY A 822 15.96 7.58 -16.71
CA GLY A 822 16.66 7.89 -15.49
C GLY A 822 16.32 9.18 -14.76
N ILE A 823 15.33 9.94 -15.20
CA ILE A 823 15.04 11.18 -14.48
C ILE A 823 14.17 10.93 -13.23
N GLY A 824 13.42 9.83 -13.26
CA GLY A 824 12.73 9.33 -12.08
C GLY A 824 13.67 9.06 -10.90
N LEU A 825 14.98 9.03 -11.19
CA LEU A 825 16.02 8.79 -10.20
C LEU A 825 16.56 10.08 -9.61
N ARG A 826 15.94 11.19 -9.99
CA ARG A 826 16.34 12.52 -9.50
C ARG A 826 15.32 13.10 -8.50
N ALA A 827 14.22 12.38 -8.28
CA ALA A 827 13.14 12.84 -7.39
C ALA A 827 13.52 12.90 -5.89
N MET A 828 14.35 13.90 -5.52
CA MET A 828 14.64 14.20 -4.11
C MET A 828 13.58 15.17 -3.51
N ALA A 829 13.67 15.48 -2.22
CA ALA A 829 12.63 16.30 -1.59
C ALA A 829 12.59 17.75 -2.14
N GLN A 830 11.57 18.01 -2.97
CA GLN A 830 11.31 19.33 -3.62
C GLN A 830 12.27 19.69 -4.78
N ARG A 831 11.85 19.33 -5.99
CA ARG A 831 12.69 19.41 -7.20
C ARG A 831 11.88 19.29 -8.49
N ASP A 832 10.77 18.55 -8.44
CA ASP A 832 9.96 18.16 -9.61
C ASP A 832 10.81 17.69 -10.79
N PRO A 833 10.91 16.36 -10.93
CA PRO A 833 11.73 15.77 -11.99
C PRO A 833 11.30 16.19 -13.38
N LEU A 834 10.07 16.67 -13.54
CA LEU A 834 9.59 17.12 -14.84
C LEU A 834 10.26 18.43 -15.27
N VAL A 835 10.49 19.32 -14.30
CA VAL A 835 11.18 20.59 -14.52
C VAL A 835 12.64 20.38 -14.97
N GLU A 836 13.37 19.50 -14.27
CA GLU A 836 14.72 19.14 -14.67
C GLU A 836 14.80 18.50 -16.07
N TYR A 837 13.78 17.69 -16.39
CA TYR A 837 13.70 16.97 -17.65
C TYR A 837 13.42 17.94 -18.76
N GLN A 838 12.66 18.97 -18.45
CA GLN A 838 12.37 20.00 -19.43
C GLN A 838 13.60 20.82 -19.76
N ARG A 839 14.28 21.31 -18.72
CA ARG A 839 15.48 22.12 -18.82
C ARG A 839 16.43 21.44 -19.76
N GLU A 840 16.90 20.27 -19.33
CA GLU A 840 17.88 19.48 -20.05
C GLU A 840 17.43 19.01 -21.43
N GLY A 841 16.16 18.67 -21.55
CA GLY A 841 15.64 18.22 -22.82
C GLY A 841 15.62 19.38 -23.76
N TYR A 842 15.25 20.55 -23.24
CA TYR A 842 15.19 21.74 -24.09
C TYR A 842 16.57 22.24 -24.47
N ASP A 843 17.52 22.20 -23.53
CA ASP A 843 18.94 22.39 -23.88
C ASP A 843 19.41 21.52 -25.05
N MET A 844 19.36 20.20 -24.89
CA MET A 844 19.70 19.31 -25.99
C MET A 844 18.97 19.73 -27.27
N PHE A 845 17.73 20.16 -27.16
CA PHE A 845 16.95 20.44 -28.35
C PHE A 845 17.59 21.60 -29.11
N MET A 846 17.94 22.65 -28.35
CA MET A 846 18.57 23.85 -28.89
C MET A 846 19.97 23.60 -29.43
N ALA A 847 20.79 22.86 -28.67
CA ALA A 847 22.09 22.39 -29.12
C ALA A 847 21.92 21.68 -30.44
N MET A 848 20.96 20.77 -30.48
CA MET A 848 20.66 19.99 -31.66
C MET A 848 20.35 20.91 -32.82
N LEU A 849 19.57 21.94 -32.54
CA LEU A 849 19.18 22.84 -33.62
C LEU A 849 20.41 23.53 -34.23
N ASP A 850 21.30 24.07 -33.38
CA ASP A 850 22.55 24.69 -33.80
C ASP A 850 23.42 23.75 -34.64
N GLY A 851 23.68 22.55 -34.12
CA GLY A 851 24.42 21.57 -34.88
C GLY A 851 23.78 21.25 -36.23
N MET A 852 22.49 21.53 -36.34
CA MET A 852 21.77 21.20 -37.53
C MET A 852 22.16 22.20 -38.57
N LYS A 853 22.31 23.44 -38.11
CA LYS A 853 22.62 24.58 -38.96
C LYS A 853 24.05 24.44 -39.47
N GLU A 854 24.96 24.26 -38.53
CA GLU A 854 26.38 24.13 -38.80
C GLU A 854 26.68 23.09 -39.85
N GLU A 855 26.42 21.83 -39.50
CA GLU A 855 26.66 20.71 -40.38
C GLU A 855 25.99 20.88 -41.74
N SER A 856 24.88 21.58 -41.77
CA SER A 856 24.22 21.87 -43.02
C SER A 856 25.04 22.75 -43.97
N VAL A 857 25.55 23.89 -43.46
CA VAL A 857 26.41 24.70 -44.31
C VAL A 857 27.69 23.94 -44.74
N GLY A 858 28.31 23.19 -43.82
CA GLY A 858 29.41 22.34 -44.21
C GLY A 858 29.11 21.53 -45.46
N PHE A 859 28.25 20.52 -45.33
CA PHE A 859 27.82 19.67 -46.44
C PHE A 859 27.33 20.45 -47.67
N LEU A 860 26.71 21.60 -47.45
CA LEU A 860 26.27 22.42 -48.56
C LEU A 860 27.46 22.87 -49.41
N PHE A 861 28.55 23.27 -48.75
CA PHE A 861 29.71 23.83 -49.44
C PHE A 861 30.57 22.71 -49.99
N ASN A 862 30.72 21.64 -49.21
CA ASN A 862 31.71 20.66 -49.54
C ASN A 862 31.27 19.28 -50.01
N VAL A 863 29.98 18.95 -49.96
CA VAL A 863 29.58 17.56 -50.23
C VAL A 863 29.85 17.08 -51.66
N THR A 864 30.42 15.87 -51.77
CA THR A 864 30.59 15.18 -53.05
C THR A 864 29.26 15.17 -53.76
N VAL A 865 29.26 15.55 -55.03
CA VAL A 865 28.02 15.57 -55.81
C VAL A 865 28.09 14.47 -56.85
N ASP B 15 7.23 16.95 47.93
CA ASP B 15 7.45 18.42 47.69
C ASP B 15 8.70 18.96 48.40
N SER B 16 9.86 18.46 47.96
CA SER B 16 11.09 18.47 48.73
C SER B 16 12.15 19.47 48.21
N PRO B 17 13.09 19.83 49.07
CA PRO B 17 14.21 20.71 48.69
C PRO B 17 15.45 19.96 48.19
N ASP B 18 16.43 20.71 47.71
CA ASP B 18 17.59 20.15 47.06
C ASP B 18 18.90 20.66 47.61
N LEU B 19 18.89 21.83 48.22
CA LEU B 19 20.14 22.38 48.72
C LEU B 19 20.84 21.45 49.71
N GLY B 20 22.06 21.06 49.39
CA GLY B 20 22.85 20.24 50.29
C GLY B 20 22.34 18.82 50.36
N THR B 21 21.70 18.37 49.29
CA THR B 21 21.18 17.00 49.21
C THR B 21 21.81 16.29 48.05
N LEU B 22 22.58 15.25 48.35
CA LEU B 22 23.28 14.51 47.31
C LEU B 22 22.35 13.94 46.23
N VAL B 23 21.37 13.15 46.63
CA VAL B 23 20.52 12.51 45.66
C VAL B 23 19.30 13.40 45.42
N PRO B 24 19.03 13.73 44.15
CA PRO B 24 17.88 14.55 43.79
C PRO B 24 16.62 13.99 44.43
N ARG B 25 16.00 14.79 45.29
CA ARG B 25 14.99 14.28 46.21
C ARG B 25 13.68 13.94 45.52
N GLY B 26 13.08 14.89 44.81
CA GLY B 26 11.75 14.63 44.32
C GLY B 26 11.22 15.72 43.43
N SER B 27 11.03 16.90 44.00
CA SER B 27 10.69 18.06 43.18
C SER B 27 11.85 18.35 42.21
N MET B 28 13.07 18.42 42.74
CA MET B 28 14.28 18.57 41.93
C MET B 28 14.51 17.46 40.92
N ALA B 29 14.07 16.24 41.26
CA ALA B 29 14.22 15.08 40.38
C ALA B 29 13.40 15.25 39.09
N ASP B 30 12.16 15.71 39.25
CA ASP B 30 11.31 16.10 38.11
C ASP B 30 11.95 17.13 37.19
N ILE B 31 12.49 18.19 37.77
CA ILE B 31 13.11 19.23 36.95
C ILE B 31 14.19 18.63 36.06
N LEU B 32 14.92 17.64 36.58
CA LEU B 32 15.97 16.93 35.83
C LEU B 32 15.36 15.87 34.91
N SER B 33 14.46 15.05 35.46
CA SER B 33 13.82 13.95 34.74
C SER B 33 12.96 14.44 33.57
N LYS B 34 13.15 15.70 33.17
CA LYS B 34 12.25 16.33 32.20
C LYS B 34 12.89 17.43 31.37
N LEU B 35 13.85 18.15 31.96
CA LEU B 35 14.83 18.91 31.15
C LEU B 35 15.69 17.84 30.43
N LEU B 36 15.26 16.58 30.67
CA LEU B 36 15.81 15.37 30.08
C LEU B 36 15.48 15.35 28.59
N ARG B 37 14.21 15.19 28.28
CA ARG B 37 13.75 15.20 26.90
C ARG B 37 14.36 16.39 26.13
N LEU B 38 14.85 17.37 26.88
CA LEU B 38 15.35 18.61 26.30
C LEU B 38 16.85 18.63 26.01
N GLY B 39 17.54 17.52 26.32
CA GLY B 39 18.94 17.32 25.98
C GLY B 39 19.96 18.35 26.46
N GLU B 40 19.93 18.68 27.75
CA GLU B 40 20.93 19.60 28.33
C GLU B 40 21.94 18.86 29.17
N GLY B 41 21.51 17.74 29.76
CA GLY B 41 22.38 16.89 30.55
C GLY B 41 22.78 17.45 31.91
N ARG B 42 21.82 18.03 32.64
CA ARG B 42 22.07 18.39 34.04
C ARG B 42 21.93 17.13 34.90
N MET B 43 21.01 16.26 34.50
CA MET B 43 20.84 14.93 35.10
C MET B 43 22.12 14.13 35.10
N VAL B 44 22.79 14.11 33.94
CA VAL B 44 24.04 13.39 33.84
C VAL B 44 25.05 14.04 34.78
N LYS B 45 25.12 15.38 34.76
CA LYS B 45 26.02 16.12 35.65
C LYS B 45 25.75 15.78 37.12
N ARG B 46 24.45 15.73 37.47
CA ARG B 46 24.01 15.30 38.79
C ARG B 46 24.40 13.85 39.10
N LEU B 47 23.94 12.93 38.26
CA LEU B 47 24.27 11.54 38.40
C LEU B 47 25.78 11.38 38.57
N LYS B 48 26.58 12.15 37.83
CA LYS B 48 28.04 12.10 38.02
C LYS B 48 28.51 12.56 39.39
N LYS B 49 27.91 13.61 39.94
CA LYS B 49 28.28 14.03 41.30
C LYS B 49 28.03 12.92 42.32
N VAL B 50 26.82 12.33 42.29
CA VAL B 50 26.49 11.17 43.11
C VAL B 50 27.55 10.05 42.97
N ALA B 51 27.86 9.66 41.74
CA ALA B 51 28.92 8.69 41.50
C ALA B 51 30.27 9.07 42.14
N ASP B 52 30.72 10.32 41.93
CA ASP B 52 31.98 10.73 42.51
C ASP B 52 31.92 10.52 44.01
N TYR B 53 30.92 11.10 44.66
CA TYR B 53 30.79 10.96 46.11
C TYR B 53 30.82 9.49 46.55
N VAL B 54 30.08 8.62 45.88
CA VAL B 54 30.10 7.21 46.25
C VAL B 54 31.55 6.72 46.26
N GLY B 55 32.27 7.02 45.18
CA GLY B 55 33.67 6.68 45.04
C GLY B 55 34.53 7.09 46.24
N THR B 56 34.31 8.28 46.78
CA THR B 56 35.03 8.72 47.98
C THR B 56 34.75 7.89 49.25
N LEU B 57 33.84 6.91 49.19
CA LEU B 57 33.55 6.05 50.35
C LEU B 57 34.29 4.72 50.25
N SER B 58 35.09 4.59 49.20
CA SER B 58 35.68 3.33 48.79
C SER B 58 36.76 2.78 49.74
N ASP B 59 37.50 3.69 50.38
CA ASP B 59 38.45 3.29 51.42
C ASP B 59 37.71 2.66 52.60
N ASP B 60 36.66 3.35 53.06
CA ASP B 60 35.91 2.95 54.25
C ASP B 60 35.43 1.51 54.17
N VAL B 61 34.97 1.11 52.99
CA VAL B 61 34.49 -0.25 52.78
C VAL B 61 35.64 -1.23 52.52
N GLU B 62 36.66 -0.78 51.78
CA GLU B 62 37.85 -1.59 51.51
C GLU B 62 38.49 -2.11 52.81
N LYS B 63 38.54 -1.26 53.82
CA LYS B 63 39.10 -1.58 55.13
C LYS B 63 38.37 -2.65 55.94
N LEU B 64 37.28 -3.23 55.41
CA LEU B 64 36.43 -4.12 56.21
C LEU B 64 36.57 -5.59 55.85
N THR B 65 36.43 -6.48 56.84
CA THR B 65 36.39 -7.92 56.58
C THR B 65 35.16 -8.30 55.78
N ASP B 66 35.19 -9.47 55.18
CA ASP B 66 34.02 -10.04 54.54
C ASP B 66 32.82 -10.07 55.49
N ALA B 67 33.08 -10.32 56.78
CA ALA B 67 32.03 -10.47 57.78
C ALA B 67 31.49 -9.10 58.17
N GLU B 68 32.33 -8.09 58.00
CA GLU B 68 32.01 -6.71 58.34
C GLU B 68 31.20 -6.01 57.25
N LEU B 69 31.51 -6.33 55.99
CA LEU B 69 30.59 -6.17 54.86
C LEU B 69 29.49 -7.16 55.20
N ARG B 70 28.28 -6.99 54.73
CA ARG B 70 27.27 -8.05 54.95
C ARG B 70 26.65 -7.96 56.34
N ALA B 71 27.42 -7.50 57.30
CA ALA B 71 26.82 -7.00 58.52
C ALA B 71 26.21 -5.65 58.13
N LYS B 72 26.80 -5.02 57.12
CA LYS B 72 26.32 -3.71 56.66
C LYS B 72 24.86 -3.77 56.18
N THR B 73 24.48 -4.91 55.59
CA THR B 73 23.11 -5.15 55.18
C THR B 73 22.17 -4.98 56.38
N ASP B 74 22.53 -5.62 57.48
CA ASP B 74 21.76 -5.54 58.73
C ASP B 74 21.81 -4.15 59.38
N GLU B 75 22.94 -3.46 59.18
CA GLU B 75 23.08 -2.07 59.62
C GLU B 75 22.10 -1.21 58.86
N PHE B 76 22.16 -1.23 57.54
CA PHE B 76 21.26 -0.46 56.70
C PHE B 76 19.82 -0.79 57.04
N LYS B 77 19.53 -2.09 57.13
CA LYS B 77 18.17 -2.55 57.34
C LYS B 77 17.62 -1.93 58.62
N ARG B 78 18.49 -1.78 59.61
CA ARG B 78 18.07 -1.27 60.90
C ARG B 78 17.98 0.27 60.89
N ARG B 79 18.84 0.91 60.11
CA ARG B 79 18.82 2.36 59.94
C ARG B 79 17.59 2.80 59.17
N LEU B 80 16.96 1.84 58.49
CA LEU B 80 15.78 2.13 57.68
C LEU B 80 14.49 2.10 58.50
N ALA B 81 14.57 1.50 59.71
CA ALA B 81 13.39 1.27 60.55
C ALA B 81 13.37 2.06 61.87
N ASP B 82 14.54 2.48 62.34
CA ASP B 82 14.66 3.23 63.60
C ASP B 82 13.95 4.58 63.53
N GLN B 83 12.95 4.80 64.38
CA GLN B 83 12.06 5.97 64.20
C GLN B 83 12.65 7.24 64.82
N LYS B 84 13.68 7.07 65.65
CA LYS B 84 14.36 8.21 66.27
C LYS B 84 15.20 9.01 65.26
N ASN B 85 16.02 8.31 64.48
CA ASN B 85 16.87 8.95 63.49
C ASN B 85 16.56 8.41 62.10
N PRO B 86 15.43 8.84 61.54
CA PRO B 86 14.87 8.18 60.34
C PRO B 86 15.80 8.41 59.16
N GLU B 87 16.02 7.38 58.35
CA GLU B 87 16.82 7.52 57.13
C GLU B 87 16.03 6.85 56.04
N THR B 88 16.14 7.35 54.81
CA THR B 88 15.45 6.76 53.68
C THR B 88 16.43 5.99 52.76
N LEU B 89 15.92 5.40 51.69
CA LEU B 89 16.79 4.71 50.73
C LEU B 89 17.73 5.72 50.07
N ASP B 90 17.22 6.89 49.70
CA ASP B 90 18.06 7.97 49.17
C ASP B 90 19.19 8.28 50.16
N ASP B 91 18.84 8.38 51.45
CA ASP B 91 19.86 8.60 52.48
C ASP B 91 20.94 7.54 52.42
N LEU B 92 20.53 6.28 52.27
CA LEU B 92 21.45 5.17 52.31
C LEU B 92 22.23 4.93 51.02
N LEU B 93 21.83 5.58 49.92
CA LEU B 93 22.37 5.25 48.60
C LEU B 93 23.91 5.31 48.52
N PRO B 94 24.55 6.41 48.93
CA PRO B 94 26.01 6.47 48.91
C PRO B 94 26.60 5.21 49.54
N GLU B 95 26.28 4.97 50.81
CA GLU B 95 26.85 3.87 51.55
C GLU B 95 26.47 2.52 50.99
N ALA B 96 25.20 2.32 50.62
CA ALA B 96 24.82 0.98 50.17
C ALA B 96 25.50 0.63 48.83
N PHE B 97 25.55 1.60 47.92
CA PHE B 97 26.29 1.49 46.65
C PHE B 97 27.79 1.19 46.89
N ALA B 98 28.41 1.90 47.82
CA ALA B 98 29.78 1.60 48.15
C ALA B 98 29.91 0.13 48.56
N VAL B 99 29.03 -0.31 49.48
CA VAL B 99 29.01 -1.70 49.97
C VAL B 99 28.76 -2.73 48.83
N ALA B 100 27.80 -2.45 47.96
CA ALA B 100 27.48 -3.38 46.88
C ALA B 100 28.62 -3.43 45.89
N ARG B 101 29.25 -2.28 45.66
CA ARG B 101 30.33 -2.16 44.69
C ARG B 101 31.52 -2.97 45.16
N GLU B 102 31.85 -2.83 46.44
CA GLU B 102 32.99 -3.52 47.00
C GLU B 102 32.72 -5.02 47.02
N ALA B 103 31.47 -5.39 47.35
CA ALA B 103 31.07 -6.79 47.29
C ALA B 103 31.30 -7.35 45.89
N ALA B 104 30.76 -6.69 44.87
CA ALA B 104 30.94 -7.10 43.50
C ALA B 104 32.43 -7.36 43.20
N TRP B 105 33.30 -6.47 43.69
CA TRP B 105 34.72 -6.56 43.42
C TRP B 105 35.31 -7.84 44.06
N ARG B 106 35.01 -8.03 45.35
CA ARG B 106 35.48 -9.19 46.08
C ARG B 106 34.92 -10.50 45.56
N VAL B 107 33.69 -10.50 45.07
CA VAL B 107 33.03 -11.75 44.74
C VAL B 107 33.30 -12.17 43.28
N LEU B 108 33.12 -11.20 42.38
CA LEU B 108 33.22 -11.44 40.95
C LEU B 108 34.62 -11.12 40.43
N ASP B 109 35.38 -10.39 41.24
CA ASP B 109 36.67 -9.86 40.80
C ASP B 109 36.48 -8.76 39.75
N GLN B 110 35.30 -8.14 39.78
CA GLN B 110 34.96 -7.05 38.87
C GLN B 110 34.41 -5.91 39.69
N ARG B 111 35.08 -4.77 39.65
CA ARG B 111 34.62 -3.58 40.38
C ARG B 111 33.87 -2.65 39.45
N PRO B 112 32.59 -2.39 39.72
CA PRO B 112 31.81 -1.43 38.93
C PRO B 112 32.57 -0.13 38.70
N PHE B 113 32.66 0.26 37.43
CA PHE B 113 33.21 1.55 37.04
C PHE B 113 32.30 2.71 37.44
N ASP B 114 32.85 3.92 37.41
CA ASP B 114 32.11 5.11 37.76
C ASP B 114 30.82 5.32 36.94
N VAL B 115 30.93 5.11 35.64
CA VAL B 115 29.78 5.17 34.74
C VAL B 115 28.75 4.09 35.06
N GLN B 116 29.16 3.02 35.74
CA GLN B 116 28.19 2.06 36.26
C GLN B 116 27.45 2.61 37.49
N VAL B 117 28.17 3.32 38.36
CA VAL B 117 27.56 3.84 39.57
C VAL B 117 26.55 4.90 39.20
N MET B 118 26.86 5.64 38.14
CA MET B 118 25.95 6.65 37.61
C MET B 118 24.68 5.96 37.19
N GLY B 119 24.80 5.00 36.29
CA GLY B 119 23.67 4.24 35.82
C GLY B 119 22.86 3.63 36.94
N ALA B 120 23.57 3.18 37.99
CA ALA B 120 22.91 2.64 39.16
C ALA B 120 21.99 3.68 39.80
N ALA B 121 22.52 4.87 40.12
CA ALA B 121 21.71 6.00 40.62
C ALA B 121 20.48 6.28 39.75
N ALA B 122 20.71 6.40 38.44
CA ALA B 122 19.63 6.61 37.50
C ALA B 122 18.52 5.56 37.63
N LEU B 123 18.87 4.29 37.85
CA LEU B 123 17.86 3.25 38.01
C LEU B 123 17.18 3.29 39.37
N HIS B 124 17.90 3.68 40.41
CA HIS B 124 17.26 3.88 41.69
C HIS B 124 16.21 5.01 41.61
N LEU B 125 16.54 6.05 40.82
CA LEU B 125 15.66 7.19 40.61
C LEU B 125 14.51 6.87 39.66
N GLY B 126 14.28 5.61 39.34
CA GLY B 126 13.18 5.23 38.45
C GLY B 126 13.29 5.52 36.95
N ASN B 127 14.50 5.58 36.40
CA ASN B 127 14.65 5.87 34.96
C ASN B 127 15.17 4.72 34.14
N VAL B 128 15.05 4.85 32.81
CA VAL B 128 15.74 3.96 31.91
C VAL B 128 17.18 4.48 31.78
N ALA B 129 18.13 3.63 32.15
CA ALA B 129 19.52 3.97 31.94
C ALA B 129 19.96 3.44 30.57
N GLU B 130 20.19 4.31 29.60
CA GLU B 130 20.72 3.84 28.31
C GLU B 130 22.22 3.65 28.49
N MET B 131 22.61 2.39 28.50
CA MET B 131 24.00 2.01 28.77
C MET B 131 24.40 1.16 27.61
N LYS B 132 25.46 1.58 26.93
CA LYS B 132 25.86 0.91 25.71
C LYS B 132 26.29 -0.54 25.92
N THR B 133 26.19 -1.34 24.85
CA THR B 133 26.55 -2.76 24.94
C THR B 133 27.98 -2.91 25.39
N GLY B 134 28.17 -3.75 26.39
CA GLY B 134 29.50 -3.96 26.94
C GLY B 134 29.85 -2.95 28.01
N GLU B 135 28.83 -2.31 28.59
CA GLU B 135 29.02 -1.36 29.67
C GLU B 135 28.77 -2.00 31.05
N GLY B 136 28.26 -3.22 31.05
CA GLY B 136 28.00 -3.96 32.28
C GLY B 136 26.61 -3.89 32.87
N LYS B 137 25.59 -3.74 31.99
CA LYS B 137 24.15 -3.72 32.34
C LYS B 137 23.85 -4.58 33.57
N THR B 138 24.16 -5.87 33.45
CA THR B 138 23.85 -6.95 34.37
C THR B 138 24.39 -6.70 35.75
N LEU B 139 25.62 -6.17 35.80
CA LEU B 139 26.30 -5.91 37.05
C LEU B 139 25.85 -4.58 37.66
N THR B 140 25.80 -3.51 36.85
CA THR B 140 25.25 -2.21 37.27
C THR B 140 24.02 -2.40 38.14
N CYS B 141 23.04 -3.05 37.51
CA CYS B 141 21.86 -3.57 38.12
C CYS B 141 21.97 -3.95 39.60
N VAL B 142 23.07 -4.60 39.98
CA VAL B 142 23.22 -5.07 41.37
C VAL B 142 23.05 -3.93 42.38
N LEU B 143 23.63 -2.77 42.08
CA LEU B 143 23.58 -1.66 43.03
C LEU B 143 22.11 -1.20 43.41
N PRO B 144 21.28 -0.76 42.46
CA PRO B 144 19.89 -0.43 42.80
C PRO B 144 19.11 -1.64 43.32
N ALA B 145 19.45 -2.85 42.88
CA ALA B 145 18.70 -4.02 43.32
C ALA B 145 18.92 -4.32 44.81
N TYR B 146 20.18 -4.31 45.22
CA TYR B 146 20.57 -4.36 46.63
C TYR B 146 19.91 -3.24 47.47
N LEU B 147 20.10 -1.97 47.09
CA LEU B 147 19.61 -0.85 47.90
C LEU B 147 18.13 -1.01 48.17
N ASN B 148 17.35 -1.17 47.11
CA ASN B 148 15.90 -1.29 47.26
C ASN B 148 15.43 -2.58 47.91
N ALA B 149 16.27 -3.62 47.81
CA ALA B 149 15.93 -4.92 48.38
C ALA B 149 15.88 -4.82 49.89
N LEU B 150 16.63 -3.87 50.46
CA LEU B 150 16.64 -3.63 51.90
C LEU B 150 15.30 -3.22 52.48
N ALA B 151 14.53 -2.43 51.74
CA ALA B 151 13.19 -2.03 52.19
C ALA B 151 12.34 -3.25 52.55
N GLY B 152 12.76 -4.41 52.03
CA GLY B 152 12.14 -5.68 52.34
C GLY B 152 10.88 -6.06 51.59
N ASN B 153 10.59 -5.46 50.44
CA ASN B 153 9.37 -5.87 49.75
C ASN B 153 9.49 -6.69 48.48
N GLY B 154 10.72 -6.95 48.05
CA GLY B 154 10.95 -7.64 46.80
C GLY B 154 11.43 -6.66 45.76
N VAL B 155 12.30 -7.13 44.85
CA VAL B 155 12.71 -6.37 43.67
C VAL B 155 12.48 -7.34 42.52
N HIS B 156 11.83 -6.96 41.45
CA HIS B 156 11.75 -7.87 40.32
C HIS B 156 12.74 -7.46 39.22
N ILE B 157 13.49 -8.43 38.69
CA ILE B 157 14.44 -8.12 37.62
C ILE B 157 13.99 -8.84 36.38
N VAL B 158 13.59 -8.10 35.36
CA VAL B 158 13.01 -8.77 34.22
C VAL B 158 14.03 -8.95 33.10
N THR B 159 14.22 -10.20 32.70
CA THR B 159 15.04 -10.50 31.52
C THR B 159 14.24 -11.18 30.43
N VAL B 160 14.87 -11.27 29.26
CA VAL B 160 14.24 -11.58 28.00
C VAL B 160 13.87 -13.06 27.81
N ASN B 161 14.57 -13.99 28.47
CA ASN B 161 14.20 -15.41 28.45
C ASN B 161 14.65 -16.14 29.72
N ASP B 162 14.13 -17.36 29.92
CA ASP B 162 14.42 -18.15 31.11
C ASP B 162 15.91 -18.45 31.31
N TYR B 163 16.63 -18.71 30.21
CA TYR B 163 18.03 -19.05 30.32
C TYR B 163 18.73 -17.86 30.96
N LEU B 164 18.44 -16.65 30.48
CA LEU B 164 19.09 -15.46 31.03
C LEU B 164 18.64 -15.12 32.46
N ALA B 165 17.38 -15.42 32.78
CA ALA B 165 16.90 -15.12 34.10
C ALA B 165 17.65 -15.99 35.11
N LYS B 166 17.65 -17.31 34.87
CA LYS B 166 18.36 -18.26 35.72
C LYS B 166 19.84 -17.91 35.80
N ARG B 167 20.42 -17.61 34.65
CA ARG B 167 21.82 -17.30 34.61
C ARG B 167 22.15 -16.07 35.45
N ASP B 168 21.48 -14.94 35.19
CA ASP B 168 21.77 -13.70 35.89
C ASP B 168 21.50 -13.84 37.39
N SER B 169 20.44 -14.58 37.71
CA SER B 169 20.11 -14.79 39.11
C SER B 169 21.22 -15.55 39.85
N GLU B 170 21.80 -16.56 39.20
CA GLU B 170 22.89 -17.37 39.80
C GLU B 170 24.21 -16.62 39.80
N TRP B 171 24.49 -15.96 38.67
CA TRP B 171 25.68 -15.16 38.47
C TRP B 171 25.80 -14.04 39.45
N MET B 172 24.82 -13.14 39.45
CA MET B 172 24.87 -11.90 40.19
C MET B 172 24.42 -12.15 41.60
N GLY B 173 23.57 -13.17 41.75
CA GLY B 173 23.12 -13.62 43.06
C GLY B 173 24.27 -13.98 44.00
N ARG B 174 25.46 -14.20 43.44
CA ARG B 174 26.65 -14.35 44.23
C ARG B 174 26.87 -13.05 45.00
N VAL B 175 26.86 -11.92 44.31
CA VAL B 175 27.10 -10.67 45.03
C VAL B 175 26.03 -10.39 46.09
N HIS B 176 24.76 -10.57 45.72
CA HIS B 176 23.64 -10.36 46.65
C HIS B 176 23.71 -11.29 47.86
N ARG B 177 24.04 -12.55 47.58
CA ARG B 177 24.13 -13.61 48.60
C ARG B 177 25.28 -13.34 49.58
N PHE B 178 26.43 -12.92 49.03
CA PHE B 178 27.56 -12.49 49.84
C PHE B 178 27.19 -11.41 50.84
N LEU B 179 26.11 -10.67 50.54
CA LEU B 179 25.70 -9.50 51.30
C LEU B 179 24.49 -9.80 52.18
N GLY B 180 24.18 -11.07 52.34
CA GLY B 180 23.09 -11.44 53.23
C GLY B 180 21.78 -11.70 52.53
N LEU B 181 21.56 -11.14 51.36
CA LEU B 181 20.27 -11.28 50.71
C LEU B 181 20.08 -12.63 50.06
N GLN B 182 18.81 -12.99 49.85
CA GLN B 182 18.36 -14.22 49.22
C GLN B 182 17.79 -13.91 47.82
N VAL B 183 18.26 -14.61 46.78
CA VAL B 183 17.88 -14.32 45.40
C VAL B 183 17.04 -15.47 44.81
N GLY B 184 16.00 -15.12 44.05
CA GLY B 184 15.08 -16.10 43.46
C GLY B 184 15.02 -16.03 41.94
N VAL B 185 14.52 -17.09 41.30
CA VAL B 185 14.27 -17.01 39.87
C VAL B 185 13.01 -17.72 39.65
N ILE B 186 12.12 -17.13 38.85
CA ILE B 186 10.98 -17.87 38.32
C ILE B 186 11.28 -18.34 36.87
N LEU B 187 10.79 -19.52 36.53
CA LEU B 187 11.01 -20.09 35.20
C LEU B 187 9.74 -20.77 34.72
N ALA B 188 9.63 -21.00 33.42
CA ALA B 188 8.40 -21.61 32.87
C ALA B 188 7.98 -22.92 33.57
N THR B 189 8.96 -23.68 34.03
CA THR B 189 8.69 -25.03 34.51
C THR B 189 8.25 -25.08 35.97
N MET B 190 8.56 -24.06 36.76
CA MET B 190 8.34 -24.13 38.21
C MET B 190 6.88 -24.33 38.60
N THR B 191 6.69 -24.89 39.79
CA THR B 191 5.35 -25.11 40.33
C THR B 191 4.96 -23.93 41.19
N PRO B 192 3.67 -23.83 41.50
CA PRO B 192 3.19 -22.73 42.35
C PRO B 192 3.97 -22.63 43.67
N ASP B 193 4.38 -23.74 44.28
CA ASP B 193 5.15 -23.67 45.54
C ASP B 193 6.54 -23.11 45.35
N GLU B 194 7.14 -23.46 44.21
CA GLU B 194 8.54 -23.14 43.94
C GLU B 194 8.58 -21.66 43.67
N ARG B 195 7.61 -21.21 42.87
CA ARG B 195 7.40 -19.80 42.57
C ARG B 195 7.26 -18.97 43.85
N ARG B 196 6.37 -19.39 44.75
CA ARG B 196 6.23 -18.77 46.04
C ARG B 196 7.59 -18.42 46.69
N VAL B 197 8.42 -19.43 46.92
CA VAL B 197 9.76 -19.23 47.47
C VAL B 197 10.57 -18.17 46.73
N ALA B 198 10.48 -18.20 45.39
CA ALA B 198 11.28 -17.33 44.57
C ALA B 198 10.80 -15.89 44.78
N TYR B 199 9.49 -15.73 44.86
CA TYR B 199 8.88 -14.44 45.13
C TYR B 199 9.12 -13.95 46.58
N ASN B 200 9.34 -14.88 47.51
CA ASN B 200 9.65 -14.51 48.89
C ASN B 200 11.11 -14.12 49.10
N ALA B 201 11.95 -14.36 48.09
CA ALA B 201 13.35 -13.92 48.13
C ALA B 201 13.40 -12.40 48.20
N ASP B 202 14.56 -11.84 48.56
CA ASP B 202 14.70 -10.39 48.55
C ASP B 202 14.71 -9.82 47.15
N ILE B 203 15.20 -10.58 46.17
CA ILE B 203 15.28 -10.11 44.78
C ILE B 203 14.86 -11.29 43.94
N THR B 204 14.05 -11.05 42.90
CA THR B 204 13.55 -12.12 42.06
C THR B 204 13.78 -11.80 40.60
N TYR B 205 14.47 -12.69 39.87
CA TYR B 205 14.63 -12.58 38.42
C TYR B 205 13.54 -13.39 37.70
N GLY B 206 13.29 -13.09 36.43
CA GLY B 206 12.25 -13.75 35.64
C GLY B 206 11.96 -13.03 34.32
N THR B 207 11.10 -13.64 33.50
CA THR B 207 10.65 -13.03 32.26
C THR B 207 9.34 -12.24 32.42
N ASN B 208 9.09 -11.30 31.52
CA ASN B 208 7.82 -10.61 31.56
C ASN B 208 6.72 -11.63 31.51
N ASN B 209 6.94 -12.66 30.73
CA ASN B 209 5.98 -13.74 30.62
C ASN B 209 5.62 -14.34 31.97
N GLU B 210 6.62 -14.84 32.69
CA GLU B 210 6.36 -15.53 33.94
C GLU B 210 5.73 -14.57 34.97
N PHE B 211 6.32 -13.39 35.13
CA PHE B 211 5.74 -12.33 35.99
C PHE B 211 4.28 -12.04 35.63
N GLY B 212 4.04 -11.74 34.36
CA GLY B 212 2.69 -11.49 33.89
C GLY B 212 1.71 -12.62 34.18
N PHE B 213 2.09 -13.86 33.88
CA PHE B 213 1.12 -14.94 34.00
C PHE B 213 0.87 -15.28 35.45
N ASP B 214 1.93 -15.19 36.26
CA ASP B 214 1.80 -15.43 37.68
C ASP B 214 0.73 -14.47 38.21
N TYR B 215 0.84 -13.20 37.80
CA TYR B 215 -0.14 -12.20 38.16
C TYR B 215 -1.51 -12.62 37.67
N LEU B 216 -1.59 -13.15 36.45
CA LEU B 216 -2.89 -13.57 35.95
C LEU B 216 -3.44 -14.73 36.74
N ARG B 217 -2.61 -15.71 37.04
CA ARG B 217 -3.06 -16.90 37.77
C ARG B 217 -3.46 -16.56 39.21
N ASP B 218 -2.69 -15.66 39.82
CA ASP B 218 -3.01 -15.11 41.14
C ASP B 218 -4.44 -14.60 41.17
N ASN B 219 -4.80 -13.76 40.20
CA ASN B 219 -6.12 -13.12 40.26
C ASN B 219 -7.26 -14.04 39.78
N MET B 220 -6.90 -15.32 39.59
CA MET B 220 -7.85 -16.37 39.29
C MET B 220 -7.87 -17.40 40.41
N ALA B 221 -6.94 -17.27 41.35
CA ALA B 221 -6.79 -18.21 42.46
C ALA B 221 -8.06 -18.38 43.30
N HIS B 222 -8.23 -19.55 43.90
CA HIS B 222 -9.40 -19.78 44.73
C HIS B 222 -9.11 -19.76 46.23
N SER B 223 -7.84 -19.78 46.60
CA SER B 223 -7.46 -19.62 48.00
C SER B 223 -6.22 -18.76 48.17
N LEU B 224 -6.26 -17.87 49.15
CA LEU B 224 -5.15 -16.98 49.48
C LEU B 224 -3.80 -17.71 49.55
N ASP B 225 -3.85 -19.01 49.81
CA ASP B 225 -2.67 -19.86 49.90
C ASP B 225 -2.04 -20.18 48.56
N ASP B 226 -2.77 -19.94 47.49
CA ASP B 226 -2.31 -20.28 46.16
C ASP B 226 -1.60 -19.13 45.48
N LEU B 227 -1.85 -17.92 45.97
CA LEU B 227 -1.13 -16.71 45.55
C LEU B 227 0.39 -16.92 45.61
N VAL B 228 1.08 -16.56 44.54
CA VAL B 228 2.52 -16.76 44.51
C VAL B 228 3.30 -15.44 44.64
N GLN B 229 2.77 -14.36 44.08
CA GLN B 229 3.46 -13.07 44.11
C GLN B 229 3.20 -12.35 45.42
N ARG B 230 3.95 -11.28 45.69
CA ARG B 230 3.68 -10.52 46.90
C ARG B 230 3.68 -9.01 46.62
N GLY B 231 2.88 -8.56 45.66
CA GLY B 231 2.91 -7.15 45.34
C GLY B 231 3.88 -6.72 44.26
N HIS B 232 3.82 -5.46 43.84
CA HIS B 232 4.63 -4.97 42.74
C HIS B 232 5.31 -3.70 43.16
N HIS B 233 6.50 -3.87 43.71
CA HIS B 233 7.10 -2.78 44.40
C HIS B 233 8.11 -2.07 43.54
N TYR B 234 9.10 -2.81 43.05
CA TYR B 234 10.14 -2.26 42.20
C TYR B 234 10.47 -3.27 41.10
N ALA B 235 10.52 -2.82 39.86
CA ALA B 235 10.86 -3.70 38.77
C ALA B 235 11.93 -3.04 37.93
N ILE B 236 13.01 -3.76 37.68
CA ILE B 236 14.07 -3.27 36.80
C ILE B 236 13.96 -4.08 35.54
N VAL B 237 13.61 -3.45 34.44
CA VAL B 237 13.36 -4.22 33.23
C VAL B 237 14.62 -4.20 32.39
N ASP B 238 15.33 -5.32 32.39
CA ASP B 238 16.50 -5.48 31.55
C ASP B 238 16.04 -5.51 30.09
N GLU B 239 16.92 -5.14 29.15
CA GLU B 239 16.46 -4.96 27.75
C GLU B 239 15.09 -4.21 27.61
N VAL B 240 14.95 -3.00 28.17
CA VAL B 240 13.63 -2.32 28.24
C VAL B 240 12.95 -2.13 26.91
N ASP B 241 13.70 -1.75 25.88
CA ASP B 241 13.08 -1.52 24.59
C ASP B 241 12.49 -2.80 24.04
N SER B 242 13.12 -3.93 24.33
CA SER B 242 12.61 -5.18 23.80
C SER B 242 11.31 -5.62 24.47
N ILE B 243 11.24 -5.45 25.78
CA ILE B 243 10.09 -5.88 26.57
C ILE B 243 8.96 -4.86 26.55
N LEU B 244 9.26 -3.60 26.91
CA LEU B 244 8.22 -2.58 27.09
C LEU B 244 7.77 -1.93 25.78
N ILE B 245 8.65 -1.90 24.78
CA ILE B 245 8.26 -1.38 23.46
C ILE B 245 7.89 -2.57 22.59
N ASP B 246 8.90 -3.26 22.04
CA ASP B 246 8.69 -4.37 21.13
C ASP B 246 7.71 -5.47 21.53
N GLU B 247 7.90 -6.11 22.66
CA GLU B 247 7.04 -7.24 23.05
C GLU B 247 5.63 -6.78 23.46
N ALA B 248 5.50 -5.49 23.72
CA ALA B 248 4.24 -4.88 24.15
C ALA B 248 3.11 -4.99 23.14
N ARG B 249 3.40 -5.34 21.89
CA ARG B 249 2.37 -5.41 20.86
C ARG B 249 1.38 -6.56 21.07
N THR B 250 1.78 -7.54 21.89
CA THR B 250 1.02 -8.77 22.18
C THR B 250 0.57 -8.80 23.64
N PRO B 251 -0.69 -9.10 23.92
CA PRO B 251 -1.15 -9.22 25.30
C PRO B 251 -0.86 -10.62 25.82
N LEU B 252 -0.95 -10.84 27.14
CA LEU B 252 -0.80 -12.18 27.72
C LEU B 252 -2.20 -12.66 27.97
N ILE B 253 -2.52 -13.85 27.47
CA ILE B 253 -3.83 -14.42 27.61
C ILE B 253 -3.77 -15.83 28.13
N ILE B 254 -4.35 -16.07 29.30
CA ILE B 254 -4.71 -17.43 29.70
C ILE B 254 -6.05 -17.72 29.06
N SER B 255 -6.12 -18.73 28.23
CA SER B 255 -7.39 -19.12 27.66
C SER B 255 -7.77 -20.52 28.11
N GLY B 256 -9.00 -20.91 27.79
CA GLY B 256 -9.61 -22.11 28.31
C GLY B 256 -11.02 -22.27 27.77
N PRO B 257 -11.62 -23.43 28.04
CA PRO B 257 -12.99 -23.74 27.57
C PRO B 257 -14.09 -22.96 28.34
N ALA B 258 -15.29 -22.89 27.77
CA ALA B 258 -16.46 -22.26 28.40
C ALA B 258 -16.60 -22.51 29.94
N ASP B 259 -16.34 -23.75 30.36
CA ASP B 259 -16.53 -24.24 31.74
C ASP B 259 -17.96 -24.71 32.01
N GLY B 260 -18.50 -25.50 31.08
CA GLY B 260 -19.81 -26.12 31.23
C GLY B 260 -21.01 -25.22 30.95
N ALA B 261 -22.11 -25.51 31.64
CA ALA B 261 -23.41 -24.82 31.50
C ALA B 261 -24.18 -25.10 30.20
N SER B 262 -23.70 -26.02 29.38
CA SER B 262 -24.36 -26.36 28.11
C SER B 262 -25.48 -27.37 28.28
N ASN B 263 -25.32 -28.30 29.22
CA ASN B 263 -26.41 -29.24 29.51
C ASN B 263 -27.70 -28.55 29.98
N TRP B 264 -27.55 -27.37 30.62
CA TRP B 264 -28.72 -26.65 31.11
C TRP B 264 -29.46 -26.00 29.97
N TYR B 265 -28.72 -25.37 29.07
CA TYR B 265 -29.33 -24.71 27.93
C TYR B 265 -30.18 -25.71 27.19
N THR B 266 -29.63 -26.90 26.98
CA THR B 266 -30.35 -27.95 26.28
C THR B 266 -31.54 -28.46 27.11
N GLU B 267 -31.33 -28.57 28.42
CA GLU B 267 -32.36 -29.06 29.31
C GLU B 267 -33.54 -28.10 29.40
N PHE B 268 -33.26 -26.80 29.39
CA PHE B 268 -34.34 -25.85 29.55
C PHE B 268 -35.03 -25.61 28.23
N ALA B 269 -34.28 -25.67 27.13
CA ALA B 269 -34.85 -25.62 25.81
C ALA B 269 -35.88 -26.73 25.60
N ARG B 270 -35.75 -27.82 26.36
CA ARG B 270 -36.67 -28.94 26.27
C ARG B 270 -37.82 -28.73 27.28
N LEU B 271 -37.52 -28.18 28.45
CA LEU B 271 -38.58 -27.88 29.40
C LEU B 271 -39.51 -26.79 28.89
N ALA B 272 -38.95 -25.69 28.40
CA ALA B 272 -39.75 -24.50 28.09
C ALA B 272 -40.97 -24.80 27.23
N PRO B 273 -40.83 -25.56 26.16
CA PRO B 273 -41.98 -25.91 25.32
C PRO B 273 -43.01 -26.88 25.97
N LEU B 274 -42.66 -27.61 27.03
CA LEU B 274 -43.67 -28.39 27.75
C LEU B 274 -44.48 -27.53 28.71
N MET B 275 -44.52 -26.21 28.47
CA MET B 275 -45.08 -25.30 29.46
C MET B 275 -46.14 -24.39 28.85
N GLU B 276 -47.38 -24.58 29.31
CA GLU B 276 -48.55 -23.79 28.89
C GLU B 276 -48.45 -22.35 29.36
N LYS B 277 -48.46 -21.43 28.40
CA LYS B 277 -48.54 -20.00 28.68
C LYS B 277 -49.80 -19.66 29.47
N ASP B 278 -49.66 -18.75 30.43
CA ASP B 278 -50.73 -18.31 31.33
C ASP B 278 -51.10 -19.35 32.39
N VAL B 279 -50.64 -20.59 32.19
CA VAL B 279 -50.80 -21.67 33.18
C VAL B 279 -49.54 -21.87 34.02
N HIS B 280 -48.37 -21.97 33.37
CA HIS B 280 -47.10 -22.12 34.07
C HIS B 280 -46.36 -20.79 34.23
N TYR B 281 -46.58 -19.85 33.30
CA TYR B 281 -45.86 -18.57 33.26
C TYR B 281 -46.70 -17.55 32.54
N GLU B 282 -46.36 -16.27 32.67
CA GLU B 282 -46.99 -15.21 31.89
C GLU B 282 -45.96 -14.40 31.10
N VAL B 283 -46.42 -13.78 30.02
CA VAL B 283 -45.55 -12.96 29.16
C VAL B 283 -46.07 -11.53 29.19
N ASP B 284 -45.18 -10.56 29.44
CA ASP B 284 -45.52 -9.14 29.29
C ASP B 284 -45.05 -8.68 27.90
N LEU B 285 -45.95 -8.77 26.92
CA LEU B 285 -45.59 -8.62 25.52
C LEU B 285 -44.93 -7.28 25.16
N ARG B 286 -45.05 -6.29 26.03
CA ARG B 286 -44.52 -4.96 25.70
C ARG B 286 -43.52 -4.39 26.71
N LYS B 287 -43.52 -4.87 27.95
CA LYS B 287 -42.36 -4.63 28.83
C LYS B 287 -41.17 -5.49 28.35
N ARG B 288 -41.50 -6.55 27.60
CA ARG B 288 -40.57 -7.53 27.01
C ARG B 288 -39.92 -8.41 28.09
N THR B 289 -40.77 -9.09 28.85
CA THR B 289 -40.41 -9.74 30.09
C THR B 289 -41.20 -11.04 30.24
N VAL B 290 -40.70 -11.94 31.09
CA VAL B 290 -41.39 -13.20 31.37
C VAL B 290 -41.39 -13.43 32.88
N GLY B 291 -42.54 -13.82 33.43
CA GLY B 291 -42.66 -14.18 34.83
C GLY B 291 -43.21 -15.57 35.02
N VAL B 292 -42.60 -16.35 35.90
CA VAL B 292 -42.99 -17.75 36.10
C VAL B 292 -43.86 -17.94 37.37
N HIS B 293 -45.01 -18.61 37.19
CA HIS B 293 -46.00 -18.85 38.24
C HIS B 293 -45.60 -20.01 39.14
N GLU B 294 -46.32 -20.12 40.27
CA GLU B 294 -46.16 -21.22 41.23
C GLU B 294 -46.16 -22.60 40.58
N LYS B 295 -47.11 -22.85 39.69
CA LYS B 295 -47.20 -24.13 39.01
C LYS B 295 -45.95 -24.38 38.15
N GLY B 296 -45.45 -23.32 37.51
CA GLY B 296 -44.26 -23.35 36.67
C GLY B 296 -43.01 -23.67 37.47
N VAL B 297 -42.79 -22.96 38.57
CA VAL B 297 -41.70 -23.28 39.48
C VAL B 297 -41.75 -24.76 39.87
N GLU B 298 -42.92 -25.18 40.37
CA GLU B 298 -43.11 -26.55 40.84
C GLU B 298 -42.89 -27.57 39.74
N PHE B 299 -43.43 -27.31 38.55
CA PHE B 299 -43.21 -28.19 37.40
C PHE B 299 -41.72 -28.41 37.11
N VAL B 300 -40.95 -27.32 37.07
CA VAL B 300 -39.49 -27.38 36.82
C VAL B 300 -38.79 -28.12 37.97
N GLU B 301 -39.25 -27.88 39.20
CA GLU B 301 -38.72 -28.51 40.40
C GLU B 301 -38.81 -30.04 40.37
N ASP B 302 -39.96 -30.54 39.93
CA ASP B 302 -40.21 -31.97 39.96
C ASP B 302 -39.55 -32.65 38.78
N GLN B 303 -39.40 -31.90 37.69
CA GLN B 303 -38.74 -32.41 36.50
C GLN B 303 -37.22 -32.59 36.75
N LEU B 304 -36.70 -31.91 37.77
CA LEU B 304 -35.28 -31.99 38.11
C LEU B 304 -35.04 -32.56 39.50
N GLY B 305 -36.12 -32.94 40.19
CA GLY B 305 -36.04 -33.55 41.52
C GLY B 305 -35.31 -32.65 42.50
N ILE B 306 -35.67 -31.37 42.45
CA ILE B 306 -35.00 -30.32 43.19
C ILE B 306 -36.08 -29.67 44.06
N ASP B 307 -35.70 -29.07 45.17
CA ASP B 307 -36.70 -28.47 46.05
C ASP B 307 -36.73 -26.94 46.03
N ASN B 308 -35.79 -26.35 45.27
CA ASN B 308 -35.66 -24.89 45.12
C ASN B 308 -34.72 -24.62 43.96
N LEU B 309 -35.06 -23.66 43.10
CA LEU B 309 -34.25 -23.45 41.91
C LEU B 309 -32.91 -22.72 42.18
N TYR B 310 -32.78 -22.14 43.37
CA TYR B 310 -31.51 -21.55 43.81
C TYR B 310 -30.73 -22.47 44.76
N GLU B 311 -31.10 -23.76 44.81
CA GLU B 311 -30.49 -24.72 45.75
C GLU B 311 -29.08 -25.22 45.40
N ALA B 312 -28.91 -25.80 44.21
CA ALA B 312 -27.59 -26.28 43.81
C ALA B 312 -26.65 -25.11 43.40
N ALA B 313 -25.61 -24.92 44.20
CA ALA B 313 -24.65 -23.82 44.01
C ALA B 313 -24.13 -23.87 42.61
N ASN B 314 -24.03 -22.69 41.99
CA ASN B 314 -23.42 -22.56 40.67
C ASN B 314 -24.22 -23.21 39.53
N SER B 315 -25.54 -23.19 39.65
CA SER B 315 -26.42 -23.50 38.54
C SER B 315 -27.56 -22.48 38.62
N PRO B 316 -27.44 -21.34 37.95
CA PRO B 316 -28.44 -20.27 38.10
C PRO B 316 -29.76 -20.60 37.38
N LEU B 317 -30.45 -21.62 37.88
CA LEU B 317 -31.58 -22.24 37.19
C LEU B 317 -32.76 -21.30 36.92
N VAL B 318 -32.83 -20.21 37.70
CA VAL B 318 -33.83 -19.18 37.48
C VAL B 318 -33.56 -18.46 36.15
N SER B 319 -32.32 -18.04 35.94
CA SER B 319 -31.96 -17.36 34.70
C SER B 319 -32.18 -18.27 33.51
N TYR B 320 -31.71 -19.52 33.62
CA TYR B 320 -31.80 -20.44 32.51
C TYR B 320 -33.25 -20.59 32.10
N LEU B 321 -34.12 -20.84 33.10
CA LEU B 321 -35.56 -20.99 32.86
C LEU B 321 -36.12 -19.74 32.20
N ASN B 322 -35.99 -18.61 32.88
CA ASN B 322 -36.46 -17.35 32.38
C ASN B 322 -36.01 -17.10 30.94
N ASN B 323 -34.70 -17.26 30.71
CA ASN B 323 -34.11 -17.09 29.40
C ASN B 323 -34.75 -17.97 28.35
N ALA B 324 -35.00 -19.23 28.71
CA ALA B 324 -35.61 -20.17 27.79
C ALA B 324 -37.03 -19.74 27.46
N LEU B 325 -37.77 -19.22 28.44
CA LEU B 325 -39.11 -18.69 28.15
C LEU B 325 -39.08 -17.45 27.27
N LYS B 326 -38.16 -16.52 27.55
CA LYS B 326 -37.93 -15.39 26.62
C LYS B 326 -37.64 -15.91 25.21
N ALA B 327 -36.76 -16.92 25.10
CA ALA B 327 -36.45 -17.51 23.81
C ALA B 327 -37.70 -18.02 23.08
N LYS B 328 -38.56 -18.73 23.81
CA LYS B 328 -39.80 -19.27 23.27
C LYS B 328 -40.78 -18.18 22.85
N GLU B 329 -40.97 -17.20 23.74
CA GLU B 329 -42.07 -16.25 23.63
C GLU B 329 -41.71 -14.93 22.96
N LEU B 330 -40.51 -14.42 23.21
CA LEU B 330 -40.18 -13.04 22.83
C LEU B 330 -39.28 -12.86 21.60
N PHE B 331 -38.69 -13.95 21.12
CA PHE B 331 -37.79 -13.89 19.98
C PHE B 331 -38.29 -14.85 18.93
N SER B 332 -38.43 -14.31 17.73
CA SER B 332 -39.16 -14.98 16.66
C SER B 332 -38.23 -15.33 15.52
N ARG B 333 -38.25 -16.59 15.12
CA ARG B 333 -37.37 -17.07 14.05
C ARG B 333 -37.78 -16.53 12.68
N ASP B 334 -36.84 -15.88 12.01
CA ASP B 334 -37.06 -15.28 10.69
C ASP B 334 -37.66 -13.89 10.81
N LYS B 335 -37.90 -13.47 12.06
CA LYS B 335 -38.33 -12.12 12.37
C LYS B 335 -37.13 -11.35 12.94
N ASP B 336 -36.62 -11.83 14.07
CA ASP B 336 -35.49 -11.17 14.76
C ASP B 336 -34.12 -11.76 14.39
N TYR B 337 -34.11 -13.06 14.09
CA TYR B 337 -32.87 -13.77 13.83
C TYR B 337 -33.15 -14.89 12.83
N ILE B 338 -32.09 -15.41 12.21
CA ILE B 338 -32.24 -16.58 11.33
C ILE B 338 -31.18 -17.61 11.68
N VAL B 339 -31.42 -18.89 11.38
CA VAL B 339 -30.44 -19.96 11.64
C VAL B 339 -29.72 -20.35 10.34
N ARG B 340 -28.40 -20.51 10.37
CA ARG B 340 -27.67 -20.68 9.09
C ARG B 340 -26.56 -21.72 9.01
N ASP B 341 -25.97 -22.11 10.13
CA ASP B 341 -24.93 -23.11 10.08
C ASP B 341 -24.65 -23.57 11.44
N GLY B 342 -25.74 -23.85 12.16
CA GLY B 342 -25.70 -23.96 13.61
C GLY B 342 -25.29 -22.61 14.17
N GLU B 343 -25.82 -21.55 13.57
CA GLU B 343 -25.44 -20.21 13.94
C GLU B 343 -26.69 -19.38 14.05
N VAL B 344 -26.85 -18.74 15.18
CA VAL B 344 -27.93 -17.79 15.35
C VAL B 344 -27.41 -16.42 14.90
N LEU B 345 -27.97 -15.94 13.81
CA LEU B 345 -27.55 -14.68 13.24
C LEU B 345 -28.69 -13.71 13.31
N ILE B 346 -28.46 -12.59 13.99
CA ILE B 346 -29.51 -11.60 14.17
C ILE B 346 -29.74 -10.81 12.90
N VAL B 347 -31.01 -10.61 12.55
CA VAL B 347 -31.38 -9.81 11.39
C VAL B 347 -32.14 -8.55 11.79
N ASP B 348 -31.95 -7.49 10.98
CA ASP B 348 -32.60 -6.18 11.15
C ASP B 348 -34.15 -6.25 11.20
N GLU B 349 -34.77 -5.20 11.77
CA GLU B 349 -36.22 -5.16 12.01
C GLU B 349 -37.04 -5.60 10.79
N PHE B 350 -37.07 -4.75 9.75
CA PHE B 350 -37.72 -5.10 8.47
C PHE B 350 -36.83 -4.85 7.23
N THR B 351 -35.54 -4.52 7.44
CA THR B 351 -34.54 -4.66 6.39
C THR B 351 -34.40 -6.14 6.01
N GLY B 352 -34.29 -7.02 7.01
CA GLY B 352 -34.28 -8.47 6.80
C GLY B 352 -32.87 -9.01 6.61
N ARG B 353 -31.87 -8.16 6.81
CA ARG B 353 -30.49 -8.49 6.45
C ARG B 353 -29.57 -8.69 7.66
N VAL B 354 -28.83 -9.82 7.66
CA VAL B 354 -27.91 -10.23 8.73
C VAL B 354 -27.03 -9.12 9.29
N LEU B 355 -27.28 -8.71 10.54
CA LEU B 355 -26.39 -7.77 11.25
C LEU B 355 -25.18 -8.55 11.70
N ILE B 356 -24.11 -8.52 10.92
CA ILE B 356 -22.99 -9.42 11.20
C ILE B 356 -22.23 -8.98 12.46
N GLY B 357 -21.77 -9.97 13.24
CA GLY B 357 -20.99 -9.71 14.43
C GLY B 357 -21.78 -9.65 15.71
N ARG B 358 -23.10 -9.49 15.57
CA ARG B 358 -24.01 -9.25 16.68
C ARG B 358 -24.66 -10.50 17.27
N ARG B 359 -24.38 -10.81 18.54
CA ARG B 359 -25.12 -11.86 19.27
C ARG B 359 -25.93 -11.34 20.47
N TYR B 360 -26.83 -12.18 20.98
CA TYR B 360 -27.74 -11.81 22.05
C TYR B 360 -27.11 -11.82 23.43
N ASN B 361 -27.78 -11.21 24.42
CA ASN B 361 -27.12 -10.89 25.69
C ASN B 361 -27.47 -11.67 26.95
N GLU B 362 -26.48 -11.80 27.84
CA GLU B 362 -26.66 -12.43 29.16
C GLU B 362 -27.21 -13.88 29.07
N GLY B 363 -26.49 -14.73 28.31
CA GLY B 363 -26.88 -16.12 28.05
C GLY B 363 -28.16 -16.36 27.22
N MET B 364 -28.69 -15.30 26.62
CA MET B 364 -29.88 -15.42 25.80
C MET B 364 -29.56 -16.03 24.46
N HIS B 365 -28.38 -15.69 23.93
CA HIS B 365 -27.90 -16.27 22.67
C HIS B 365 -27.90 -17.77 22.76
N GLN B 366 -27.19 -18.33 23.75
CA GLN B 366 -27.21 -19.77 24.05
C GLN B 366 -28.62 -20.39 24.11
N ALA B 367 -29.53 -19.75 24.84
CA ALA B 367 -30.92 -20.20 24.94
C ALA B 367 -31.58 -20.23 23.57
N ILE B 368 -31.41 -19.17 22.78
CA ILE B 368 -31.95 -19.20 21.42
C ILE B 368 -31.35 -20.34 20.62
N GLU B 369 -30.03 -20.50 20.68
CA GLU B 369 -29.37 -21.65 20.08
C GLU B 369 -30.05 -22.94 20.50
N ALA B 370 -30.24 -23.12 21.80
CA ALA B 370 -30.79 -24.35 22.32
C ALA B 370 -32.23 -24.55 21.82
N LYS B 371 -33.01 -23.48 21.87
CA LYS B 371 -34.35 -23.46 21.29
C LYS B 371 -34.38 -24.02 19.86
N GLU B 372 -33.47 -23.56 18.99
CA GLU B 372 -33.44 -24.01 17.59
C GLU B 372 -32.69 -25.35 17.37
N HIS B 373 -32.57 -26.15 18.43
CA HIS B 373 -31.88 -27.45 18.42
C HIS B 373 -30.52 -27.43 17.70
N VAL B 374 -29.84 -26.29 17.68
CA VAL B 374 -28.54 -26.12 17.03
C VAL B 374 -27.45 -26.89 17.78
N GLU B 375 -26.60 -27.59 17.02
CA GLU B 375 -25.44 -28.32 17.54
C GLU B 375 -24.66 -27.44 18.53
N ILE B 376 -24.35 -27.96 19.72
CA ILE B 376 -23.51 -27.21 20.66
C ILE B 376 -21.99 -27.62 20.62
N LYS B 377 -21.12 -26.69 20.22
CA LYS B 377 -19.71 -27.01 19.91
C LYS B 377 -18.68 -26.60 20.97
N ALA B 378 -17.53 -27.27 20.92
CA ALA B 378 -16.39 -27.03 21.83
C ALA B 378 -15.79 -25.65 21.64
N GLU B 379 -15.55 -24.96 22.76
CA GLU B 379 -15.22 -23.54 22.68
C GLU B 379 -14.17 -23.08 23.71
N ASN B 380 -13.19 -22.32 23.24
CA ASN B 380 -12.27 -21.64 24.17
C ASN B 380 -12.54 -20.14 24.19
N GLN B 381 -12.10 -19.50 25.28
CA GLN B 381 -12.30 -18.07 25.50
C GLN B 381 -11.23 -17.53 26.44
N THR B 382 -11.00 -16.22 26.42
CA THR B 382 -10.20 -15.55 27.44
C THR B 382 -10.70 -15.84 28.85
N LEU B 383 -9.81 -16.26 29.74
CA LEU B 383 -10.16 -16.37 31.15
C LEU B 383 -9.40 -15.37 31.98
N ALA B 384 -8.25 -14.91 31.46
CA ALA B 384 -7.53 -13.76 32.03
C ALA B 384 -6.67 -13.03 30.99
N THR B 385 -6.43 -11.72 31.16
CA THR B 385 -5.50 -10.96 30.31
C THR B 385 -4.99 -9.72 30.99
N ILE B 386 -3.83 -9.28 30.51
CA ILE B 386 -3.25 -7.99 30.81
C ILE B 386 -2.26 -7.79 29.68
N THR B 387 -2.06 -6.54 29.28
CA THR B 387 -0.97 -6.19 28.38
C THR B 387 0.27 -6.00 29.22
N LEU B 388 1.42 -6.00 28.57
CA LEU B 388 2.70 -5.76 29.25
C LEU B 388 2.68 -4.34 29.78
N GLN B 389 2.04 -3.46 29.02
CA GLN B 389 1.81 -2.07 29.42
C GLN B 389 1.13 -1.99 30.79
N ASN B 390 -0.13 -2.40 30.87
CA ASN B 390 -0.80 -2.28 32.15
C ASN B 390 -0.18 -3.15 33.23
N TYR B 391 0.50 -4.24 32.84
CA TYR B 391 1.13 -5.08 33.84
C TYR B 391 2.22 -4.30 34.55
N PHE B 392 3.17 -3.76 33.78
CA PHE B 392 4.30 -3.03 34.36
C PHE B 392 3.95 -1.65 34.97
N ARG B 393 2.78 -1.14 34.62
CA ARG B 393 2.25 0.04 35.25
C ARG B 393 1.84 -0.24 36.70
N LEU B 394 1.88 -1.52 37.14
CA LEU B 394 1.47 -1.86 38.51
C LEU B 394 2.58 -1.56 39.52
N TYR B 395 3.82 -1.43 39.07
CA TYR B 395 4.89 -1.30 40.07
C TYR B 395 4.95 0.13 40.62
N ASP B 396 5.20 0.27 41.93
CA ASP B 396 5.46 1.58 42.52
C ASP B 396 6.71 2.21 41.95
N LYS B 397 7.73 1.43 41.68
CA LYS B 397 8.86 2.03 41.01
C LYS B 397 9.22 1.16 39.82
N LEU B 398 9.77 1.81 38.79
CA LEU B 398 9.99 1.16 37.53
C LEU B 398 11.26 1.75 36.94
N ALA B 399 12.16 0.88 36.48
CA ALA B 399 13.33 1.31 35.74
C ALA B 399 13.69 0.25 34.73
N GLY B 400 14.67 0.55 33.88
CA GLY B 400 15.13 -0.40 32.91
C GLY B 400 16.46 -0.02 32.33
N MET B 401 17.06 -0.98 31.65
CA MET B 401 18.37 -0.82 31.06
C MET B 401 18.40 -1.34 29.61
N THR B 402 19.28 -0.76 28.78
CA THR B 402 19.40 -1.13 27.35
C THR B 402 20.41 -0.20 26.74
N GLY B 403 21.04 -0.65 25.65
CA GLY B 403 21.91 0.20 24.83
C GLY B 403 21.14 1.18 23.92
N THR B 404 19.83 0.98 23.76
CA THR B 404 19.05 1.72 22.77
C THR B 404 17.67 2.00 23.30
N ALA B 405 17.45 3.24 23.72
CA ALA B 405 16.17 3.61 24.29
C ALA B 405 15.79 5.05 24.01
N GLN B 406 16.77 5.91 23.69
CA GLN B 406 16.53 7.34 23.43
C GLN B 406 15.49 7.54 22.32
N THR B 407 15.52 6.65 21.32
CA THR B 407 14.51 6.70 20.26
C THR B 407 13.12 6.25 20.70
N GLU B 408 12.97 5.75 21.91
CA GLU B 408 11.62 5.43 22.36
C GLU B 408 11.21 6.29 23.54
N ALA B 409 12.01 7.33 23.82
CA ALA B 409 11.78 8.22 24.96
C ALA B 409 10.33 8.70 25.06
N ALA B 410 9.76 9.19 23.96
CA ALA B 410 8.44 9.79 24.03
C ALA B 410 7.40 8.78 24.49
N GLU B 411 7.49 7.57 23.94
CA GLU B 411 6.55 6.52 24.23
C GLU B 411 6.80 5.97 25.64
N LEU B 412 8.06 5.90 26.05
CA LEU B 412 8.40 5.38 27.39
C LEU B 412 7.89 6.36 28.46
N HIS B 413 7.89 7.63 28.12
CA HIS B 413 7.39 8.62 29.04
C HIS B 413 5.84 8.65 29.03
N GLU B 414 5.26 8.55 27.86
CA GLU B 414 3.82 8.62 27.78
C GLU B 414 3.12 7.40 28.39
N ILE B 415 3.65 6.18 28.19
CA ILE B 415 3.00 4.96 28.73
C ILE B 415 3.42 4.64 30.18
N TYR B 416 4.68 4.89 30.50
CA TYR B 416 5.27 4.41 31.75
C TYR B 416 5.78 5.49 32.70
N LYS B 417 5.83 6.74 32.24
CA LYS B 417 6.48 7.83 33.00
C LYS B 417 7.94 7.48 33.25
N LEU B 418 8.58 6.93 32.24
CA LEU B 418 9.97 6.54 32.36
C LEU B 418 10.84 7.51 31.55
N GLY B 419 11.75 8.20 32.23
CA GLY B 419 12.68 9.06 31.53
C GLY B 419 13.79 8.18 31.01
N VAL B 420 14.51 8.65 30.00
CA VAL B 420 15.67 7.93 29.51
C VAL B 420 16.93 8.79 29.67
N VAL B 421 17.93 8.30 30.41
CA VAL B 421 19.23 8.95 30.58
C VAL B 421 20.35 8.21 29.85
N SER B 422 21.02 8.87 28.93
CA SER B 422 22.18 8.26 28.28
C SER B 422 23.38 8.39 29.22
N ILE B 423 23.88 7.26 29.70
CA ILE B 423 25.04 7.29 30.58
C ILE B 423 26.23 7.33 29.65
N PRO B 424 27.25 8.13 29.92
CA PRO B 424 28.46 8.07 29.07
C PRO B 424 29.15 6.71 29.19
N THR B 425 29.78 6.23 28.14
CA THR B 425 30.54 4.96 28.22
C THR B 425 31.85 5.09 28.99
N ASN B 426 32.32 3.97 29.51
CA ASN B 426 33.58 3.90 30.24
C ASN B 426 34.79 4.40 29.45
N MET B 427 35.01 3.87 28.24
CA MET B 427 35.99 4.44 27.30
C MET B 427 35.25 5.00 26.07
N PRO B 428 35.88 5.90 25.32
CA PRO B 428 35.26 6.42 24.08
C PRO B 428 35.05 5.35 22.97
N MET B 429 33.79 5.27 22.52
CA MET B 429 33.42 4.40 21.40
C MET B 429 34.31 4.75 20.21
N ILE B 430 35.09 3.80 19.70
CA ILE B 430 35.86 4.07 18.46
C ILE B 430 35.53 3.18 17.27
N ARG B 431 34.31 2.66 17.23
CA ARG B 431 33.90 1.72 16.19
C ARG B 431 33.61 2.45 14.87
N GLU B 432 34.08 1.91 13.75
CA GLU B 432 33.73 2.39 12.42
C GLU B 432 32.41 1.76 11.98
N ASP B 433 31.31 2.54 12.04
CA ASP B 433 30.01 2.13 11.47
C ASP B 433 29.83 2.60 10.02
N GLN B 434 30.09 1.69 9.07
CA GLN B 434 30.08 1.98 7.64
C GLN B 434 28.69 2.07 7.01
N SER B 435 28.63 2.85 5.93
CA SER B 435 27.43 3.05 5.14
C SER B 435 26.94 1.79 4.49
N ASP B 436 25.62 1.70 4.34
CA ASP B 436 24.96 0.54 3.74
C ASP B 436 25.45 0.31 2.33
N LEU B 437 25.67 -0.95 1.96
CA LEU B 437 25.87 -1.29 0.57
C LEU B 437 24.58 -1.89 0.04
N ILE B 438 23.98 -1.23 -0.94
CA ILE B 438 22.69 -1.64 -1.46
C ILE B 438 22.90 -2.32 -2.82
N TYR B 439 22.41 -3.54 -2.95
CA TYR B 439 22.53 -4.29 -4.20
C TYR B 439 21.21 -4.32 -4.91
N LYS B 440 21.22 -4.78 -6.17
CA LYS B 440 20.00 -4.83 -6.96
C LYS B 440 19.13 -6.04 -6.61
N THR B 441 19.76 -7.17 -6.31
CA THR B 441 19.04 -8.42 -6.02
C THR B 441 19.62 -9.14 -4.80
N GLU B 442 18.77 -9.95 -4.19
CA GLU B 442 19.18 -10.81 -3.08
C GLU B 442 20.40 -11.65 -3.46
N GLU B 443 20.34 -12.22 -4.66
CA GLU B 443 21.41 -13.09 -5.17
C GLU B 443 22.74 -12.33 -5.22
N ALA B 444 22.69 -11.12 -5.77
CA ALA B 444 23.85 -10.24 -5.87
C ALA B 444 24.45 -9.92 -4.50
N LYS B 445 23.59 -9.51 -3.57
CA LYS B 445 24.01 -9.10 -2.23
C LYS B 445 24.81 -10.20 -1.51
N TYR B 446 24.28 -11.42 -1.55
CA TYR B 446 24.86 -12.55 -0.81
C TYR B 446 26.19 -13.10 -1.36
N ILE B 447 26.38 -13.17 -2.68
CA ILE B 447 27.72 -13.54 -3.20
C ILE B 447 28.77 -12.54 -2.71
N ALA B 448 28.36 -11.27 -2.65
CA ALA B 448 29.21 -10.18 -2.19
C ALA B 448 29.38 -10.23 -0.68
N VAL B 449 28.36 -10.70 0.03
CA VAL B 449 28.49 -10.89 1.47
C VAL B 449 29.49 -12.01 1.73
N VAL B 450 29.27 -13.18 1.12
CA VAL B 450 30.15 -14.35 1.30
C VAL B 450 31.63 -14.02 1.09
N ASP B 451 31.92 -13.20 0.10
CA ASP B 451 33.29 -12.79 -0.20
C ASP B 451 33.94 -11.94 0.88
N ASP B 452 33.22 -10.97 1.43
CA ASP B 452 33.72 -10.18 2.55
C ASP B 452 34.02 -11.08 3.76
N VAL B 453 33.09 -12.00 4.07
CA VAL B 453 33.25 -12.92 5.20
C VAL B 453 34.44 -13.84 5.01
N ALA B 454 34.53 -14.46 3.82
CA ALA B 454 35.67 -15.34 3.48
C ALA B 454 37.01 -14.61 3.53
N GLU B 455 37.06 -13.40 2.95
CA GLU B 455 38.21 -12.51 3.15
C GLU B 455 38.56 -12.39 4.63
N ARG B 456 37.62 -11.85 5.41
CA ARG B 456 37.79 -11.64 6.85
C ARG B 456 38.36 -12.85 7.56
N TYR B 457 37.77 -14.03 7.32
CA TYR B 457 38.25 -15.29 7.89
C TYR B 457 39.72 -15.52 7.61
N ALA B 458 40.07 -15.54 6.34
CA ALA B 458 41.44 -15.74 5.89
C ALA B 458 42.40 -14.77 6.61
N LYS B 459 41.90 -13.59 6.96
CA LYS B 459 42.73 -12.60 7.63
C LYS B 459 42.72 -12.79 9.14
N GLY B 460 41.87 -13.69 9.62
CA GLY B 460 41.73 -13.92 11.05
C GLY B 460 40.60 -13.20 11.80
N GLN B 461 40.15 -12.04 11.30
CA GLN B 461 39.10 -11.25 11.96
C GLN B 461 37.85 -12.09 12.24
N PRO B 462 37.30 -11.95 13.44
CA PRO B 462 36.03 -12.59 13.77
C PRO B 462 34.84 -11.83 13.20
N VAL B 463 33.91 -12.56 12.59
CA VAL B 463 32.70 -11.93 12.07
C VAL B 463 31.44 -12.37 12.80
N LEU B 464 30.54 -11.41 12.97
CA LEU B 464 29.18 -11.70 13.38
C LEU B 464 28.33 -11.22 12.21
N ILE B 465 27.60 -12.16 11.59
CA ILE B 465 26.72 -11.82 10.49
C ILE B 465 25.32 -12.06 10.99
N GLY B 466 24.48 -11.04 10.93
CA GLY B 466 23.11 -11.20 11.33
C GLY B 466 22.26 -11.34 10.10
N THR B 467 21.21 -12.14 10.21
CA THR B 467 20.15 -12.17 9.21
C THR B 467 18.80 -11.93 9.87
N THR B 468 17.74 -12.23 9.15
CA THR B 468 16.42 -11.83 9.56
C THR B 468 15.43 -12.99 9.56
N SER B 469 15.89 -14.16 9.10
CA SER B 469 15.11 -15.43 9.15
C SER B 469 16.00 -16.68 9.17
N VAL B 470 15.53 -17.73 9.86
CA VAL B 470 16.25 -19.00 9.98
C VAL B 470 16.62 -19.51 8.60
N GLU B 471 15.66 -19.38 7.69
CA GLU B 471 15.77 -19.78 6.28
C GLU B 471 16.96 -19.14 5.55
N ARG B 472 17.27 -17.89 5.90
CA ARG B 472 18.35 -17.16 5.25
C ARG B 472 19.68 -17.38 5.97
N SER B 473 19.59 -17.89 7.18
CA SER B 473 20.78 -18.25 7.92
C SER B 473 21.37 -19.55 7.35
N GLU B 474 20.51 -20.52 7.05
CA GLU B 474 20.93 -21.80 6.49
C GLU B 474 21.38 -21.63 5.05
N TYR B 475 20.72 -20.73 4.31
CA TYR B 475 21.19 -20.44 2.96
C TYR B 475 22.59 -19.85 3.02
N LEU B 476 22.83 -18.94 3.97
CA LEU B 476 24.14 -18.33 4.10
C LEU B 476 25.19 -19.31 4.63
N SER B 477 24.78 -20.24 5.47
CA SER B 477 25.71 -21.27 5.98
C SER B 477 25.99 -22.38 4.98
N ARG B 478 25.09 -22.53 4.00
CA ARG B 478 25.32 -23.47 2.91
C ARG B 478 26.37 -22.90 1.99
N GLN B 479 26.22 -21.61 1.67
CA GLN B 479 27.27 -20.87 0.99
C GLN B 479 28.57 -20.91 1.79
N PHE B 480 28.46 -20.72 3.10
CA PHE B 480 29.63 -20.71 3.95
C PHE B 480 30.40 -22.03 3.91
N THR B 481 29.66 -23.14 3.83
CA THR B 481 30.28 -24.46 3.71
C THR B 481 30.77 -24.74 2.27
N LYS B 482 30.03 -24.23 1.28
CA LYS B 482 30.43 -24.29 -0.13
C LYS B 482 31.71 -23.49 -0.40
N ARG B 483 32.16 -22.74 0.60
CA ARG B 483 33.39 -21.96 0.53
C ARG B 483 34.35 -22.46 1.62
N ARG B 484 33.92 -23.54 2.27
CA ARG B 484 34.66 -24.24 3.34
C ARG B 484 34.99 -23.42 4.62
N ILE B 485 34.20 -22.39 4.90
CA ILE B 485 34.40 -21.54 6.09
C ILE B 485 33.71 -22.16 7.32
N PRO B 486 34.48 -22.63 8.30
CA PRO B 486 33.88 -23.23 9.50
C PRO B 486 33.12 -22.15 10.30
N HIS B 487 31.93 -22.47 10.76
CA HIS B 487 31.03 -21.46 11.33
C HIS B 487 29.88 -22.09 12.14
N ASN B 488 29.17 -21.25 12.89
CA ASN B 488 27.92 -21.69 13.47
C ASN B 488 26.78 -20.76 13.10
N VAL B 489 25.59 -21.35 13.15
CA VAL B 489 24.35 -20.62 13.00
C VAL B 489 23.67 -20.66 14.38
N LEU B 490 23.24 -19.50 14.88
CA LEU B 490 22.42 -19.49 16.07
C LEU B 490 21.06 -18.97 15.67
N ASN B 491 20.03 -19.72 16.03
CA ASN B 491 18.67 -19.44 15.56
C ASN B 491 17.70 -18.97 16.64
N ALA B 492 18.18 -18.83 17.87
CA ALA B 492 17.41 -18.31 19.02
C ALA B 492 16.54 -19.37 19.70
N LYS B 493 16.87 -20.65 19.51
CA LYS B 493 16.08 -21.72 20.08
C LYS B 493 16.66 -22.27 21.38
N TYR B 494 17.88 -22.80 21.29
CA TYR B 494 18.57 -23.34 22.47
C TYR B 494 19.53 -22.30 23.01
N HIS B 495 19.03 -21.49 23.94
CA HIS B 495 19.71 -20.26 24.36
C HIS B 495 21.05 -20.51 25.01
N GLU B 496 21.12 -21.58 25.81
CA GLU B 496 22.32 -21.87 26.55
C GLU B 496 23.42 -22.28 25.59
N GLN B 497 23.16 -23.28 24.76
CA GLN B 497 24.21 -23.73 23.88
C GLN B 497 24.60 -22.63 22.88
N GLU B 498 23.70 -21.67 22.68
CA GLU B 498 23.96 -20.54 21.79
C GLU B 498 24.81 -19.46 22.50
N ALA B 499 24.62 -19.31 23.82
CA ALA B 499 25.53 -18.50 24.64
C ALA B 499 26.97 -19.04 24.61
N THR B 500 27.13 -20.36 24.78
CA THR B 500 28.44 -21.01 24.68
C THR B 500 29.19 -20.62 23.40
N ILE B 501 28.52 -20.72 22.26
CA ILE B 501 29.13 -20.31 21.02
C ILE B 501 29.52 -18.83 21.06
N ILE B 502 28.53 -17.96 21.31
CA ILE B 502 28.69 -16.51 21.46
C ILE B 502 29.86 -16.18 22.34
N ALA B 503 29.98 -16.87 23.47
CA ALA B 503 31.08 -16.66 24.40
C ALA B 503 32.47 -16.71 23.72
N VAL B 504 32.61 -17.53 22.68
CA VAL B 504 33.88 -17.61 21.94
C VAL B 504 33.78 -17.13 20.50
N ALA B 505 32.83 -16.23 20.24
CA ALA B 505 32.62 -15.69 18.89
C ALA B 505 33.68 -14.67 18.50
N GLY B 506 34.43 -14.17 19.47
CA GLY B 506 35.42 -13.15 19.20
C GLY B 506 36.85 -13.55 19.48
N ARG B 507 37.13 -14.84 19.38
CA ARG B 507 38.50 -15.31 19.18
C ARG B 507 38.72 -15.29 17.68
N ARG B 508 39.96 -15.23 17.22
CA ARG B 508 40.18 -15.19 15.77
C ARG B 508 39.80 -16.49 15.04
N GLY B 509 39.39 -16.33 13.79
CA GLY B 509 38.73 -17.39 13.05
C GLY B 509 37.22 -17.35 13.17
N GLY B 510 36.71 -16.74 14.24
CA GLY B 510 35.30 -16.73 14.58
C GLY B 510 34.42 -16.31 13.43
N VAL B 511 33.43 -17.15 13.14
CA VAL B 511 32.41 -16.86 12.13
C VAL B 511 31.09 -17.30 12.75
N THR B 512 30.23 -16.34 13.03
CA THR B 512 28.95 -16.60 13.68
C THR B 512 27.82 -15.94 12.93
N VAL B 513 26.83 -16.75 12.57
CA VAL B 513 25.63 -16.32 11.86
C VAL B 513 24.46 -16.33 12.85
N ALA B 514 23.86 -15.16 13.09
CA ALA B 514 22.81 -15.06 14.10
C ALA B 514 21.49 -14.59 13.52
N THR B 515 20.49 -15.46 13.60
CA THR B 515 19.17 -15.13 13.12
C THR B 515 18.47 -14.28 14.15
N ASN B 516 17.88 -13.17 13.68
CA ASN B 516 17.25 -12.15 14.55
C ASN B 516 18.22 -11.72 15.62
N MET B 517 17.89 -11.60 16.87
CA MET B 517 19.05 -11.17 17.62
C MET B 517 19.81 -12.24 18.41
N ALA B 518 19.86 -13.46 17.86
CA ALA B 518 20.33 -14.63 18.62
C ALA B 518 21.64 -14.37 19.39
N GLY B 519 21.77 -15.01 20.55
CA GLY B 519 22.89 -14.75 21.43
C GLY B 519 22.74 -13.42 22.12
N ARG B 520 21.49 -13.02 22.36
CA ARG B 520 21.20 -11.80 23.11
C ARG B 520 21.74 -11.89 24.51
N GLY B 521 22.47 -10.85 24.89
CA GLY B 521 22.80 -10.65 26.29
C GLY B 521 23.95 -11.43 26.86
N THR B 522 24.66 -12.14 25.99
CA THR B 522 25.98 -12.63 26.33
C THR B 522 26.90 -11.75 25.49
N ASP B 523 27.90 -11.14 26.13
CA ASP B 523 28.81 -10.23 25.42
C ASP B 523 29.79 -10.94 24.48
N ILE B 524 29.92 -10.45 23.26
CA ILE B 524 30.95 -11.01 22.38
C ILE B 524 32.30 -10.38 22.73
N VAL B 525 32.97 -10.92 23.75
CA VAL B 525 34.28 -10.39 24.17
C VAL B 525 35.41 -10.90 23.30
N LEU B 526 36.28 -9.97 22.87
CA LEU B 526 37.45 -10.30 22.05
C LEU B 526 38.43 -11.14 22.87
N GLY B 527 38.89 -12.24 22.28
CA GLY B 527 39.65 -13.25 23.00
C GLY B 527 38.77 -14.28 23.66
N GLY B 528 37.57 -13.87 24.08
CA GLY B 528 36.59 -14.75 24.66
C GLY B 528 36.03 -14.11 25.89
N ASN B 529 34.83 -14.50 26.25
CA ASN B 529 34.16 -13.95 27.43
C ASN B 529 34.74 -14.66 28.64
N VAL B 530 35.59 -13.93 29.35
CA VAL B 530 36.38 -14.45 30.45
C VAL B 530 35.47 -14.94 31.60
N ASP B 531 34.42 -14.20 31.93
CA ASP B 531 33.44 -14.65 32.91
C ASP B 531 32.68 -15.89 32.48
N PHE B 532 32.16 -15.85 31.25
CA PHE B 532 31.37 -16.96 30.73
C PHE B 532 32.19 -18.24 30.71
N LEU B 533 33.45 -18.12 30.27
CA LEU B 533 34.37 -19.24 30.20
C LEU B 533 34.80 -19.74 31.57
N THR B 534 35.02 -18.83 32.51
CA THR B 534 35.39 -19.24 33.85
C THR B 534 34.25 -20.02 34.46
N ASP B 535 33.04 -19.50 34.35
CA ASP B 535 31.87 -20.23 34.86
C ASP B 535 31.70 -21.62 34.25
N GLN B 536 32.03 -21.76 32.96
CA GLN B 536 31.95 -23.03 32.24
C GLN B 536 32.97 -24.06 32.75
N ARG B 537 34.24 -23.65 32.92
CA ARG B 537 35.28 -24.54 33.51
C ARG B 537 34.69 -25.13 34.79
N LEU B 538 34.14 -24.27 35.64
CA LEU B 538 33.75 -24.71 36.96
C LEU B 538 32.52 -25.64 36.91
N ARG B 539 31.59 -25.38 36.01
CA ARG B 539 30.34 -26.14 35.97
C ARG B 539 30.48 -27.52 35.32
N GLU B 540 31.39 -27.62 34.35
CA GLU B 540 31.69 -28.90 33.74
C GLU B 540 32.31 -29.86 34.76
N ARG B 541 32.96 -29.32 35.79
CA ARG B 541 33.47 -30.13 36.92
C ARG B 541 32.40 -30.36 38.01
N GLY B 542 31.16 -30.03 37.70
CA GLY B 542 30.04 -30.27 38.60
C GLY B 542 29.92 -29.27 39.75
N LEU B 543 30.52 -28.09 39.60
CA LEU B 543 30.41 -27.05 40.61
C LEU B 543 29.23 -26.17 40.25
N ASP B 544 28.72 -25.48 41.26
CA ASP B 544 27.54 -24.62 41.15
C ASP B 544 27.59 -23.49 42.18
N PRO B 545 27.20 -22.29 41.79
CA PRO B 545 27.21 -21.15 42.69
C PRO B 545 26.25 -21.36 43.86
N VAL B 546 25.12 -22.02 43.57
CA VAL B 546 24.06 -22.24 44.56
C VAL B 546 24.27 -23.57 45.27
N GLU B 547 24.37 -24.66 44.49
CA GLU B 547 24.60 -26.00 45.05
C GLU B 547 25.96 -26.17 45.81
N THR B 548 27.06 -25.64 45.27
CA THR B 548 28.40 -25.79 45.89
C THR B 548 29.07 -24.41 46.09
N PRO B 549 28.55 -23.64 47.05
CA PRO B 549 28.84 -22.19 47.14
C PRO B 549 30.32 -21.83 47.42
N GLU B 550 30.87 -22.35 48.51
CA GLU B 550 32.23 -22.02 48.96
C GLU B 550 33.27 -22.38 47.92
N GLU B 551 33.07 -23.57 47.36
CA GLU B 551 33.96 -24.16 46.40
C GLU B 551 33.86 -23.45 45.06
N TYR B 552 32.64 -23.11 44.62
CA TYR B 552 32.49 -22.26 43.43
C TYR B 552 33.28 -20.94 43.60
N GLU B 553 33.12 -20.31 44.76
CA GLU B 553 33.79 -19.04 45.03
C GLU B 553 35.31 -19.21 44.93
N ALA B 554 35.83 -20.20 45.65
CA ALA B 554 37.26 -20.40 45.76
C ALA B 554 37.82 -20.78 44.40
N ALA B 555 37.06 -21.61 43.69
CA ALA B 555 37.50 -22.04 42.38
C ALA B 555 37.55 -20.87 41.44
N TRP B 556 36.56 -19.97 41.58
CA TRP B 556 36.42 -18.73 40.78
C TRP B 556 37.66 -17.83 40.88
N HIS B 557 38.01 -17.50 42.12
CA HIS B 557 39.15 -16.64 42.39
C HIS B 557 40.42 -17.26 41.85
N SER B 558 40.62 -18.55 42.15
CA SER B 558 41.79 -19.30 41.68
C SER B 558 41.91 -19.32 40.16
N GLU B 559 40.79 -19.50 39.47
CA GLU B 559 40.87 -19.84 38.06
C GLU B 559 40.60 -18.72 37.06
N LEU B 560 39.80 -17.74 37.44
CA LEU B 560 39.58 -16.56 36.62
C LEU B 560 40.86 -16.02 35.98
N PRO B 561 41.91 -15.73 36.77
CA PRO B 561 43.18 -15.26 36.20
C PRO B 561 43.77 -16.23 35.19
N ILE B 562 43.66 -17.54 35.42
CA ILE B 562 44.15 -18.53 34.44
C ILE B 562 43.37 -18.35 33.14
N VAL B 563 42.05 -18.44 33.21
CA VAL B 563 41.17 -18.25 32.05
C VAL B 563 41.46 -16.92 31.36
N LYS B 564 41.59 -15.86 32.16
CA LYS B 564 41.95 -14.53 31.66
C LYS B 564 43.24 -14.53 30.86
N GLU B 565 44.19 -15.36 31.24
CA GLU B 565 45.48 -15.44 30.58
C GLU B 565 45.38 -15.92 29.12
N GLU B 566 45.00 -17.19 28.96
CA GLU B 566 44.96 -17.90 27.67
C GLU B 566 44.07 -17.23 26.63
N ALA B 567 43.11 -16.45 27.13
CA ALA B 567 42.17 -15.71 26.28
C ALA B 567 42.74 -14.34 25.88
N SER B 568 43.16 -13.55 26.88
CA SER B 568 43.68 -12.19 26.64
C SER B 568 45.08 -12.16 25.99
N LYS B 569 45.74 -13.31 25.90
CA LYS B 569 46.90 -13.44 25.01
C LYS B 569 46.45 -13.40 23.56
N GLU B 570 45.31 -14.04 23.29
CA GLU B 570 44.70 -14.09 21.97
C GLU B 570 43.90 -12.82 21.66
N ALA B 571 43.50 -12.09 22.70
CA ALA B 571 42.78 -10.82 22.54
C ALA B 571 43.62 -9.75 21.85
N LYS B 572 44.91 -9.69 22.14
CA LYS B 572 45.82 -8.76 21.48
C LYS B 572 45.89 -9.05 19.97
N GLU B 573 45.78 -10.33 19.61
CA GLU B 573 45.79 -10.78 18.21
C GLU B 573 44.50 -10.40 17.49
N VAL B 574 43.39 -10.45 18.23
CA VAL B 574 42.10 -10.11 17.66
C VAL B 574 42.00 -8.59 17.53
N ILE B 575 42.58 -7.86 18.48
CA ILE B 575 42.68 -6.40 18.35
C ILE B 575 43.46 -6.00 17.09
N GLU B 576 44.62 -6.65 16.90
CA GLU B 576 45.42 -6.50 15.69
C GLU B 576 44.58 -6.57 14.39
N ALA B 577 43.79 -7.64 14.26
CA ALA B 577 42.98 -7.91 13.07
C ALA B 577 41.72 -7.02 12.88
N GLY B 578 41.54 -6.01 13.73
CA GLY B 578 40.51 -4.99 13.52
C GLY B 578 39.32 -4.95 14.47
N GLY B 579 39.34 -5.80 15.50
CA GLY B 579 38.23 -5.93 16.41
C GLY B 579 37.19 -6.82 15.76
N LEU B 580 35.96 -6.76 16.28
CA LEU B 580 34.84 -7.52 15.72
C LEU B 580 34.29 -6.89 14.45
N TYR B 581 34.02 -7.73 13.46
CA TYR B 581 33.35 -7.29 12.24
C TYR B 581 31.89 -7.70 12.29
N VAL B 582 31.01 -6.71 12.34
CA VAL B 582 29.58 -6.97 12.39
C VAL B 582 29.01 -6.81 10.99
N LEU B 583 28.37 -7.86 10.48
CA LEU B 583 27.79 -7.82 9.16
C LEU B 583 26.26 -7.89 9.21
N GLY B 584 25.63 -6.84 8.72
CA GLY B 584 24.18 -6.84 8.62
C GLY B 584 23.77 -7.27 7.24
N THR B 585 22.85 -8.22 7.16
CA THR B 585 22.46 -8.82 5.89
C THR B 585 21.10 -8.33 5.39
N GLU B 586 20.45 -7.53 6.23
CA GLU B 586 19.07 -7.08 6.08
C GLU B 586 18.81 -6.07 7.17
N ARG B 587 17.94 -5.09 6.92
CA ARG B 587 17.56 -4.19 7.97
C ARG B 587 16.46 -4.85 8.78
N HIS B 588 16.44 -4.59 10.07
CA HIS B 588 15.40 -5.09 10.93
C HIS B 588 14.17 -4.18 10.92
N GLU B 589 13.13 -4.60 11.64
CA GLU B 589 11.86 -3.90 11.68
C GLU B 589 11.91 -2.51 12.33
N SER B 590 13.11 -2.10 12.76
CA SER B 590 13.34 -0.73 13.23
C SER B 590 14.82 -0.40 13.19
N ARG B 591 15.15 0.89 13.06
CA ARG B 591 16.56 1.32 13.09
C ARG B 591 17.23 0.94 14.43
N ARG B 592 16.45 0.99 15.51
CA ARG B 592 16.92 0.62 16.83
C ARG B 592 17.68 -0.70 16.82
N ILE B 593 17.10 -1.74 16.21
CA ILE B 593 17.66 -3.09 16.27
C ILE B 593 18.93 -3.24 15.42
N ASP B 594 18.93 -2.66 14.20
CA ASP B 594 20.14 -2.53 13.41
C ASP B 594 21.26 -1.94 14.25
N ASN B 595 20.94 -0.88 15.00
CA ASN B 595 21.91 -0.20 15.85
C ASN B 595 22.35 -1.06 17.01
N GLN B 596 21.46 -1.95 17.44
CA GLN B 596 21.77 -2.92 18.48
C GLN B 596 22.83 -3.91 17.98
N LEU B 597 22.62 -4.42 16.77
CA LEU B 597 23.54 -5.35 16.14
C LEU B 597 24.91 -4.72 15.94
N ARG B 598 24.95 -3.47 15.45
CA ARG B 598 26.19 -2.73 15.29
C ARG B 598 26.84 -2.64 16.64
N GLY B 599 26.04 -2.39 17.67
CA GLY B 599 26.55 -2.24 19.02
C GLY B 599 27.26 -3.44 19.61
N ARG B 600 27.13 -4.62 18.99
CA ARG B 600 27.74 -5.85 19.50
C ARG B 600 29.25 -5.72 19.46
N SER B 601 29.73 -4.90 18.53
CA SER B 601 31.14 -4.62 18.34
C SER B 601 31.62 -3.38 19.06
N GLY B 602 32.94 -3.25 19.24
CA GLY B 602 33.51 -2.02 19.74
C GLY B 602 33.35 -1.81 21.23
N ARG B 603 33.16 -2.87 22.00
CA ARG B 603 32.87 -2.71 23.42
C ARG B 603 34.07 -2.27 24.25
N GLN B 604 33.84 -1.37 25.20
CA GLN B 604 34.88 -0.88 26.10
C GLN B 604 36.02 -0.22 25.35
N GLY B 605 35.71 0.50 24.29
CA GLY B 605 36.76 1.20 23.56
C GLY B 605 37.63 0.33 22.67
N ASP B 606 37.29 -0.95 22.54
CA ASP B 606 37.88 -1.84 21.54
C ASP B 606 37.68 -1.32 20.11
N PRO B 607 38.65 -1.54 19.21
CA PRO B 607 38.40 -1.28 17.77
C PRO B 607 37.30 -2.18 17.23
N GLY B 608 36.83 -1.96 16.01
CA GLY B 608 35.76 -2.78 15.47
C GLY B 608 35.01 -2.16 14.30
N GLU B 609 34.44 -3.01 13.46
CA GLU B 609 33.83 -2.55 12.23
C GLU B 609 32.40 -3.01 12.17
N SER B 610 31.54 -2.23 11.54
CA SER B 610 30.18 -2.68 11.24
C SER B 610 29.71 -2.24 9.86
N ARG B 611 28.91 -3.10 9.22
CA ARG B 611 28.35 -2.79 7.90
C ARG B 611 27.16 -3.65 7.57
N PHE B 612 26.21 -3.04 6.88
CA PHE B 612 25.02 -3.71 6.40
C PHE B 612 25.09 -3.86 4.88
N TYR B 613 24.73 -5.03 4.38
CA TYR B 613 24.51 -5.21 2.95
C TYR B 613 23.02 -5.35 2.74
N LEU B 614 22.48 -4.69 1.72
CA LEU B 614 21.03 -4.69 1.49
C LEU B 614 20.74 -4.87 0.03
N SER B 615 19.49 -5.18 -0.30
CA SER B 615 19.07 -5.30 -1.70
C SER B 615 17.64 -4.83 -1.93
N LEU B 616 17.37 -4.32 -3.13
CA LEU B 616 16.03 -3.95 -3.54
C LEU B 616 15.10 -5.15 -3.54
N GLY B 617 15.66 -6.32 -3.23
CA GLY B 617 14.89 -7.54 -3.20
C GLY B 617 14.60 -8.07 -1.82
N ASP B 618 15.11 -7.40 -0.79
CA ASP B 618 14.96 -7.83 0.61
C ASP B 618 13.49 -7.84 1.02
N GLU B 619 13.17 -8.70 2.01
CA GLU B 619 11.82 -8.76 2.61
C GLU B 619 11.21 -7.39 2.82
N LEU B 620 11.95 -6.52 3.50
CA LEU B 620 11.60 -5.13 3.69
C LEU B 620 11.17 -4.45 2.40
N MET B 621 12.11 -4.35 1.46
CA MET B 621 11.87 -3.66 0.20
C MET B 621 10.76 -4.30 -0.64
N ARG B 622 10.70 -5.64 -0.62
CA ARG B 622 9.69 -6.41 -1.35
C ARG B 622 8.29 -6.09 -0.87
N ARG B 623 8.16 -5.68 0.39
CA ARG B 623 6.88 -5.23 0.96
C ARG B 623 6.52 -3.79 0.54
N PHE B 624 7.45 -3.12 -0.15
CA PHE B 624 7.25 -1.78 -0.70
C PHE B 624 7.65 -1.75 -2.18
N ASN B 625 8.60 -0.91 -2.57
CA ASN B 625 8.81 -0.67 -4.01
C ASN B 625 10.11 -1.20 -4.63
N GLY B 626 10.73 -2.18 -4.00
CA GLY B 626 12.02 -2.68 -4.44
C GLY B 626 12.04 -3.24 -5.85
N ALA B 627 10.99 -4.01 -6.15
CA ALA B 627 10.80 -4.59 -7.47
C ALA B 627 10.81 -3.49 -8.52
N ALA B 628 10.00 -2.46 -8.29
CA ALA B 628 9.88 -1.31 -9.19
C ALA B 628 11.22 -0.62 -9.44
N LEU B 629 12.02 -0.49 -8.38
CA LEU B 629 13.34 0.11 -8.49
C LEU B 629 14.30 -0.78 -9.28
N GLU B 630 14.24 -2.09 -9.01
CA GLU B 630 15.14 -3.07 -9.65
C GLU B 630 14.97 -3.15 -11.15
N THR B 631 13.72 -3.04 -11.63
CA THR B 631 13.45 -3.02 -13.08
C THR B 631 14.04 -1.76 -13.71
N LEU B 632 13.90 -0.63 -13.00
CA LEU B 632 14.44 0.65 -13.43
C LEU B 632 15.94 0.62 -13.54
N LEU B 633 16.58 0.13 -12.48
CA LEU B 633 18.03 0.10 -12.46
C LEU B 633 18.58 -0.92 -13.47
N THR B 634 17.84 -2.00 -13.70
CA THR B 634 18.18 -2.96 -14.77
C THR B 634 17.96 -2.32 -16.14
N ARG B 635 17.00 -1.41 -16.23
CA ARG B 635 16.79 -0.65 -17.46
C ARG B 635 17.91 0.38 -17.73
N LEU B 636 18.43 0.99 -16.67
CA LEU B 636 19.51 1.97 -16.81
C LEU B 636 20.88 1.33 -16.99
N ASN B 637 20.88 0.06 -17.38
CA ASN B 637 22.11 -0.72 -17.60
C ASN B 637 23.06 -0.69 -16.41
N LEU B 638 22.51 -0.84 -15.22
CA LEU B 638 23.32 -1.05 -14.03
C LEU B 638 23.26 -2.52 -13.66
N PRO B 639 24.42 -3.19 -13.65
CA PRO B 639 24.49 -4.65 -13.49
C PRO B 639 24.37 -5.09 -12.05
N ASP B 640 24.23 -6.40 -11.84
CA ASP B 640 23.90 -6.94 -10.52
C ASP B 640 24.96 -6.71 -9.43
N ASP B 641 26.21 -7.10 -9.71
CA ASP B 641 27.28 -7.10 -8.72
C ASP B 641 27.89 -5.71 -8.41
N VAL B 642 27.11 -4.64 -8.63
CA VAL B 642 27.57 -3.29 -8.33
C VAL B 642 26.71 -2.59 -7.27
N PRO B 643 27.31 -2.26 -6.11
CA PRO B 643 26.65 -1.40 -5.11
C PRO B 643 26.07 -0.10 -5.68
N ILE B 644 24.80 0.16 -5.32
CA ILE B 644 24.00 1.29 -5.77
C ILE B 644 24.35 2.49 -4.93
N GLU B 645 24.77 3.58 -5.57
CA GLU B 645 25.08 4.81 -4.83
C GLU B 645 23.96 5.85 -4.92
N ALA B 646 22.78 5.40 -5.37
CA ALA B 646 21.69 6.30 -5.70
C ALA B 646 21.03 6.92 -4.47
N LYS B 647 21.06 8.25 -4.41
CA LYS B 647 20.48 8.99 -3.29
C LYS B 647 19.00 8.65 -3.05
N MET B 648 18.31 8.15 -4.07
CA MET B 648 16.85 7.91 -4.03
C MET B 648 16.48 6.51 -3.59
N VAL B 649 17.38 5.56 -3.83
CA VAL B 649 17.26 4.22 -3.28
C VAL B 649 17.56 4.31 -1.79
N THR B 650 18.44 5.22 -1.40
CA THR B 650 18.71 5.47 0.01
C THR B 650 17.48 5.98 0.78
N ARG B 651 16.87 7.04 0.27
CA ARG B 651 15.69 7.64 0.87
C ARG B 651 14.55 6.63 0.89
N ALA B 652 14.56 5.70 -0.04
CA ALA B 652 13.50 4.69 -0.16
C ALA B 652 13.61 3.65 0.93
N ILE B 653 14.85 3.26 1.22
CA ILE B 653 15.12 2.29 2.26
C ILE B 653 14.77 2.87 3.65
N LYS B 654 15.34 4.02 4.01
CA LYS B 654 14.98 4.72 5.25
C LYS B 654 13.47 4.79 5.39
N SER B 655 12.78 5.12 4.30
CA SER B 655 11.33 5.21 4.28
C SER B 655 10.61 3.88 4.59
N ALA B 656 11.03 2.80 3.95
CA ALA B 656 10.44 1.50 4.20
C ALA B 656 10.47 1.13 5.70
N GLN B 657 11.67 1.17 6.27
CA GLN B 657 11.84 0.90 7.68
C GLN B 657 11.06 1.85 8.57
N THR B 658 11.09 3.15 8.26
CA THR B 658 10.31 4.10 9.05
C THR B 658 8.84 3.68 9.04
N GLN B 659 8.34 3.32 7.87
CA GLN B 659 6.97 2.88 7.70
C GLN B 659 6.60 1.61 8.50
N VAL B 660 7.56 0.68 8.60
CA VAL B 660 7.39 -0.52 9.42
C VAL B 660 7.32 -0.14 10.90
N GLU B 661 8.27 0.68 11.36
CA GLU B 661 8.28 1.22 12.73
C GLU B 661 6.96 1.84 13.14
N GLN B 662 6.46 2.77 12.33
CA GLN B 662 5.20 3.47 12.58
C GLN B 662 4.02 2.51 12.61
N GLN B 663 4.01 1.52 11.72
CA GLN B 663 3.01 0.46 11.74
C GLN B 663 2.94 -0.25 13.10
N ASN B 664 4.10 -0.69 13.59
CA ASN B 664 4.18 -1.39 14.87
C ASN B 664 3.68 -0.52 16.03
N PHE B 665 4.07 0.76 16.01
CA PHE B 665 3.63 1.77 16.96
C PHE B 665 2.10 1.89 16.99
N GLU B 666 1.49 2.04 15.83
CA GLU B 666 0.05 2.05 15.73
C GLU B 666 -0.58 0.79 16.35
N VAL B 667 -0.02 -0.38 16.05
CA VAL B 667 -0.52 -1.64 16.59
C VAL B 667 -0.50 -1.66 18.11
N ARG B 668 0.63 -1.24 18.68
CA ARG B 668 0.82 -1.06 20.12
C ARG B 668 -0.27 -0.11 20.62
N LYS B 669 -0.20 1.15 20.19
CA LYS B 669 -1.15 2.18 20.57
C LYS B 669 -2.60 1.67 20.61
N ASN B 670 -2.97 0.83 19.63
CA ASN B 670 -4.32 0.24 19.60
C ASN B 670 -4.60 -0.79 20.68
N VAL B 671 -3.68 -1.76 20.80
CA VAL B 671 -3.72 -2.82 21.80
C VAL B 671 -3.97 -2.27 23.18
N LEU B 672 -3.25 -1.22 23.55
CA LEU B 672 -3.36 -0.59 24.85
C LEU B 672 -4.66 0.21 25.02
N LYS B 673 -5.00 1.02 24.02
CA LYS B 673 -6.23 1.78 24.08
C LYS B 673 -7.46 0.87 24.18
N TYR B 674 -7.43 -0.30 23.53
CA TYR B 674 -8.53 -1.27 23.71
C TYR B 674 -8.39 -2.02 25.01
N ASP B 675 -7.17 -2.15 25.53
CA ASP B 675 -7.01 -2.78 26.82
C ASP B 675 -7.50 -1.94 28.04
N GLU B 676 -7.36 -0.61 28.01
CA GLU B 676 -7.79 0.23 29.15
C GLU B 676 -9.18 -0.13 29.59
N VAL B 677 -10.10 -0.29 28.65
CA VAL B 677 -11.47 -0.66 29.00
C VAL B 677 -11.49 -1.88 29.96
N MET B 678 -10.97 -3.02 29.48
CA MET B 678 -10.95 -4.22 30.29
C MET B 678 -10.11 -4.04 31.56
N ASN B 679 -8.97 -3.36 31.48
CA ASN B 679 -8.18 -3.11 32.69
C ASN B 679 -8.95 -2.47 33.84
N GLN B 680 -9.81 -1.49 33.52
CA GLN B 680 -10.57 -0.81 34.54
C GLN B 680 -11.53 -1.80 35.17
N GLN B 681 -12.17 -2.60 34.33
CA GLN B 681 -13.14 -3.56 34.80
C GLN B 681 -12.48 -4.63 35.67
N ARG B 682 -11.30 -5.13 35.27
CA ARG B 682 -10.68 -6.21 36.03
C ARG B 682 -10.15 -5.74 37.38
N LYS B 683 -9.63 -4.52 37.43
CA LYS B 683 -9.24 -3.97 38.72
C LYS B 683 -10.40 -4.10 39.73
N VAL B 684 -11.60 -3.67 39.36
CA VAL B 684 -12.77 -3.95 40.20
C VAL B 684 -12.99 -5.46 40.48
N ILE B 685 -13.04 -6.30 39.45
CA ILE B 685 -13.33 -7.70 39.72
C ILE B 685 -12.25 -8.38 40.56
N TYR B 686 -10.99 -8.00 40.35
CA TYR B 686 -9.89 -8.58 41.13
C TYR B 686 -9.96 -8.16 42.62
N ALA B 687 -10.20 -6.87 42.82
CA ALA B 687 -10.51 -6.33 44.14
C ALA B 687 -11.56 -7.16 44.88
N GLU B 688 -12.69 -7.45 44.23
CA GLU B 688 -13.79 -8.23 44.85
C GLU B 688 -13.29 -9.59 45.27
N ARG B 689 -12.66 -10.30 44.33
CA ARG B 689 -12.17 -11.66 44.54
C ARG B 689 -11.14 -11.70 45.67
N ARG B 690 -10.26 -10.70 45.70
CA ARG B 690 -9.19 -10.57 46.68
C ARG B 690 -9.71 -10.46 48.11
N ARG B 691 -10.69 -9.60 48.32
CA ARG B 691 -11.23 -9.43 49.64
C ARG B 691 -11.94 -10.69 50.09
N ILE B 692 -12.50 -11.45 49.16
CA ILE B 692 -13.11 -12.70 49.56
C ILE B 692 -12.02 -13.69 49.97
N LEU B 693 -10.94 -13.72 49.19
CA LEU B 693 -9.79 -14.57 49.46
C LEU B 693 -9.16 -14.26 50.79
N GLU B 694 -9.06 -12.96 51.10
CA GLU B 694 -8.49 -12.48 52.36
C GLU B 694 -9.31 -12.92 53.60
N GLY B 695 -10.63 -13.09 53.43
CA GLY B 695 -11.47 -13.64 54.46
C GLY B 695 -12.34 -12.61 55.14
N GLU B 696 -12.34 -11.38 54.61
CA GLU B 696 -13.14 -10.28 55.12
C GLU B 696 -14.57 -10.67 55.52
N ASN B 697 -15.08 -10.06 56.59
CA ASN B 697 -16.47 -10.24 56.99
C ASN B 697 -17.38 -9.47 56.05
N LEU B 698 -18.16 -10.17 55.24
CA LEU B 698 -18.97 -9.50 54.21
C LEU B 698 -20.47 -9.34 54.50
N LYS B 699 -20.88 -9.57 55.76
CA LYS B 699 -22.29 -9.51 56.14
C LYS B 699 -22.90 -8.15 55.77
N ASP B 700 -22.08 -7.10 55.88
CA ASP B 700 -22.53 -5.75 55.59
C ASP B 700 -22.91 -5.56 54.11
N GLN B 701 -22.04 -6.06 53.23
CA GLN B 701 -22.27 -6.02 51.80
C GLN B 701 -23.30 -7.06 51.35
N ALA B 702 -23.28 -8.24 51.96
CA ALA B 702 -24.29 -9.25 51.67
C ALA B 702 -25.67 -8.67 51.89
N LEU B 703 -25.87 -8.02 53.03
CA LEU B 703 -27.15 -7.39 53.32
C LEU B 703 -27.39 -6.18 52.45
N ASP B 704 -26.32 -5.45 52.12
CA ASP B 704 -26.48 -4.29 51.25
C ASP B 704 -27.05 -4.70 49.89
N MET B 705 -26.57 -5.85 49.38
CA MET B 705 -27.03 -6.46 48.13
C MET B 705 -28.50 -6.89 48.20
N VAL B 706 -28.87 -7.61 49.26
CA VAL B 706 -30.27 -7.94 49.53
C VAL B 706 -31.11 -6.68 49.46
N ARG B 707 -30.68 -5.64 50.19
CA ARG B 707 -31.31 -4.31 50.19
C ARG B 707 -31.38 -3.74 48.77
N ASP B 708 -30.22 -3.70 48.13
CA ASP B 708 -30.07 -3.19 46.78
C ASP B 708 -31.02 -3.88 45.78
N VAL B 709 -31.02 -5.22 45.80
CA VAL B 709 -31.86 -6.06 44.93
C VAL B 709 -33.36 -5.88 45.15
N ILE B 710 -33.80 -5.89 46.40
CA ILE B 710 -35.21 -5.64 46.69
C ILE B 710 -35.59 -4.24 46.21
N THR B 711 -34.71 -3.26 46.48
CA THR B 711 -34.97 -1.86 46.13
C THR B 711 -35.11 -1.66 44.64
N ALA B 712 -34.28 -2.38 43.86
CA ALA B 712 -34.33 -2.35 42.40
C ALA B 712 -35.64 -2.94 41.87
N TYR B 713 -36.13 -3.98 42.54
CA TYR B 713 -37.33 -4.71 42.10
C TYR B 713 -38.60 -3.93 42.37
N VAL B 714 -38.65 -3.28 43.53
CA VAL B 714 -39.75 -2.39 43.88
C VAL B 714 -39.76 -1.21 42.91
N ASP B 715 -38.56 -0.69 42.62
CA ASP B 715 -38.38 0.43 41.69
C ASP B 715 -38.93 0.14 40.28
N GLY B 716 -38.87 -1.13 39.87
CA GLY B 716 -39.34 -1.57 38.56
C GLY B 716 -40.82 -1.93 38.45
N ALA B 717 -41.37 -2.61 39.46
CA ALA B 717 -42.76 -3.07 39.42
C ALA B 717 -43.74 -1.98 39.83
N THR B 718 -43.20 -0.90 40.40
CA THR B 718 -43.99 0.20 40.95
C THR B 718 -43.93 1.44 40.05
N GLY B 719 -42.73 1.76 39.57
CA GLY B 719 -42.50 2.87 38.66
C GLY B 719 -43.01 4.20 39.16
N GLU B 720 -44.13 4.65 38.59
CA GLU B 720 -44.69 5.97 38.89
C GLU B 720 -46.22 5.95 39.03
N GLY B 721 -46.83 4.80 38.73
CA GLY B 721 -48.29 4.65 38.83
C GLY B 721 -48.84 4.94 40.22
N TYR B 722 -49.99 5.60 40.28
CA TYR B 722 -50.55 6.04 41.56
C TYR B 722 -51.29 4.93 42.31
N ALA B 723 -52.61 4.85 42.11
CA ALA B 723 -53.49 3.90 42.82
C ALA B 723 -53.23 2.41 42.49
N GLU B 724 -54.27 1.58 42.59
CA GLU B 724 -54.22 0.12 42.38
C GLU B 724 -53.06 -0.32 41.49
N ASP B 725 -53.08 0.19 40.26
CA ASP B 725 -51.98 0.18 39.27
C ASP B 725 -50.73 -0.71 39.45
N TRP B 726 -50.17 -0.77 40.66
CA TRP B 726 -48.98 -1.56 40.95
C TRP B 726 -49.26 -3.06 40.89
N ASP B 727 -48.43 -3.79 40.14
CA ASP B 727 -48.51 -5.25 40.05
C ASP B 727 -47.78 -5.90 41.23
N LEU B 728 -48.52 -6.15 42.30
CA LEU B 728 -47.95 -6.72 43.53
C LEU B 728 -47.75 -8.23 43.40
N ASP B 729 -48.58 -8.86 42.58
CA ASP B 729 -48.51 -10.31 42.36
C ASP B 729 -47.26 -10.70 41.57
N ALA B 730 -46.98 -9.93 40.52
CA ALA B 730 -45.76 -10.07 39.74
C ALA B 730 -44.53 -9.74 40.59
N LEU B 731 -44.63 -8.69 41.42
CA LEU B 731 -43.53 -8.28 42.29
C LEU B 731 -43.30 -9.32 43.37
N TRP B 732 -44.39 -9.85 43.91
CA TRP B 732 -44.30 -10.84 44.97
C TRP B 732 -43.65 -12.12 44.45
N THR B 733 -44.09 -12.60 43.28
CA THR B 733 -43.54 -13.82 42.68
C THR B 733 -42.07 -13.67 42.31
N ALA B 734 -41.71 -12.52 41.75
CA ALA B 734 -40.32 -12.24 41.40
C ALA B 734 -39.40 -12.14 42.63
N LEU B 735 -39.93 -11.63 43.73
CA LEU B 735 -39.18 -11.57 44.99
C LEU B 735 -39.06 -12.95 45.60
N LYS B 736 -40.17 -13.70 45.55
CA LYS B 736 -40.27 -15.03 46.17
C LYS B 736 -39.29 -16.05 45.58
N THR B 737 -38.81 -15.82 44.36
CA THR B 737 -37.73 -16.62 43.82
C THR B 737 -36.54 -16.54 44.76
N LEU B 738 -36.08 -15.32 45.04
CA LEU B 738 -34.85 -15.09 45.78
C LEU B 738 -34.93 -15.47 47.26
N TYR B 739 -36.07 -15.17 47.90
CA TYR B 739 -36.16 -15.29 49.35
C TYR B 739 -37.57 -15.56 49.87
N PRO B 740 -37.64 -16.24 51.03
CA PRO B 740 -38.93 -16.51 51.69
C PRO B 740 -39.59 -15.27 52.31
N VAL B 741 -40.25 -14.48 51.47
CA VAL B 741 -41.00 -13.28 51.88
C VAL B 741 -42.01 -13.59 53.01
N GLY B 742 -41.81 -13.01 54.19
CA GLY B 742 -42.64 -13.30 55.35
C GLY B 742 -43.88 -12.45 55.59
N ILE B 743 -44.34 -11.73 54.57
CA ILE B 743 -45.58 -10.95 54.64
C ILE B 743 -46.31 -10.93 53.29
N THR B 744 -47.61 -10.65 53.32
CA THR B 744 -48.45 -10.58 52.10
C THR B 744 -48.62 -9.14 51.58
N ALA B 745 -49.01 -9.02 50.32
CA ALA B 745 -49.31 -7.71 49.73
C ALA B 745 -50.51 -7.12 50.46
N ASP B 746 -51.45 -7.99 50.82
CA ASP B 746 -52.59 -7.63 51.65
C ASP B 746 -52.14 -7.21 53.06
N SER B 747 -51.13 -7.91 53.61
CA SER B 747 -50.50 -7.54 54.87
C SER B 747 -50.70 -6.07 55.19
N LEU B 748 -50.33 -5.19 54.26
CA LEU B 748 -50.41 -3.74 54.48
C LEU B 748 -51.18 -2.96 53.40
N THR B 749 -52.44 -3.32 53.17
CA THR B 749 -53.38 -2.47 52.42
C THR B 749 -54.80 -2.61 52.98
N GLU B 763 -41.56 6.06 50.78
CA GLU B 763 -42.27 5.12 49.84
C GLU B 763 -42.65 3.74 50.41
N GLU B 764 -42.64 3.60 51.73
CA GLU B 764 -43.52 2.66 52.51
C GLU B 764 -43.69 1.15 52.08
N LEU B 765 -43.90 0.87 50.78
CA LEU B 765 -43.90 -0.52 50.29
C LEU B 765 -42.49 -1.11 50.38
N LEU B 766 -41.49 -0.28 50.14
CA LEU B 766 -40.08 -0.70 50.17
C LEU B 766 -39.53 -0.82 51.58
N GLU B 767 -39.82 0.17 52.42
CA GLU B 767 -39.38 0.15 53.81
C GLU B 767 -39.95 -1.07 54.52
N ALA B 768 -41.13 -1.49 54.06
CA ALA B 768 -41.80 -2.68 54.57
C ALA B 768 -41.05 -3.95 54.21
N LEU B 769 -40.79 -4.14 52.91
CA LEU B 769 -40.16 -5.34 52.34
C LEU B 769 -38.70 -5.56 52.76
N LEU B 770 -37.94 -4.47 52.80
CA LEU B 770 -36.58 -4.45 53.32
C LEU B 770 -36.51 -5.06 54.73
N LYS B 771 -37.37 -4.57 55.61
CA LYS B 771 -37.46 -4.99 57.02
C LYS B 771 -37.82 -6.47 57.16
N ASP B 772 -38.69 -6.94 56.27
CA ASP B 772 -39.08 -8.34 56.23
C ASP B 772 -37.84 -9.15 55.84
N ALA B 773 -37.16 -8.67 54.78
CA ALA B 773 -35.99 -9.34 54.19
C ALA B 773 -34.84 -9.48 55.15
N GLU B 774 -34.64 -8.46 55.98
CA GLU B 774 -33.57 -8.50 56.95
C GLU B 774 -33.79 -9.59 57.99
N ARG B 775 -35.05 -9.78 58.39
CA ARG B 775 -35.41 -10.79 59.39
C ARG B 775 -35.23 -12.16 58.74
N ALA B 776 -35.80 -12.33 57.55
CA ALA B 776 -35.58 -13.52 56.75
C ALA B 776 -34.09 -13.87 56.70
N TYR B 777 -33.25 -12.84 56.59
CA TYR B 777 -31.80 -13.05 56.59
C TYR B 777 -31.27 -13.60 57.92
N ALA B 778 -31.55 -12.90 59.03
CA ALA B 778 -31.09 -13.34 60.36
C ALA B 778 -31.67 -14.72 60.71
N ALA B 779 -32.83 -15.02 60.15
CA ALA B 779 -33.42 -16.34 60.30
C ALA B 779 -32.49 -17.34 59.62
N ARG B 780 -32.16 -17.05 58.35
CA ARG B 780 -31.24 -17.88 57.57
C ARG B 780 -29.88 -18.05 58.25
N GLU B 781 -29.33 -16.95 58.76
CA GLU B 781 -28.04 -16.96 59.42
C GLU B 781 -28.05 -17.98 60.55
N ALA B 782 -29.11 -17.95 61.35
CA ALA B 782 -29.28 -18.90 62.45
C ALA B 782 -29.60 -20.31 61.98
N GLU B 783 -30.19 -20.45 60.80
CA GLU B 783 -30.36 -21.79 60.21
C GLU B 783 -29.00 -22.40 59.92
N LEU B 784 -28.03 -21.57 59.54
CA LEU B 784 -26.68 -22.05 59.27
C LEU B 784 -25.93 -22.37 60.57
N GLU B 785 -26.07 -21.47 61.56
CA GLU B 785 -25.58 -21.69 62.92
C GLU B 785 -25.96 -23.07 63.47
N GLU B 786 -27.17 -23.51 63.13
CA GLU B 786 -27.68 -24.82 63.53
C GLU B 786 -27.06 -25.95 62.70
N ILE B 787 -26.72 -25.65 61.45
CA ILE B 787 -26.19 -26.66 60.53
C ILE B 787 -24.69 -26.94 60.72
N ALA B 788 -23.91 -25.89 60.96
CA ALA B 788 -22.51 -26.02 61.36
C ALA B 788 -21.97 -24.65 61.65
N GLY B 789 -22.51 -24.02 62.70
CA GLY B 789 -22.40 -22.58 62.88
C GLY B 789 -21.32 -22.03 63.78
N GLU B 790 -21.38 -20.70 63.96
CA GLU B 790 -20.30 -19.89 64.54
C GLU B 790 -19.51 -19.33 63.38
N GLY B 791 -20.19 -18.55 62.54
CA GLY B 791 -19.58 -17.95 61.37
C GLY B 791 -19.87 -18.69 60.07
N ALA B 792 -20.75 -19.70 60.12
CA ALA B 792 -21.14 -20.45 58.93
C ALA B 792 -21.73 -19.53 57.87
N MET B 793 -22.56 -18.58 58.29
CA MET B 793 -23.14 -17.61 57.37
C MET B 793 -22.10 -16.61 56.85
N ARG B 794 -21.05 -16.41 57.64
CA ARG B 794 -19.92 -15.58 57.21
C ARG B 794 -19.17 -16.24 56.05
N GLN B 795 -18.93 -17.55 56.18
CA GLN B 795 -18.32 -18.36 55.14
C GLN B 795 -19.27 -18.52 53.95
N LEU B 796 -20.50 -18.96 54.19
CA LEU B 796 -21.49 -19.11 53.12
C LEU B 796 -21.55 -17.89 52.22
N GLU B 797 -21.43 -16.72 52.83
CA GLU B 797 -21.41 -15.43 52.13
C GLU B 797 -20.25 -15.33 51.14
N ARG B 798 -19.06 -15.62 51.63
CA ARG B 798 -17.84 -15.63 50.84
C ARG B 798 -17.94 -16.65 49.72
N ASN B 799 -18.18 -17.90 50.12
CA ASN B 799 -18.28 -19.02 49.21
C ASN B 799 -19.19 -18.74 48.04
N VAL B 800 -20.41 -18.29 48.32
CA VAL B 800 -21.39 -18.03 47.28
C VAL B 800 -20.96 -16.87 46.40
N LEU B 801 -20.51 -15.78 47.01
CA LEU B 801 -20.09 -14.61 46.26
C LEU B 801 -19.03 -14.94 45.21
N LEU B 802 -17.91 -15.52 45.67
CA LEU B 802 -16.77 -15.88 44.79
C LEU B 802 -17.29 -16.68 43.61
N ASN B 803 -17.94 -17.81 43.88
CA ASN B 803 -18.68 -18.55 42.87
C ASN B 803 -19.41 -17.70 41.85
N VAL B 804 -20.38 -16.91 42.30
CA VAL B 804 -21.20 -16.14 41.40
C VAL B 804 -20.29 -15.26 40.55
N ILE B 805 -19.34 -14.54 41.20
CA ILE B 805 -18.48 -13.55 40.53
C ILE B 805 -17.72 -14.23 39.39
N ASP B 806 -16.98 -15.27 39.70
CA ASP B 806 -16.24 -16.03 38.69
C ASP B 806 -17.07 -16.50 37.51
N ARG B 807 -18.20 -17.15 37.79
CA ARG B 807 -19.07 -17.71 36.77
C ARG B 807 -19.62 -16.61 35.89
N LYS B 808 -19.93 -15.47 36.49
CA LYS B 808 -20.56 -14.43 35.71
C LYS B 808 -19.51 -13.54 35.04
N TRP B 809 -18.24 -13.74 35.40
CA TRP B 809 -17.13 -12.93 34.89
C TRP B 809 -16.56 -13.66 33.67
N ARG B 810 -16.35 -14.97 33.82
CA ARG B 810 -16.02 -15.86 32.71
C ARG B 810 -16.94 -15.52 31.53
N GLU B 811 -18.25 -15.44 31.81
CA GLU B 811 -19.23 -15.21 30.77
C GLU B 811 -19.11 -13.81 30.21
N HIS B 812 -18.72 -12.86 31.03
CA HIS B 812 -18.51 -11.49 30.54
C HIS B 812 -17.37 -11.52 29.53
N LEU B 813 -16.26 -12.19 29.88
CA LEU B 813 -15.08 -12.22 29.01
C LEU B 813 -15.37 -12.89 27.68
N TYR B 814 -16.16 -13.96 27.71
CA TYR B 814 -16.53 -14.65 26.49
C TYR B 814 -17.38 -13.77 25.62
N GLU B 815 -18.22 -12.95 26.25
CA GLU B 815 -19.08 -12.09 25.45
C GLU B 815 -18.31 -10.82 25.00
N MET B 816 -17.42 -10.32 25.88
CA MET B 816 -16.43 -9.29 25.51
C MET B 816 -15.47 -9.72 24.37
N ASP B 817 -15.08 -10.99 24.33
CA ASP B 817 -14.31 -11.48 23.19
C ASP B 817 -15.04 -11.11 21.89
N TYR B 818 -16.29 -11.56 21.74
CA TYR B 818 -17.04 -11.39 20.49
C TYR B 818 -17.25 -9.91 20.19
N LEU B 819 -17.34 -9.09 21.24
CA LEU B 819 -17.59 -7.67 21.05
C LEU B 819 -16.42 -6.92 20.41
N LYS B 820 -15.21 -7.23 20.87
CA LYS B 820 -13.98 -6.70 20.28
C LYS B 820 -13.84 -7.05 18.78
N GLU B 821 -13.67 -8.33 18.48
CA GLU B 821 -13.58 -8.79 17.09
C GLU B 821 -14.54 -8.05 16.16
N GLY B 822 -15.78 -7.89 16.61
CA GLY B 822 -16.85 -7.36 15.79
C GLY B 822 -16.89 -5.87 15.66
N ILE B 823 -16.50 -5.16 16.72
CA ILE B 823 -16.64 -3.69 16.76
C ILE B 823 -16.11 -2.98 15.51
N GLY B 824 -15.10 -3.56 14.87
CA GLY B 824 -14.61 -3.07 13.58
C GLY B 824 -15.69 -2.79 12.54
N LEU B 825 -16.50 -3.79 12.22
CA LEU B 825 -17.48 -3.71 11.13
C LEU B 825 -18.51 -2.63 11.34
N ARG B 826 -18.87 -2.42 12.61
CA ARG B 826 -19.86 -1.41 13.03
C ARG B 826 -19.22 -0.03 13.31
N ALA B 827 -18.54 0.49 12.27
CA ALA B 827 -17.89 1.81 12.27
C ALA B 827 -18.32 2.59 11.02
N MET B 828 -19.09 3.65 11.27
CA MET B 828 -19.81 4.41 10.24
C MET B 828 -19.02 5.60 9.68
N ALA B 829 -19.69 6.40 8.85
CA ALA B 829 -19.13 7.64 8.28
C ALA B 829 -18.79 8.68 9.37
N GLN B 830 -17.80 8.31 10.20
CA GLN B 830 -17.29 9.07 11.36
C GLN B 830 -17.88 8.61 12.70
N ARG B 831 -17.01 8.07 13.55
CA ARG B 831 -17.41 7.47 14.82
C ARG B 831 -16.29 7.38 15.86
N ASP B 832 -15.17 6.76 15.45
CA ASP B 832 -14.21 6.13 16.37
C ASP B 832 -14.88 4.96 17.11
N PRO B 833 -14.64 3.74 16.62
CA PRO B 833 -15.22 2.53 17.20
C PRO B 833 -14.82 2.24 18.62
N LEU B 834 -13.78 2.90 19.14
CA LEU B 834 -13.38 2.65 20.52
C LEU B 834 -14.39 3.26 21.50
N VAL B 835 -14.96 4.42 21.16
CA VAL B 835 -16.05 5.02 21.93
C VAL B 835 -17.19 4.01 21.95
N GLU B 836 -17.49 3.46 20.77
CA GLU B 836 -18.62 2.58 20.58
C GLU B 836 -18.46 1.34 21.40
N TYR B 837 -17.23 0.83 21.45
CA TYR B 837 -16.84 -0.37 22.17
C TYR B 837 -16.84 -0.08 23.65
N GLN B 838 -16.45 1.12 23.99
CA GLN B 838 -16.39 1.52 25.38
C GLN B 838 -17.80 1.63 25.94
N ARG B 839 -18.63 2.39 25.24
CA ARG B 839 -20.06 2.55 25.53
C ARG B 839 -20.67 1.17 25.77
N GLU B 840 -20.70 0.35 24.73
CA GLU B 840 -21.34 -0.96 24.80
C GLU B 840 -20.68 -1.87 25.81
N GLY B 841 -19.42 -1.59 26.12
CA GLY B 841 -18.63 -2.51 26.92
C GLY B 841 -18.93 -2.34 28.39
N TYR B 842 -18.90 -1.11 28.86
CA TYR B 842 -19.25 -0.82 30.23
C TYR B 842 -20.70 -1.18 30.55
N ASP B 843 -21.60 -0.97 29.58
CA ASP B 843 -23.00 -1.38 29.69
C ASP B 843 -23.17 -2.83 30.13
N MET B 844 -22.63 -3.77 29.35
CA MET B 844 -22.67 -5.17 29.77
C MET B 844 -21.97 -5.35 31.11
N PHE B 845 -21.05 -4.46 31.46
CA PHE B 845 -20.27 -4.66 32.68
C PHE B 845 -21.20 -4.37 33.85
N MET B 846 -21.94 -3.27 33.79
CA MET B 846 -22.96 -2.93 34.79
C MET B 846 -24.07 -3.97 34.87
N ALA B 847 -24.59 -4.36 33.71
CA ALA B 847 -25.58 -5.43 33.61
C ALA B 847 -25.08 -6.68 34.28
N MET B 848 -23.78 -6.93 34.13
CA MET B 848 -23.14 -8.09 34.70
C MET B 848 -23.08 -7.95 36.20
N LEU B 849 -22.78 -6.75 36.69
CA LEU B 849 -22.69 -6.58 38.12
C LEU B 849 -24.08 -6.69 38.77
N ASP B 850 -25.12 -6.15 38.12
CA ASP B 850 -26.51 -6.23 38.60
C ASP B 850 -26.97 -7.68 38.69
N GLY B 851 -26.68 -8.45 37.65
CA GLY B 851 -27.01 -9.85 37.62
C GLY B 851 -26.23 -10.57 38.69
N MET B 852 -25.09 -9.99 39.08
CA MET B 852 -24.21 -10.65 40.03
C MET B 852 -24.89 -10.60 41.39
N LYS B 853 -25.39 -9.42 41.72
CA LYS B 853 -26.05 -9.17 42.99
C LYS B 853 -27.28 -10.07 43.12
N GLU B 854 -28.18 -9.99 42.15
CA GLU B 854 -29.39 -10.81 42.11
C GLU B 854 -29.12 -12.27 42.49
N GLU B 855 -28.32 -12.94 41.67
CA GLU B 855 -28.08 -14.36 41.85
C GLU B 855 -27.36 -14.62 43.13
N SER B 856 -26.63 -13.65 43.63
CA SER B 856 -25.98 -13.81 44.93
C SER B 856 -27.01 -13.94 46.05
N VAL B 857 -27.89 -12.94 46.20
CA VAL B 857 -28.90 -12.97 47.26
C VAL B 857 -29.70 -14.24 47.11
N GLY B 858 -30.15 -14.52 45.88
CA GLY B 858 -30.70 -15.81 45.51
C GLY B 858 -29.99 -16.93 46.24
N PHE B 859 -28.72 -17.19 45.92
CA PHE B 859 -28.00 -18.29 46.55
C PHE B 859 -27.79 -18.13 48.05
N LEU B 860 -27.70 -16.89 48.51
CA LEU B 860 -27.48 -16.66 49.94
C LEU B 860 -28.61 -17.24 50.79
N PHE B 861 -29.83 -17.13 50.27
CA PHE B 861 -31.02 -17.66 50.95
C PHE B 861 -31.18 -19.14 50.68
N ASN B 862 -31.04 -19.56 49.43
CA ASN B 862 -31.56 -20.87 49.01
C ASN B 862 -30.56 -21.99 48.75
N VAL B 863 -29.26 -21.74 48.93
CA VAL B 863 -28.25 -22.72 48.53
C VAL B 863 -28.14 -23.89 49.51
N THR B 864 -28.04 -25.11 48.98
CA THR B 864 -27.81 -26.29 49.79
C THR B 864 -26.53 -26.23 50.59
N VAL B 865 -26.63 -26.46 51.90
CA VAL B 865 -25.49 -26.57 52.80
C VAL B 865 -25.51 -27.92 53.51
#